data_2A4T
# 
_entry.id   2A4T 
# 
_audit_conform.dict_name       mmcif_pdbx.dic 
_audit_conform.dict_version    5.398 
_audit_conform.dict_location   http://mmcif.pdb.org/dictionaries/ascii/mmcif_pdbx.dic 
# 
loop_
_database_2.database_id 
_database_2.database_code 
_database_2.pdbx_database_accession 
_database_2.pdbx_DOI 
PDB   2A4T         pdb_00002a4t 10.2210/pdb2a4t/pdb 
RCSB  RCSB033488   ?            ?                   
WWPDB D_1000033488 ?            ?                   
# 
loop_
_pdbx_audit_revision_history.ordinal 
_pdbx_audit_revision_history.data_content_type 
_pdbx_audit_revision_history.major_revision 
_pdbx_audit_revision_history.minor_revision 
_pdbx_audit_revision_history.revision_date 
1 'Structure model' 1 0 2006-06-13 
2 'Structure model' 1 1 2008-04-30 
3 'Structure model' 1 2 2011-07-13 
4 'Structure model' 1 3 2012-02-29 
5 'Structure model' 1 4 2017-10-11 
6 'Structure model' 1 5 2023-08-23 
7 'Structure model' 1 6 2024-10-30 
# 
_pdbx_audit_revision_details.ordinal             1 
_pdbx_audit_revision_details.revision_ordinal    1 
_pdbx_audit_revision_details.data_content_type   'Structure model' 
_pdbx_audit_revision_details.provider            repository 
_pdbx_audit_revision_details.type                'Initial release' 
_pdbx_audit_revision_details.description         ? 
_pdbx_audit_revision_details.details             ? 
# 
loop_
_pdbx_audit_revision_group.ordinal 
_pdbx_audit_revision_group.revision_ordinal 
_pdbx_audit_revision_group.data_content_type 
_pdbx_audit_revision_group.group 
1  2 'Structure model' 'Version format compliance' 
2  3 'Structure model' 'Version format compliance' 
3  4 'Structure model' Other                       
4  5 'Structure model' Advisory                    
5  5 'Structure model' 'Refinement description'    
6  6 'Structure model' 'Data collection'           
7  6 'Structure model' 'Database references'       
8  6 'Structure model' 'Derived calculations'      
9  6 'Structure model' 'Refinement description'    
10 7 'Structure model' 'Structure summary'         
# 
loop_
_pdbx_audit_revision_category.ordinal 
_pdbx_audit_revision_category.revision_ordinal 
_pdbx_audit_revision_category.data_content_type 
_pdbx_audit_revision_category.category 
1  5 'Structure model' pdbx_unobs_or_zero_occ_atoms  
2  5 'Structure model' software                      
3  6 'Structure model' chem_comp_atom                
4  6 'Structure model' chem_comp_bond                
5  6 'Structure model' database_2                    
6  6 'Structure model' pdbx_initial_refinement_model 
7  6 'Structure model' struct_conn                   
8  6 'Structure model' struct_ref_seq_dif            
9  6 'Structure model' struct_site                   
10 7 'Structure model' pdbx_entry_details            
11 7 'Structure model' pdbx_modification_feature     
# 
loop_
_pdbx_audit_revision_item.ordinal 
_pdbx_audit_revision_item.revision_ordinal 
_pdbx_audit_revision_item.data_content_type 
_pdbx_audit_revision_item.item 
1 6 'Structure model' '_database_2.pdbx_DOI'                
2 6 'Structure model' '_database_2.pdbx_database_accession' 
3 6 'Structure model' '_struct_conn.pdbx_leaving_atom_flag' 
4 6 'Structure model' '_struct_ref_seq_dif.details'         
5 6 'Structure model' '_struct_site.pdbx_auth_asym_id'      
6 6 'Structure model' '_struct_site.pdbx_auth_comp_id'      
7 6 'Structure model' '_struct_site.pdbx_auth_seq_id'       
# 
_pdbx_database_status.entry_id                        2A4T 
_pdbx_database_status.deposit_site                    RCSB 
_pdbx_database_status.process_site                    RCSB 
_pdbx_database_status.recvd_initial_deposition_date   2005-06-29 
_pdbx_database_status.status_code                     REL 
_pdbx_database_status.status_code_sf                  REL 
_pdbx_database_status.status_code_mr                  ? 
_pdbx_database_status.SG_entry                        ? 
_pdbx_database_status.status_code_cs                  ? 
_pdbx_database_status.methods_development_category    ? 
_pdbx_database_status.pdb_format_compatible           Y 
_pdbx_database_status.status_code_nmr_data            ? 
# 
_pdbx_database_related.db_name        PDB 
_pdbx_database_related.db_id          2CUU 
_pdbx_database_related.details        'Same protein and site, 4-Br derivative of R1.' 
_pdbx_database_related.content_type   unspecified 
# 
loop_
_audit_author.name 
_audit_author.pdbx_ordinal 
'Fleissner, M.R.' 1 
'Cascio, D.'      2 
'Sawaya, M.R.'    3 
'Hideg, K.'       4 
'Hubbell, W.L.'   5 
# 
loop_
_citation.id 
_citation.title 
_citation.journal_abbrev 
_citation.journal_volume 
_citation.page_first 
_citation.page_last 
_citation.year 
_citation.journal_id_ASTM 
_citation.country 
_citation.journal_id_ISSN 
_citation.journal_id_CSD 
_citation.book_publisher 
_citation.pdbx_database_id_PubMed 
_citation.pdbx_database_id_DOI 
primary 'Crystal structure of spin labeled T4 Lysozyme (V131R7' 'To be Published' ?  ?    ?    ?    ?      ?  ?         0353 ? ? ? 
1       
'Crystal structures of spin labeled T4 lysozyme mutants: implications for the interpretation of EPR spectra in terms of structure.' 
Biochemistry      39 8396 8405 2000 BICHAW US 0006-2960 0033 ? 10913245 10.1021/bi000604f 
# 
loop_
_citation_author.citation_id 
_citation_author.name 
_citation_author.ordinal 
_citation_author.identifier_ORCID 
primary 'Fleissner, M.R.' 1 ? 
primary 'Cascio, D.'      2 ? 
primary 'Sawaya, M.R.'    3 ? 
primary 'Hideg, K.'       4 ? 
primary 'Hubbell, W.L.'   5 ? 
1       'Langen, R.'      6 ? 
1       'Oh, K.J.'        7 ? 
1       'Cascio, D.'      8 ? 
1       'Hubbell, W.L.'   9 ? 
# 
loop_
_entity.id 
_entity.type 
_entity.src_method 
_entity.pdbx_description 
_entity.formula_weight 
_entity.pdbx_number_of_molecules 
_entity.pdbx_ec 
_entity.pdbx_mutation 
_entity.pdbx_fragment 
_entity.details 
1 polymer     man Lysozyme                                                                                          18632.375 1   
3.2.1.17 C54T,C97A,V131C ? ? 
2 non-polymer syn 'S-[(4-bromo-1-oxyl-2,2,5,5-tetramethyl-2,5-dihydro-1H-pyrrol-3-yl)methyl] methanesulfonothioate' 343.281   1   
?        ?               ? ? 
3 non-polymer syn 'AZIDE ION'                                                                                       42.020    1   
?        ?               ? ? 
4 non-polymer syn 'CHLORIDE ION'                                                                                    35.453    3   
?        ?               ? ? 
5 non-polymer syn '2-HYDROXYETHYL DISULFIDE'                                                                        154.251   1   
?        ?               ? ? 
6 water       nat water                                                                                             18.015    248 
?        ?               ? ? 
# 
_entity_name_com.entity_id   1 
_entity_name_com.name        'Lysis protein, Muramidase, Endolysin' 
# 
_entity_poly.entity_id                      1 
_entity_poly.type                           'polypeptide(L)' 
_entity_poly.nstd_linkage                   no 
_entity_poly.nstd_monomer                   no 
_entity_poly.pdbx_seq_one_letter_code       
;MNIFEMLRIDEGLRLKIYKDTEGYYTIGIGHLLTKSPSLNAAKSELDKAIGRNTNGVITKDEAEKLFNQDVDAAVRGILR
NAKLKPVYDSLDAVRRAALINMVFQMGETGVAGFTNSLRMLQQKRWDEAACNLAKSRWYNQTPNRAKRVITTFRTGTWDA
YKNL
;
_entity_poly.pdbx_seq_one_letter_code_can   
;MNIFEMLRIDEGLRLKIYKDTEGYYTIGIGHLLTKSPSLNAAKSELDKAIGRNTNGVITKDEAEKLFNQDVDAAVRGILR
NAKLKPVYDSLDAVRRAALINMVFQMGETGVAGFTNSLRMLQQKRWDEAACNLAKSRWYNQTPNRAKRVITTFRTGTWDA
YKNL
;
_entity_poly.pdbx_strand_id                 A 
_entity_poly.pdbx_target_identifier         ? 
# 
loop_
_pdbx_entity_nonpoly.entity_id 
_pdbx_entity_nonpoly.name 
_pdbx_entity_nonpoly.comp_id 
2 'S-[(4-bromo-1-oxyl-2,2,5,5-tetramethyl-2,5-dihydro-1H-pyrrol-3-yl)methyl] methanesulfonothioate' R7A 
3 'AZIDE ION'                                                                                       AZI 
4 'CHLORIDE ION'                                                                                    CL  
5 '2-HYDROXYETHYL DISULFIDE'                                                                        HED 
6 water                                                                                             HOH 
# 
loop_
_entity_poly_seq.entity_id 
_entity_poly_seq.num 
_entity_poly_seq.mon_id 
_entity_poly_seq.hetero 
1 1   MET n 
1 2   ASN n 
1 3   ILE n 
1 4   PHE n 
1 5   GLU n 
1 6   MET n 
1 7   LEU n 
1 8   ARG n 
1 9   ILE n 
1 10  ASP n 
1 11  GLU n 
1 12  GLY n 
1 13  LEU n 
1 14  ARG n 
1 15  LEU n 
1 16  LYS n 
1 17  ILE n 
1 18  TYR n 
1 19  LYS n 
1 20  ASP n 
1 21  THR n 
1 22  GLU n 
1 23  GLY n 
1 24  TYR n 
1 25  TYR n 
1 26  THR n 
1 27  ILE n 
1 28  GLY n 
1 29  ILE n 
1 30  GLY n 
1 31  HIS n 
1 32  LEU n 
1 33  LEU n 
1 34  THR n 
1 35  LYS n 
1 36  SER n 
1 37  PRO n 
1 38  SER n 
1 39  LEU n 
1 40  ASN n 
1 41  ALA n 
1 42  ALA n 
1 43  LYS n 
1 44  SER n 
1 45  GLU n 
1 46  LEU n 
1 47  ASP n 
1 48  LYS n 
1 49  ALA n 
1 50  ILE n 
1 51  GLY n 
1 52  ARG n 
1 53  ASN n 
1 54  THR n 
1 55  ASN n 
1 56  GLY n 
1 57  VAL n 
1 58  ILE n 
1 59  THR n 
1 60  LYS n 
1 61  ASP n 
1 62  GLU n 
1 63  ALA n 
1 64  GLU n 
1 65  LYS n 
1 66  LEU n 
1 67  PHE n 
1 68  ASN n 
1 69  GLN n 
1 70  ASP n 
1 71  VAL n 
1 72  ASP n 
1 73  ALA n 
1 74  ALA n 
1 75  VAL n 
1 76  ARG n 
1 77  GLY n 
1 78  ILE n 
1 79  LEU n 
1 80  ARG n 
1 81  ASN n 
1 82  ALA n 
1 83  LYS n 
1 84  LEU n 
1 85  LYS n 
1 86  PRO n 
1 87  VAL n 
1 88  TYR n 
1 89  ASP n 
1 90  SER n 
1 91  LEU n 
1 92  ASP n 
1 93  ALA n 
1 94  VAL n 
1 95  ARG n 
1 96  ARG n 
1 97  ALA n 
1 98  ALA n 
1 99  LEU n 
1 100 ILE n 
1 101 ASN n 
1 102 MET n 
1 103 VAL n 
1 104 PHE n 
1 105 GLN n 
1 106 MET n 
1 107 GLY n 
1 108 GLU n 
1 109 THR n 
1 110 GLY n 
1 111 VAL n 
1 112 ALA n 
1 113 GLY n 
1 114 PHE n 
1 115 THR n 
1 116 ASN n 
1 117 SER n 
1 118 LEU n 
1 119 ARG n 
1 120 MET n 
1 121 LEU n 
1 122 GLN n 
1 123 GLN n 
1 124 LYS n 
1 125 ARG n 
1 126 TRP n 
1 127 ASP n 
1 128 GLU n 
1 129 ALA n 
1 130 ALA n 
1 131 CYS n 
1 132 ASN n 
1 133 LEU n 
1 134 ALA n 
1 135 LYS n 
1 136 SER n 
1 137 ARG n 
1 138 TRP n 
1 139 TYR n 
1 140 ASN n 
1 141 GLN n 
1 142 THR n 
1 143 PRO n 
1 144 ASN n 
1 145 ARG n 
1 146 ALA n 
1 147 LYS n 
1 148 ARG n 
1 149 VAL n 
1 150 ILE n 
1 151 THR n 
1 152 THR n 
1 153 PHE n 
1 154 ARG n 
1 155 THR n 
1 156 GLY n 
1 157 THR n 
1 158 TRP n 
1 159 ASP n 
1 160 ALA n 
1 161 TYR n 
1 162 LYS n 
1 163 ASN n 
1 164 LEU n 
# 
_entity_src_gen.entity_id                          1 
_entity_src_gen.pdbx_src_id                        1 
_entity_src_gen.pdbx_alt_source_flag               sample 
_entity_src_gen.pdbx_seq_type                      ? 
_entity_src_gen.pdbx_beg_seq_num                   ? 
_entity_src_gen.pdbx_end_seq_num                   ? 
_entity_src_gen.gene_src_common_name               ? 
_entity_src_gen.gene_src_genus                     'T4-like viruses' 
_entity_src_gen.pdbx_gene_src_gene                 E 
_entity_src_gen.gene_src_species                   'Enterobacteria phage T4 sensu lato' 
_entity_src_gen.gene_src_strain                    ? 
_entity_src_gen.gene_src_tissue                    ? 
_entity_src_gen.gene_src_tissue_fraction           ? 
_entity_src_gen.gene_src_details                   ? 
_entity_src_gen.pdbx_gene_src_fragment             ? 
_entity_src_gen.pdbx_gene_src_scientific_name      'Enterobacteria phage T4' 
_entity_src_gen.pdbx_gene_src_ncbi_taxonomy_id     10665 
_entity_src_gen.pdbx_gene_src_variant              ? 
_entity_src_gen.pdbx_gene_src_cell_line            ? 
_entity_src_gen.pdbx_gene_src_atcc                 ? 
_entity_src_gen.pdbx_gene_src_organ                ? 
_entity_src_gen.pdbx_gene_src_organelle            ? 
_entity_src_gen.pdbx_gene_src_cell                 ? 
_entity_src_gen.pdbx_gene_src_cellular_location    ? 
_entity_src_gen.host_org_common_name               ? 
_entity_src_gen.pdbx_host_org_scientific_name      'Escherichia coli BL21' 
_entity_src_gen.pdbx_host_org_ncbi_taxonomy_id     511693 
_entity_src_gen.host_org_genus                     Escherichia 
_entity_src_gen.pdbx_host_org_gene                 ? 
_entity_src_gen.pdbx_host_org_organ                ? 
_entity_src_gen.host_org_species                   'Escherichia coli' 
_entity_src_gen.pdbx_host_org_tissue               ? 
_entity_src_gen.pdbx_host_org_tissue_fraction      ? 
_entity_src_gen.pdbx_host_org_strain               BL21 
_entity_src_gen.pdbx_host_org_variant              ? 
_entity_src_gen.pdbx_host_org_cell_line            ? 
_entity_src_gen.pdbx_host_org_atcc                 ? 
_entity_src_gen.pdbx_host_org_culture_collection   ? 
_entity_src_gen.pdbx_host_org_cell                 ? 
_entity_src_gen.pdbx_host_org_organelle            ? 
_entity_src_gen.pdbx_host_org_cellular_location    ? 
_entity_src_gen.pdbx_host_org_vector_type          PLASMID 
_entity_src_gen.pdbx_host_org_vector               ? 
_entity_src_gen.host_org_details                   ? 
_entity_src_gen.expression_system_id               ? 
_entity_src_gen.plasmid_name                       ? 
_entity_src_gen.plasmid_details                    ? 
_entity_src_gen.pdbx_description                   ? 
# 
loop_
_chem_comp.id 
_chem_comp.type 
_chem_comp.mon_nstd_flag 
_chem_comp.name 
_chem_comp.pdbx_synonyms 
_chem_comp.formula 
_chem_comp.formula_weight 
ALA 'L-peptide linking' y ALANINE                                                                                           ? 
'C3 H7 N O2'         89.093  
ARG 'L-peptide linking' y ARGININE                                                                                          ? 
'C6 H15 N4 O2 1'     175.209 
ASN 'L-peptide linking' y ASPARAGINE                                                                                        ? 
'C4 H8 N2 O3'        132.118 
ASP 'L-peptide linking' y 'ASPARTIC ACID'                                                                                   ? 
'C4 H7 N O4'         133.103 
AZI non-polymer         . 'AZIDE ION'                                                                                       ? 
'N3 -1'              42.020  
CL  non-polymer         . 'CHLORIDE ION'                                                                                    ? 
'Cl -1'              35.453  
CYS 'L-peptide linking' y CYSTEINE                                                                                          ? 
'C3 H7 N O2 S'       121.158 
GLN 'L-peptide linking' y GLUTAMINE                                                                                         ? 
'C5 H10 N2 O3'       146.144 
GLU 'L-peptide linking' y 'GLUTAMIC ACID'                                                                                   ? 
'C5 H9 N O4'         147.129 
GLY 'peptide linking'   y GLYCINE                                                                                           ? 
'C2 H5 N O2'         75.067  
HED non-polymer         . '2-HYDROXYETHYL DISULFIDE'                                                                        ? 
'C4 H10 O2 S2'       154.251 
HIS 'L-peptide linking' y HISTIDINE                                                                                         ? 
'C6 H10 N3 O2 1'     156.162 
HOH non-polymer         . WATER                                                                                             ? 
'H2 O'               18.015  
ILE 'L-peptide linking' y ISOLEUCINE                                                                                        ? 
'C6 H13 N O2'        131.173 
LEU 'L-peptide linking' y LEUCINE                                                                                           ? 
'C6 H13 N O2'        131.173 
LYS 'L-peptide linking' y LYSINE                                                                                            ? 
'C6 H15 N2 O2 1'     147.195 
MET 'L-peptide linking' y METHIONINE                                                                                        ? 
'C5 H11 N O2 S'      149.211 
PHE 'L-peptide linking' y PHENYLALANINE                                                                                     ? 
'C9 H11 N O2'        165.189 
PRO 'L-peptide linking' y PROLINE                                                                                           ? 
'C5 H9 N O2'         115.130 
R7A non-polymer         . 'S-[(4-bromo-1-oxyl-2,2,5,5-tetramethyl-2,5-dihydro-1H-pyrrol-3-yl)methyl] methanesulfonothioate' ? 
'C10 H17 Br N O3 S2' 343.281 
SER 'L-peptide linking' y SERINE                                                                                            ? 
'C3 H7 N O3'         105.093 
THR 'L-peptide linking' y THREONINE                                                                                         ? 
'C4 H9 N O3'         119.119 
TRP 'L-peptide linking' y TRYPTOPHAN                                                                                        ? 
'C11 H12 N2 O2'      204.225 
TYR 'L-peptide linking' y TYROSINE                                                                                          ? 
'C9 H11 N O3'        181.189 
VAL 'L-peptide linking' y VALINE                                                                                            ? 
'C5 H11 N O2'        117.146 
# 
loop_
_pdbx_poly_seq_scheme.asym_id 
_pdbx_poly_seq_scheme.entity_id 
_pdbx_poly_seq_scheme.seq_id 
_pdbx_poly_seq_scheme.mon_id 
_pdbx_poly_seq_scheme.ndb_seq_num 
_pdbx_poly_seq_scheme.pdb_seq_num 
_pdbx_poly_seq_scheme.auth_seq_num 
_pdbx_poly_seq_scheme.pdb_mon_id 
_pdbx_poly_seq_scheme.auth_mon_id 
_pdbx_poly_seq_scheme.pdb_strand_id 
_pdbx_poly_seq_scheme.pdb_ins_code 
_pdbx_poly_seq_scheme.hetero 
A 1 1   MET 1   1   1   MET MET A . n 
A 1 2   ASN 2   2   2   ASN ASN A . n 
A 1 3   ILE 3   3   3   ILE ILE A . n 
A 1 4   PHE 4   4   4   PHE PHE A . n 
A 1 5   GLU 5   5   5   GLU GLU A . n 
A 1 6   MET 6   6   6   MET MET A . n 
A 1 7   LEU 7   7   7   LEU LEU A . n 
A 1 8   ARG 8   8   8   ARG ARG A . n 
A 1 9   ILE 9   9   9   ILE ILE A . n 
A 1 10  ASP 10  10  10  ASP ASP A . n 
A 1 11  GLU 11  11  11  GLU GLU A . n 
A 1 12  GLY 12  12  12  GLY GLY A . n 
A 1 13  LEU 13  13  13  LEU LEU A . n 
A 1 14  ARG 14  14  14  ARG ARG A . n 
A 1 15  LEU 15  15  15  LEU LEU A . n 
A 1 16  LYS 16  16  16  LYS LYS A . n 
A 1 17  ILE 17  17  17  ILE ILE A . n 
A 1 18  TYR 18  18  18  TYR TYR A . n 
A 1 19  LYS 19  19  19  LYS LYS A . n 
A 1 20  ASP 20  20  20  ASP ASP A . n 
A 1 21  THR 21  21  21  THR THR A . n 
A 1 22  GLU 22  22  22  GLU GLU A . n 
A 1 23  GLY 23  23  23  GLY GLY A . n 
A 1 24  TYR 24  24  24  TYR TYR A . n 
A 1 25  TYR 25  25  25  TYR TYR A . n 
A 1 26  THR 26  26  26  THR THR A . n 
A 1 27  ILE 27  27  27  ILE ILE A . n 
A 1 28  GLY 28  28  28  GLY GLY A . n 
A 1 29  ILE 29  29  29  ILE ILE A . n 
A 1 30  GLY 30  30  30  GLY GLY A . n 
A 1 31  HIS 31  31  31  HIS HIS A . n 
A 1 32  LEU 32  32  32  LEU LEU A . n 
A 1 33  LEU 33  33  33  LEU LEU A . n 
A 1 34  THR 34  34  34  THR THR A . n 
A 1 35  LYS 35  35  35  LYS LYS A . n 
A 1 36  SER 36  36  36  SER SER A . n 
A 1 37  PRO 37  37  37  PRO PRO A . n 
A 1 38  SER 38  38  38  SER SER A . n 
A 1 39  LEU 39  39  39  LEU LEU A . n 
A 1 40  ASN 40  40  40  ASN ASN A . n 
A 1 41  ALA 41  41  41  ALA ALA A . n 
A 1 42  ALA 42  42  42  ALA ALA A . n 
A 1 43  LYS 43  43  43  LYS LYS A . n 
A 1 44  SER 44  44  44  SER SER A . n 
A 1 45  GLU 45  45  45  GLU GLU A . n 
A 1 46  LEU 46  46  46  LEU LEU A . n 
A 1 47  ASP 47  47  47  ASP ASP A . n 
A 1 48  LYS 48  48  48  LYS LYS A . n 
A 1 49  ALA 49  49  49  ALA ALA A . n 
A 1 50  ILE 50  50  50  ILE ILE A . n 
A 1 51  GLY 51  51  51  GLY GLY A . n 
A 1 52  ARG 52  52  52  ARG ARG A . n 
A 1 53  ASN 53  53  53  ASN ASN A . n 
A 1 54  THR 54  54  54  THR THR A . n 
A 1 55  ASN 55  55  55  ASN ASN A . n 
A 1 56  GLY 56  56  56  GLY GLY A . n 
A 1 57  VAL 57  57  57  VAL VAL A . n 
A 1 58  ILE 58  58  58  ILE ILE A . n 
A 1 59  THR 59  59  59  THR THR A . n 
A 1 60  LYS 60  60  60  LYS LYS A . n 
A 1 61  ASP 61  61  61  ASP ASP A . n 
A 1 62  GLU 62  62  62  GLU GLU A . n 
A 1 63  ALA 63  63  63  ALA ALA A . n 
A 1 64  GLU 64  64  64  GLU GLU A . n 
A 1 65  LYS 65  65  65  LYS LYS A . n 
A 1 66  LEU 66  66  66  LEU LEU A . n 
A 1 67  PHE 67  67  67  PHE PHE A . n 
A 1 68  ASN 68  68  68  ASN ASN A . n 
A 1 69  GLN 69  69  69  GLN GLN A . n 
A 1 70  ASP 70  70  70  ASP ASP A . n 
A 1 71  VAL 71  71  71  VAL VAL A . n 
A 1 72  ASP 72  72  72  ASP ASP A . n 
A 1 73  ALA 73  73  73  ALA ALA A . n 
A 1 74  ALA 74  74  74  ALA ALA A . n 
A 1 75  VAL 75  75  75  VAL VAL A . n 
A 1 76  ARG 76  76  76  ARG ARG A . n 
A 1 77  GLY 77  77  77  GLY GLY A . n 
A 1 78  ILE 78  78  78  ILE ILE A . n 
A 1 79  LEU 79  79  79  LEU LEU A . n 
A 1 80  ARG 80  80  80  ARG ARG A . n 
A 1 81  ASN 81  81  81  ASN ASN A . n 
A 1 82  ALA 82  82  82  ALA ALA A . n 
A 1 83  LYS 83  83  83  LYS LYS A . n 
A 1 84  LEU 84  84  84  LEU LEU A . n 
A 1 85  LYS 85  85  85  LYS LYS A . n 
A 1 86  PRO 86  86  86  PRO PRO A . n 
A 1 87  VAL 87  87  87  VAL VAL A . n 
A 1 88  TYR 88  88  88  TYR TYR A . n 
A 1 89  ASP 89  89  89  ASP ASP A . n 
A 1 90  SER 90  90  90  SER SER A . n 
A 1 91  LEU 91  91  91  LEU LEU A . n 
A 1 92  ASP 92  92  92  ASP ASP A . n 
A 1 93  ALA 93  93  93  ALA ALA A . n 
A 1 94  VAL 94  94  94  VAL VAL A . n 
A 1 95  ARG 95  95  95  ARG ARG A . n 
A 1 96  ARG 96  96  96  ARG ARG A . n 
A 1 97  ALA 97  97  97  ALA ALA A . n 
A 1 98  ALA 98  98  98  ALA ALA A . n 
A 1 99  LEU 99  99  99  LEU LEU A . n 
A 1 100 ILE 100 100 100 ILE ILE A . n 
A 1 101 ASN 101 101 101 ASN ASN A . n 
A 1 102 MET 102 102 102 MET MET A . n 
A 1 103 VAL 103 103 103 VAL VAL A . n 
A 1 104 PHE 104 104 104 PHE PHE A . n 
A 1 105 GLN 105 105 105 GLN GLN A . n 
A 1 106 MET 106 106 106 MET MET A . n 
A 1 107 GLY 107 107 107 GLY GLY A . n 
A 1 108 GLU 108 108 108 GLU GLU A . n 
A 1 109 THR 109 109 109 THR THR A . n 
A 1 110 GLY 110 110 110 GLY GLY A . n 
A 1 111 VAL 111 111 111 VAL VAL A . n 
A 1 112 ALA 112 112 112 ALA ALA A . n 
A 1 113 GLY 113 113 113 GLY GLY A . n 
A 1 114 PHE 114 114 114 PHE PHE A . n 
A 1 115 THR 115 115 115 THR THR A . n 
A 1 116 ASN 116 116 116 ASN ASN A . n 
A 1 117 SER 117 117 117 SER SER A . n 
A 1 118 LEU 118 118 118 LEU LEU A . n 
A 1 119 ARG 119 119 119 ARG ARG A . n 
A 1 120 MET 120 120 120 MET MET A . n 
A 1 121 LEU 121 121 121 LEU LEU A . n 
A 1 122 GLN 122 122 122 GLN GLN A . n 
A 1 123 GLN 123 123 123 GLN GLN A . n 
A 1 124 LYS 124 124 124 LYS LYS A . n 
A 1 125 ARG 125 125 125 ARG ARG A . n 
A 1 126 TRP 126 126 126 TRP TRP A . n 
A 1 127 ASP 127 127 127 ASP ASP A . n 
A 1 128 GLU 128 128 128 GLU GLU A . n 
A 1 129 ALA 129 129 129 ALA ALA A . n 
A 1 130 ALA 130 130 130 ALA ALA A . n 
A 1 131 CYS 131 131 131 CYS R7A A . n 
A 1 132 ASN 132 132 132 ASN ASN A . n 
A 1 133 LEU 133 133 133 LEU LEU A . n 
A 1 134 ALA 134 134 134 ALA ALA A . n 
A 1 135 LYS 135 135 135 LYS LYS A . n 
A 1 136 SER 136 136 136 SER SER A . n 
A 1 137 ARG 137 137 137 ARG ARG A . n 
A 1 138 TRP 138 138 138 TRP TRP A . n 
A 1 139 TYR 139 139 139 TYR TYR A . n 
A 1 140 ASN 140 140 140 ASN ASN A . n 
A 1 141 GLN 141 141 141 GLN GLN A . n 
A 1 142 THR 142 142 142 THR THR A . n 
A 1 143 PRO 143 143 143 PRO PRO A . n 
A 1 144 ASN 144 144 144 ASN ASN A . n 
A 1 145 ARG 145 145 145 ARG ARG A . n 
A 1 146 ALA 146 146 146 ALA ALA A . n 
A 1 147 LYS 147 147 147 LYS LYS A . n 
A 1 148 ARG 148 148 148 ARG ARG A . n 
A 1 149 VAL 149 149 149 VAL VAL A . n 
A 1 150 ILE 150 150 150 ILE ILE A . n 
A 1 151 THR 151 151 151 THR THR A . n 
A 1 152 THR 152 152 152 THR THR A . n 
A 1 153 PHE 153 153 153 PHE PHE A . n 
A 1 154 ARG 154 154 154 ARG ARG A . n 
A 1 155 THR 155 155 155 THR THR A . n 
A 1 156 GLY 156 156 156 GLY GLY A . n 
A 1 157 THR 157 157 157 THR THR A . n 
A 1 158 TRP 158 158 158 TRP TRP A . n 
A 1 159 ASP 159 159 159 ASP ASP A . n 
A 1 160 ALA 160 160 160 ALA ALA A . n 
A 1 161 TYR 161 161 161 TYR TYR A . n 
A 1 162 LYS 162 162 162 LYS LYS A . n 
A 1 163 ASN 163 163 163 ASN ASN A . n 
A 1 164 LEU 164 164 164 LEU LEU A . n 
# 
loop_
_pdbx_nonpoly_scheme.asym_id 
_pdbx_nonpoly_scheme.entity_id 
_pdbx_nonpoly_scheme.mon_id 
_pdbx_nonpoly_scheme.ndb_seq_num 
_pdbx_nonpoly_scheme.pdb_seq_num 
_pdbx_nonpoly_scheme.auth_seq_num 
_pdbx_nonpoly_scheme.pdb_mon_id 
_pdbx_nonpoly_scheme.auth_mon_id 
_pdbx_nonpoly_scheme.pdb_strand_id 
_pdbx_nonpoly_scheme.pdb_ins_code 
B 2 R7A 1   1131 131 R7A R7A A . 
C 3 AZI 1   165  165 AZI AZI A . 
D 4 CL  1   166  166 CL  CL  A . 
E 4 CL  1   167  167 CL  CL  A . 
F 4 CL  1   168  168 CL  CL  A . 
G 5 HED 1   169  169 HED HED A . 
H 6 HOH 1   200  200 HOH HOH A . 
H 6 HOH 2   201  201 HOH HOH A . 
H 6 HOH 3   202  202 HOH HOH A . 
H 6 HOH 4   203  203 HOH HOH A . 
H 6 HOH 5   204  204 HOH HOH A . 
H 6 HOH 6   205  205 HOH HOH A . 
H 6 HOH 7   206  206 HOH HOH A . 
H 6 HOH 8   207  207 HOH HOH A . 
H 6 HOH 9   208  208 HOH HOH A . 
H 6 HOH 10  209  209 HOH HOH A . 
H 6 HOH 11  210  210 HOH HOH A . 
H 6 HOH 12  211  211 HOH HOH A . 
H 6 HOH 13  212  212 HOH HOH A . 
H 6 HOH 14  213  213 HOH HOH A . 
H 6 HOH 15  214  214 HOH HOH A . 
H 6 HOH 16  215  215 HOH HOH A . 
H 6 HOH 17  216  216 HOH HOH A . 
H 6 HOH 18  217  217 HOH HOH A . 
H 6 HOH 19  218  218 HOH HOH A . 
H 6 HOH 20  219  219 HOH HOH A . 
H 6 HOH 21  220  220 HOH HOH A . 
H 6 HOH 22  221  221 HOH HOH A . 
H 6 HOH 23  222  222 HOH HOH A . 
H 6 HOH 24  223  223 HOH HOH A . 
H 6 HOH 25  224  224 HOH HOH A . 
H 6 HOH 26  225  225 HOH HOH A . 
H 6 HOH 27  226  226 HOH HOH A . 
H 6 HOH 28  227  227 HOH HOH A . 
H 6 HOH 29  228  228 HOH HOH A . 
H 6 HOH 30  229  229 HOH HOH A . 
H 6 HOH 31  230  230 HOH HOH A . 
H 6 HOH 32  231  231 HOH HOH A . 
H 6 HOH 33  232  232 HOH HOH A . 
H 6 HOH 34  233  233 HOH HOH A . 
H 6 HOH 35  234  234 HOH HOH A . 
H 6 HOH 36  235  235 HOH HOH A . 
H 6 HOH 37  236  236 HOH HOH A . 
H 6 HOH 38  237  237 HOH HOH A . 
H 6 HOH 39  238  238 HOH HOH A . 
H 6 HOH 40  239  239 HOH HOH A . 
H 6 HOH 41  240  240 HOH HOH A . 
H 6 HOH 42  241  241 HOH HOH A . 
H 6 HOH 43  242  242 HOH HOH A . 
H 6 HOH 44  243  243 HOH HOH A . 
H 6 HOH 45  244  244 HOH HOH A . 
H 6 HOH 46  245  245 HOH HOH A . 
H 6 HOH 47  246  246 HOH HOH A . 
H 6 HOH 48  247  247 HOH HOH A . 
H 6 HOH 49  248  248 HOH HOH A . 
H 6 HOH 50  249  249 HOH HOH A . 
H 6 HOH 51  250  250 HOH HOH A . 
H 6 HOH 52  251  251 HOH HOH A . 
H 6 HOH 53  252  252 HOH HOH A . 
H 6 HOH 54  253  253 HOH HOH A . 
H 6 HOH 55  254  254 HOH HOH A . 
H 6 HOH 56  255  255 HOH HOH A . 
H 6 HOH 57  256  256 HOH HOH A . 
H 6 HOH 58  257  257 HOH HOH A . 
H 6 HOH 59  258  258 HOH HOH A . 
H 6 HOH 60  259  259 HOH HOH A . 
H 6 HOH 61  260  260 HOH HOH A . 
H 6 HOH 62  261  261 HOH HOH A . 
H 6 HOH 63  262  262 HOH HOH A . 
H 6 HOH 64  263  263 HOH HOH A . 
H 6 HOH 65  264  264 HOH HOH A . 
H 6 HOH 66  265  265 HOH HOH A . 
H 6 HOH 67  266  266 HOH HOH A . 
H 6 HOH 68  267  267 HOH HOH A . 
H 6 HOH 69  268  268 HOH HOH A . 
H 6 HOH 70  269  269 HOH HOH A . 
H 6 HOH 71  270  270 HOH HOH A . 
H 6 HOH 72  271  271 HOH HOH A . 
H 6 HOH 73  272  272 HOH HOH A . 
H 6 HOH 74  273  273 HOH HOH A . 
H 6 HOH 75  274  274 HOH HOH A . 
H 6 HOH 76  275  275 HOH HOH A . 
H 6 HOH 77  276  276 HOH HOH A . 
H 6 HOH 78  277  277 HOH HOH A . 
H 6 HOH 79  278  278 HOH HOH A . 
H 6 HOH 80  279  279 HOH HOH A . 
H 6 HOH 81  280  280 HOH HOH A . 
H 6 HOH 82  281  281 HOH HOH A . 
H 6 HOH 83  282  282 HOH HOH A . 
H 6 HOH 84  283  283 HOH HOH A . 
H 6 HOH 85  284  284 HOH HOH A . 
H 6 HOH 86  285  285 HOH HOH A . 
H 6 HOH 87  286  286 HOH HOH A . 
H 6 HOH 88  287  287 HOH HOH A . 
H 6 HOH 89  288  288 HOH HOH A . 
H 6 HOH 90  290  290 HOH HOH A . 
H 6 HOH 91  291  291 HOH HOH A . 
H 6 HOH 92  292  292 HOH HOH A . 
H 6 HOH 93  293  293 HOH HOH A . 
H 6 HOH 94  294  294 HOH HOH A . 
H 6 HOH 95  295  295 HOH HOH A . 
H 6 HOH 96  296  296 HOH HOH A . 
H 6 HOH 97  297  297 HOH HOH A . 
H 6 HOH 98  298  298 HOH HOH A . 
H 6 HOH 99  299  299 HOH HOH A . 
H 6 HOH 100 300  300 HOH HOH A . 
H 6 HOH 101 301  301 HOH HOH A . 
H 6 HOH 102 302  302 HOH HOH A . 
H 6 HOH 103 303  303 HOH HOH A . 
H 6 HOH 104 304  304 HOH HOH A . 
H 6 HOH 105 305  305 HOH HOH A . 
H 6 HOH 106 306  306 HOH HOH A . 
H 6 HOH 107 307  307 HOH HOH A . 
H 6 HOH 108 308  308 HOH HOH A . 
H 6 HOH 109 309  309 HOH HOH A . 
H 6 HOH 110 310  310 HOH HOH A . 
H 6 HOH 111 311  311 HOH HOH A . 
H 6 HOH 112 312  312 HOH HOH A . 
H 6 HOH 113 313  313 HOH HOH A . 
H 6 HOH 114 314  314 HOH HOH A . 
H 6 HOH 115 315  315 HOH HOH A . 
H 6 HOH 116 316  316 HOH HOH A . 
H 6 HOH 117 317  317 HOH HOH A . 
H 6 HOH 118 318  318 HOH HOH A . 
H 6 HOH 119 319  319 HOH HOH A . 
H 6 HOH 120 320  320 HOH HOH A . 
H 6 HOH 121 321  321 HOH HOH A . 
H 6 HOH 122 322  322 HOH HOH A . 
H 6 HOH 123 323  323 HOH HOH A . 
H 6 HOH 124 324  324 HOH HOH A . 
H 6 HOH 125 325  325 HOH HOH A . 
H 6 HOH 126 326  326 HOH HOH A . 
H 6 HOH 127 327  327 HOH HOH A . 
H 6 HOH 128 328  328 HOH HOH A . 
H 6 HOH 129 329  329 HOH HOH A . 
H 6 HOH 130 330  330 HOH HOH A . 
H 6 HOH 131 331  331 HOH HOH A . 
H 6 HOH 132 332  332 HOH HOH A . 
H 6 HOH 133 333  333 HOH HOH A . 
H 6 HOH 134 334  334 HOH HOH A . 
H 6 HOH 135 335  335 HOH HOH A . 
H 6 HOH 136 336  336 HOH HOH A . 
H 6 HOH 137 337  337 HOH HOH A . 
H 6 HOH 138 338  338 HOH HOH A . 
H 6 HOH 139 339  339 HOH HOH A . 
H 6 HOH 140 340  340 HOH HOH A . 
H 6 HOH 141 341  341 HOH HOH A . 
H 6 HOH 142 342  342 HOH HOH A . 
H 6 HOH 143 343  343 HOH HOH A . 
H 6 HOH 144 344  344 HOH HOH A . 
H 6 HOH 145 345  345 HOH HOH A . 
H 6 HOH 146 346  346 HOH HOH A . 
H 6 HOH 147 347  347 HOH HOH A . 
H 6 HOH 148 348  348 HOH HOH A . 
H 6 HOH 149 349  349 HOH HOH A . 
H 6 HOH 150 350  350 HOH HOH A . 
H 6 HOH 151 351  351 HOH HOH A . 
H 6 HOH 152 352  352 HOH HOH A . 
H 6 HOH 153 353  353 HOH HOH A . 
H 6 HOH 154 354  354 HOH HOH A . 
H 6 HOH 155 355  355 HOH HOH A . 
H 6 HOH 156 356  356 HOH HOH A . 
H 6 HOH 157 357  357 HOH HOH A . 
H 6 HOH 158 358  358 HOH HOH A . 
H 6 HOH 159 359  359 HOH HOH A . 
H 6 HOH 160 360  360 HOH HOH A . 
H 6 HOH 161 361  361 HOH HOH A . 
H 6 HOH 162 362  362 HOH HOH A . 
H 6 HOH 163 363  363 HOH HOH A . 
H 6 HOH 164 364  364 HOH HOH A . 
H 6 HOH 165 365  365 HOH HOH A . 
H 6 HOH 166 366  366 HOH HOH A . 
H 6 HOH 167 367  367 HOH HOH A . 
H 6 HOH 168 368  368 HOH HOH A . 
H 6 HOH 169 369  369 HOH HOH A . 
H 6 HOH 170 370  370 HOH HOH A . 
H 6 HOH 171 371  371 HOH HOH A . 
H 6 HOH 172 372  372 HOH HOH A . 
H 6 HOH 173 373  373 HOH HOH A . 
H 6 HOH 174 374  374 HOH HOH A . 
H 6 HOH 175 375  375 HOH HOH A . 
H 6 HOH 176 376  376 HOH HOH A . 
H 6 HOH 177 377  377 HOH HOH A . 
H 6 HOH 178 378  378 HOH HOH A . 
H 6 HOH 179 379  379 HOH HOH A . 
H 6 HOH 180 380  380 HOH HOH A . 
H 6 HOH 181 381  381 HOH HOH A . 
H 6 HOH 182 382  382 HOH HOH A . 
H 6 HOH 183 383  383 HOH HOH A . 
H 6 HOH 184 385  385 HOH HOH A . 
H 6 HOH 185 386  386 HOH HOH A . 
H 6 HOH 186 387  387 HOH HOH A . 
H 6 HOH 187 388  388 HOH HOH A . 
H 6 HOH 188 389  389 HOH HOH A . 
H 6 HOH 189 390  390 HOH HOH A . 
H 6 HOH 190 391  391 HOH HOH A . 
H 6 HOH 191 392  392 HOH HOH A . 
H 6 HOH 192 393  393 HOH HOH A . 
H 6 HOH 193 394  394 HOH HOH A . 
H 6 HOH 194 395  395 HOH HOH A . 
H 6 HOH 195 396  396 HOH HOH A . 
H 6 HOH 196 397  397 HOH HOH A . 
H 6 HOH 197 398  398 HOH HOH A . 
H 6 HOH 198 399  399 HOH HOH A . 
H 6 HOH 199 400  400 HOH HOH A . 
H 6 HOH 200 401  401 HOH HOH A . 
H 6 HOH 201 402  402 HOH HOH A . 
H 6 HOH 202 403  403 HOH HOH A . 
H 6 HOH 203 404  404 HOH HOH A . 
H 6 HOH 204 405  405 HOH HOH A . 
H 6 HOH 205 406  406 HOH HOH A . 
H 6 HOH 206 407  407 HOH HOH A . 
H 6 HOH 207 408  408 HOH HOH A . 
H 6 HOH 208 409  409 HOH HOH A . 
H 6 HOH 209 410  410 HOH HOH A . 
H 6 HOH 210 411  411 HOH HOH A . 
H 6 HOH 211 412  412 HOH HOH A . 
H 6 HOH 212 413  413 HOH HOH A . 
H 6 HOH 213 414  414 HOH HOH A . 
H 6 HOH 214 415  415 HOH HOH A . 
H 6 HOH 215 416  416 HOH HOH A . 
H 6 HOH 216 417  417 HOH HOH A . 
H 6 HOH 217 418  418 HOH HOH A . 
H 6 HOH 218 419  419 HOH HOH A . 
H 6 HOH 219 420  420 HOH HOH A . 
H 6 HOH 220 421  421 HOH HOH A . 
H 6 HOH 221 422  422 HOH HOH A . 
H 6 HOH 222 423  423 HOH HOH A . 
H 6 HOH 223 424  424 HOH HOH A . 
H 6 HOH 224 425  425 HOH HOH A . 
H 6 HOH 225 426  426 HOH HOH A . 
H 6 HOH 226 427  427 HOH HOH A . 
H 6 HOH 227 428  428 HOH HOH A . 
H 6 HOH 228 429  429 HOH HOH A . 
H 6 HOH 229 430  430 HOH HOH A . 
H 6 HOH 230 431  431 HOH HOH A . 
H 6 HOH 231 432  432 HOH HOH A . 
H 6 HOH 232 433  433 HOH HOH A . 
H 6 HOH 233 434  434 HOH HOH A . 
H 6 HOH 234 435  435 HOH HOH A . 
H 6 HOH 235 436  436 HOH HOH A . 
H 6 HOH 236 437  437 HOH HOH A . 
H 6 HOH 237 438  438 HOH HOH A . 
H 6 HOH 238 439  439 HOH HOH A . 
H 6 HOH 239 440  440 HOH HOH A . 
H 6 HOH 240 441  441 HOH HOH A . 
H 6 HOH 241 442  442 HOH HOH A . 
H 6 HOH 242 443  443 HOH HOH A . 
H 6 HOH 243 444  444 HOH HOH A . 
H 6 HOH 244 445  445 HOH HOH A . 
H 6 HOH 245 446  446 HOH HOH A . 
H 6 HOH 246 447  447 HOH HOH A . 
H 6 HOH 247 448  448 HOH HOH A . 
H 6 HOH 248 449  449 HOH HOH A . 
# 
loop_
_software.name 
_software.version 
_software.date 
_software.type 
_software.contact_author 
_software.contact_author_email 
_software.classification 
_software.location 
_software.language 
_software.citation_id 
_software.pdbx_ordinal 
DENZO       .     ?               package 'Zbyszek Otwinowski' zbyszek@mix.swmed.edu    'data reduction'  
http://www.lnls.br/infra/linhasluz/denzo-hkl.htm ?       ? 1 
SCALEPACK   .     ?               package 'Zbyszek Otwinowski' zbyszek@mix.swmed.edu    'data scaling'    
http://www.lnls.br/infra/linhasluz/denzo-hkl.htm ?       ? 2 
REFMAC      .     ?               program 'Murshudov, G.N.'    ccp4@dl.ac.uk            refinement        
http://www.ccp4.ac.uk/main.html                  Fortran ? 3 
PDB_EXTRACT 1.700 'May. 30, 2005' package PDB                  sw-help@rcsb.rutgers.edu 'data extraction' 
http://pdb.rutgers.edu/software/                 C++     ? 4 
PHASER      .     ?               ?       ?                    ?                        phasing           ? ?       ? 5 
# 
_cell.entry_id           2A4T 
_cell.length_a           59.807 
_cell.length_b           59.807 
_cell.length_c           95.580 
_cell.angle_alpha        90.00 
_cell.angle_beta         90.00 
_cell.angle_gamma        120.00 
_cell.Z_PDB              6 
_cell.pdbx_unique_axis   ? 
_cell.length_a_esd       ? 
_cell.length_b_esd       ? 
_cell.length_c_esd       ? 
_cell.angle_alpha_esd    ? 
_cell.angle_beta_esd     ? 
_cell.angle_gamma_esd    ? 
# 
_symmetry.entry_id                         2A4T 
_symmetry.space_group_name_H-M             'P 32 2 1' 
_symmetry.pdbx_full_space_group_name_H-M   ? 
_symmetry.cell_setting                     ? 
_symmetry.Int_Tables_number                154 
_symmetry.space_group_name_Hall            ? 
# 
_exptl.entry_id          2A4T 
_exptl.crystals_number   1 
_exptl.method            'X-RAY DIFFRACTION' 
# 
_exptl_crystal.id                    1 
_exptl_crystal.density_Matthews      2.65 
_exptl_crystal.density_meas          ? 
_exptl_crystal.density_percent_sol   53.56 
_exptl_crystal.description           ? 
_exptl_crystal.F_000                 ? 
_exptl_crystal.preparation           ? 
# 
_exptl_crystal_grow.crystal_id      1 
_exptl_crystal_grow.method          'VAPOR DIFFUSION, HANGING DROP' 
_exptl_crystal_grow.pH              6.8 
_exptl_crystal_grow.temp            273 
_exptl_crystal_grow.temp_details    ? 
_exptl_crystal_grow.pdbx_details    
;potassium phosphate, sodium phospahte, sodium choloride, sodium azide, oxidized beta-mercaptoehtanol, pH 6.8, VAPOR DIFFUSION, HANGING DROP, temperature 273K
;
_exptl_crystal_grow.pdbx_pH_range   . 
# 
_diffrn.id                     1 
_diffrn.ambient_temp           100 
_diffrn.ambient_temp_details   ? 
_diffrn.crystal_id             1 
# 
_diffrn_detector.diffrn_id              1 
_diffrn_detector.detector               'IMAGE PLATE' 
_diffrn_detector.type                   'RIGAKU RAXIS IV++' 
_diffrn_detector.pdbx_collection_date   2005-02-28 
_diffrn_detector.details                ? 
# 
_diffrn_radiation.diffrn_id                        1 
_diffrn_radiation.wavelength_id                    1 
_diffrn_radiation.pdbx_diffrn_protocol             'SINGLE WAVELENGTH' 
_diffrn_radiation.monochromator                    ? 
_diffrn_radiation.pdbx_monochromatic_or_laue_m_l   M 
_diffrn_radiation.pdbx_scattering_type             x-ray 
# 
_diffrn_radiation_wavelength.id           1 
_diffrn_radiation_wavelength.wavelength   1.5418 
_diffrn_radiation_wavelength.wt           1.0 
# 
_diffrn_source.diffrn_id                   1 
_diffrn_source.source                      'ROTATING ANODE' 
_diffrn_source.type                        'RIGAKU FR-D' 
_diffrn_source.pdbx_wavelength             ? 
_diffrn_source.pdbx_wavelength_list        1.5418 
_diffrn_source.pdbx_synchrotron_site       ? 
_diffrn_source.pdbx_synchrotron_beamline   ? 
# 
_reflns.entry_id                     2A4T 
_reflns.d_resolution_low             80.00 
_reflns.d_resolution_high            1.70 
_reflns.number_obs                   22403 
_reflns.percent_possible_obs         99.900 
_reflns.pdbx_Rmerge_I_obs            ? 
_reflns.pdbx_chi_squared             1.106 
_reflns.pdbx_redundancy              6.500 
_reflns.pdbx_scaling_rejects         ? 
_reflns.pdbx_netI_over_sigmaI        32.9 
_reflns.pdbx_Rsym_value              0.059 
_reflns.observed_criterion_sigma_F   0 
_reflns.observed_criterion_sigma_I   0 
_reflns.number_all                   22428 
_reflns.B_iso_Wilson_estimate        28.7 
_reflns.R_free_details               ? 
_reflns.limit_h_max                  ? 
_reflns.limit_h_min                  ? 
_reflns.limit_k_max                  ? 
_reflns.limit_k_min                  ? 
_reflns.limit_l_max                  ? 
_reflns.limit_l_min                  ? 
_reflns.observed_criterion_F_max     ? 
_reflns.observed_criterion_F_min     ? 
_reflns.pdbx_ordinal                 1 
_reflns.pdbx_diffrn_id               1 
# 
_reflns_shell.d_res_low              1.76 
_reflns_shell.d_res_high             1.70 
_reflns_shell.number_measured_obs    2221 
_reflns_shell.percent_possible_obs   99.700 
_reflns_shell.Rmerge_I_obs           ? 
_reflns_shell.pdbx_chi_squared       0.805 
_reflns_shell.pdbx_redundancy        6.300 
_reflns_shell.number_unique_obs      ? 
_reflns_shell.meanI_over_sigI_obs    5.3 
_reflns_shell.pdbx_Rsym_value        0.303 
_reflns_shell.percent_possible_all   99.7 
_reflns_shell.number_unique_all      2221 
_reflns_shell.number_measured_all    ? 
_reflns_shell.pdbx_ordinal           1 
_reflns_shell.pdbx_diffrn_id         1 
# 
_refine.ls_d_res_high                            1.700 
_refine.ls_d_res_low                             51.780 
_refine.pdbx_ls_sigma_F                          0.00 
_refine.ls_percent_reflns_obs                    99.920 
_refine.ls_number_reflns_obs                     22350 
_refine.pdbx_ls_cross_valid_method               THROUGHOUT 
_refine.pdbx_R_Free_selection_details            RANDOM 
_refine.details                                  'HYDROGENS HAVE BEEN ADDED IN THE RIDING POSITIONS' 
_refine.ls_R_factor_all                          0.181 
_refine.ls_R_factor_R_work                       0.179 
_refine.ls_R_factor_R_free                       0.215 
_refine.ls_percent_reflns_R_free                 5.100 
_refine.ls_number_reflns_R_free                  1143 
_refine.B_iso_mean                               16.987 
_refine.aniso_B[1][1]                            0.220 
_refine.aniso_B[2][2]                            0.220 
_refine.aniso_B[3][3]                            -0.340 
_refine.aniso_B[1][2]                            0.110 
_refine.aniso_B[1][3]                            0.000 
_refine.aniso_B[2][3]                            0.000 
_refine.correlation_coeff_Fo_to_Fc               0.956 
_refine.correlation_coeff_Fo_to_Fc_free          0.934 
_refine.pdbx_overall_ESU_R                       0.103 
_refine.pdbx_overall_ESU_R_Free                  0.103 
_refine.overall_SU_ML                            0.058 
_refine.overall_SU_B                             1.696 
_refine.solvent_model_details                    MASK 
_refine.pdbx_solvent_vdw_probe_radii             1.200 
_refine.pdbx_solvent_ion_probe_radii             0.800 
_refine.pdbx_solvent_shrinkage_radii             0.800 
_refine.pdbx_stereochemistry_target_values       'MAXIMUM LIKELIHOOD' 
_refine.entry_id                                 2A4T 
_refine.pdbx_ls_sigma_I                          ? 
_refine.ls_number_reflns_all                     22350 
_refine.ls_R_factor_obs                          0.181 
_refine.ls_redundancy_reflns_obs                 ? 
_refine.pdbx_data_cutoff_high_absF               ? 
_refine.pdbx_data_cutoff_low_absF                ? 
_refine.ls_number_parameters                     ? 
_refine.ls_number_restraints                     ? 
_refine.ls_R_factor_R_free_error                 ? 
_refine.ls_R_factor_R_free_error_details         ? 
_refine.pdbx_method_to_determine_struct          'MOLECULAR REPLACEMENT' 
_refine.pdbx_starting_model                      1C6T 
_refine.pdbx_stereochem_target_val_spec_case     ? 
_refine.solvent_model_param_bsol                 ? 
_refine.solvent_model_param_ksol                 ? 
_refine.occupancy_max                            ? 
_refine.occupancy_min                            ? 
_refine.pdbx_isotropic_thermal_model             ? 
_refine.B_iso_min                                ? 
_refine.B_iso_max                                ? 
_refine.overall_SU_R_Cruickshank_DPI             ? 
_refine.overall_SU_R_free                        ? 
_refine.pdbx_data_cutoff_high_rms_absF           ? 
_refine.ls_wR_factor_R_free                      ? 
_refine.ls_wR_factor_R_work                      ? 
_refine.overall_FOM_free_R_set                   ? 
_refine.overall_FOM_work_R_set                   ? 
_refine.pdbx_refine_id                           'X-RAY DIFFRACTION' 
_refine.pdbx_diffrn_id                           1 
_refine.pdbx_overall_phase_error                 ? 
_refine.pdbx_TLS_residual_ADP_flag               ? 
_refine.pdbx_overall_SU_R_free_Cruickshank_DPI   ? 
_refine.pdbx_overall_SU_R_Blow_DPI               ? 
_refine.pdbx_overall_SU_R_free_Blow_DPI          ? 
# 
_refine_analyze.entry_id                        2A4T 
_refine_analyze.Luzzati_coordinate_error_obs    0.103 
_refine_analyze.Luzzati_sigma_a_obs             ? 
_refine_analyze.Luzzati_d_res_low_obs           51.78 
_refine_analyze.Luzzati_coordinate_error_free   0.103 
_refine_analyze.Luzzati_sigma_a_free            ? 
_refine_analyze.Luzzati_d_res_low_free          ? 
_refine_analyze.number_disordered_residues      ? 
_refine_analyze.occupancy_sum_non_hydrogen      ? 
_refine_analyze.occupancy_sum_hydrogen          ? 
_refine_analyze.pdbx_Luzzati_d_res_high_obs     ? 
_refine_analyze.pdbx_refine_id                  'X-RAY DIFFRACTION' 
# 
_refine_hist.pdbx_refine_id                   'X-RAY DIFFRACTION' 
_refine_hist.cycle_id                         LAST 
_refine_hist.pdbx_number_atoms_protein        1308 
_refine_hist.pdbx_number_atoms_nucleic_acid   0 
_refine_hist.pdbx_number_atoms_ligand         27 
_refine_hist.number_atoms_solvent             248 
_refine_hist.number_atoms_total               1583 
_refine_hist.d_res_high                       1.700 
_refine_hist.d_res_low                        51.780 
# 
loop_
_refine_ls_restr.type 
_refine_ls_restr.number 
_refine_ls_restr.dev_ideal 
_refine_ls_restr.dev_ideal_target 
_refine_ls_restr.weight 
_refine_ls_restr.pdbx_refine_id 
_refine_ls_restr.pdbx_restraint_function 
r_bond_refined_d         1385 0.012  0.022  ? 'X-RAY DIFFRACTION' ? 
r_angle_refined_deg      1865 1.392  1.993  ? 'X-RAY DIFFRACTION' ? 
r_dihedral_angle_1_deg   163  3.407  5.000  ? 'X-RAY DIFFRACTION' ? 
r_dihedral_angle_2_deg   64   32.890 23.594 ? 'X-RAY DIFFRACTION' ? 
r_dihedral_angle_3_deg   262  10.552 15.000 ? 'X-RAY DIFFRACTION' ? 
r_dihedral_angle_4_deg   13   9.518  15.000 ? 'X-RAY DIFFRACTION' ? 
r_chiral_restr           203  0.079  0.200  ? 'X-RAY DIFFRACTION' ? 
r_gen_planes_refined     1020 0.005  0.020  ? 'X-RAY DIFFRACTION' ? 
r_nbd_refined            707  0.198  0.200  ? 'X-RAY DIFFRACTION' ? 
r_nbtor_refined          967  0.298  0.200  ? 'X-RAY DIFFRACTION' ? 
r_xyhbond_nbd_refined    172  0.123  0.200  ? 'X-RAY DIFFRACTION' ? 
r_symmetry_vdw_refined   67   0.179  0.200  ? 'X-RAY DIFFRACTION' ? 
r_symmetry_hbond_refined 54   0.137  0.200  ? 'X-RAY DIFFRACTION' ? 
r_mcbond_it              844  0.563  1.500  ? 'X-RAY DIFFRACTION' ? 
r_mcangle_it             1307 0.910  2.000  ? 'X-RAY DIFFRACTION' ? 
r_scbond_it              620  1.737  3.000  ? 'X-RAY DIFFRACTION' ? 
r_scangle_it             558  2.664  4.500  ? 'X-RAY DIFFRACTION' ? 
# 
_refine_ls_shell.d_res_high                       1.700 
_refine_ls_shell.d_res_low                        1.744 
_refine_ls_shell.pdbx_total_number_of_bins_used   20 
_refine_ls_shell.percent_reflns_obs               99.940 
_refine_ls_shell.number_reflns_R_work             1527 
_refine_ls_shell.R_factor_R_work                  0.302 
_refine_ls_shell.R_factor_R_free                  0.377 
_refine_ls_shell.percent_reflns_R_free            ? 
_refine_ls_shell.number_reflns_R_free             91 
_refine_ls_shell.R_factor_R_free_error            ? 
_refine_ls_shell.number_reflns_all                1618 
_refine_ls_shell.number_reflns_obs                1527 
_refine_ls_shell.redundancy_reflns_obs            ? 
_refine_ls_shell.pdbx_refine_id                   'X-RAY DIFFRACTION' 
_refine_ls_shell.R_factor_all                     ? 
# 
_struct.entry_id                  2A4T 
_struct.title                     'Crystal structure of spin labeled T4 Lysozyme (V131R7)' 
_struct.pdbx_model_details        ? 
_struct.pdbx_CASP_flag            ? 
_struct.pdbx_model_type_details   ? 
# 
_struct_keywords.entry_id        2A4T 
_struct_keywords.pdbx_keywords   HYDROLASE 
_struct_keywords.text            'NITROXIDE SPIN LABEL, EPR, MODIFIED CYSTEINE, HYDROLASE' 
# 
loop_
_struct_asym.id 
_struct_asym.pdbx_blank_PDB_chainid_flag 
_struct_asym.pdbx_modified 
_struct_asym.entity_id 
_struct_asym.details 
A N N 1 ? 
B N N 2 ? 
C N N 3 ? 
D N N 4 ? 
E N N 4 ? 
F N N 4 ? 
G N N 5 ? 
H N N 6 ? 
# 
_struct_ref.id                         1 
_struct_ref.db_name                    UNP 
_struct_ref.db_code                    LYS_BPT4 
_struct_ref.pdbx_db_accession          P00720 
_struct_ref.entity_id                  1 
_struct_ref.pdbx_seq_one_letter_code   
;MNIFEMLRIDEGLRLKIYKDTEGYYTIGIGHLLTKSPSLNAAKSELDKAIGRNCNGVITKDEAEKLFNQDVDAAVRGILR
NAKLKPVYDSLDAVRRCALINMVFQMGETGVAGFTNSLRMLQQKRWDEAAVNLAKSRWYNQTPNRAKRVITTFRTGTWDA
YKNL
;
_struct_ref.pdbx_align_begin           1 
_struct_ref.pdbx_db_isoform            ? 
# 
_struct_ref_seq.align_id                      1 
_struct_ref_seq.ref_id                        1 
_struct_ref_seq.pdbx_PDB_id_code              2A4T 
_struct_ref_seq.pdbx_strand_id                A 
_struct_ref_seq.seq_align_beg                 1 
_struct_ref_seq.pdbx_seq_align_beg_ins_code   ? 
_struct_ref_seq.seq_align_end                 164 
_struct_ref_seq.pdbx_seq_align_end_ins_code   ? 
_struct_ref_seq.pdbx_db_accession             P00720 
_struct_ref_seq.db_align_beg                  1 
_struct_ref_seq.pdbx_db_align_beg_ins_code    ? 
_struct_ref_seq.db_align_end                  164 
_struct_ref_seq.pdbx_db_align_end_ins_code    ? 
_struct_ref_seq.pdbx_auth_seq_align_beg       1 
_struct_ref_seq.pdbx_auth_seq_align_end       164 
# 
loop_
_struct_ref_seq_dif.align_id 
_struct_ref_seq_dif.pdbx_pdb_id_code 
_struct_ref_seq_dif.mon_id 
_struct_ref_seq_dif.pdbx_pdb_strand_id 
_struct_ref_seq_dif.seq_num 
_struct_ref_seq_dif.pdbx_pdb_ins_code 
_struct_ref_seq_dif.pdbx_seq_db_name 
_struct_ref_seq_dif.pdbx_seq_db_accession_code 
_struct_ref_seq_dif.db_mon_id 
_struct_ref_seq_dif.pdbx_seq_db_seq_num 
_struct_ref_seq_dif.details 
_struct_ref_seq_dif.pdbx_auth_seq_num 
_struct_ref_seq_dif.pdbx_ordinal 
1 2A4T THR A 54  ? UNP P00720 CYS 54  'engineered mutation' 54  1 
1 2A4T ALA A 97  ? UNP P00720 CYS 97  'engineered mutation' 97  2 
1 2A4T CYS A 131 ? UNP P00720 VAL 131 'engineered mutation' 131 3 
# 
_pdbx_struct_assembly.id                   1 
_pdbx_struct_assembly.details              author_defined_assembly 
_pdbx_struct_assembly.method_details       ? 
_pdbx_struct_assembly.oligomeric_details   monomeric 
_pdbx_struct_assembly.oligomeric_count     1 
# 
_pdbx_struct_assembly_gen.assembly_id       1 
_pdbx_struct_assembly_gen.oper_expression   1 
_pdbx_struct_assembly_gen.asym_id_list      A,B,C,D,E,F,G,H 
# 
_pdbx_struct_oper_list.id                   1 
_pdbx_struct_oper_list.type                 'identity operation' 
_pdbx_struct_oper_list.name                 1_555 
_pdbx_struct_oper_list.symmetry_operation   x,y,z 
_pdbx_struct_oper_list.matrix[1][1]         1.0000000000 
_pdbx_struct_oper_list.matrix[1][2]         0.0000000000 
_pdbx_struct_oper_list.matrix[1][3]         0.0000000000 
_pdbx_struct_oper_list.vector[1]            0.0000000000 
_pdbx_struct_oper_list.matrix[2][1]         0.0000000000 
_pdbx_struct_oper_list.matrix[2][2]         1.0000000000 
_pdbx_struct_oper_list.matrix[2][3]         0.0000000000 
_pdbx_struct_oper_list.vector[2]            0.0000000000 
_pdbx_struct_oper_list.matrix[3][1]         0.0000000000 
_pdbx_struct_oper_list.matrix[3][2]         0.0000000000 
_pdbx_struct_oper_list.matrix[3][3]         1.0000000000 
_pdbx_struct_oper_list.vector[3]            0.0000000000 
# 
_struct_biol.id        1 
_struct_biol.details   ? 
# 
loop_
_struct_conf.conf_type_id 
_struct_conf.id 
_struct_conf.pdbx_PDB_helix_id 
_struct_conf.beg_label_comp_id 
_struct_conf.beg_label_asym_id 
_struct_conf.beg_label_seq_id 
_struct_conf.pdbx_beg_PDB_ins_code 
_struct_conf.end_label_comp_id 
_struct_conf.end_label_asym_id 
_struct_conf.end_label_seq_id 
_struct_conf.pdbx_end_PDB_ins_code 
_struct_conf.beg_auth_comp_id 
_struct_conf.beg_auth_asym_id 
_struct_conf.beg_auth_seq_id 
_struct_conf.end_auth_comp_id 
_struct_conf.end_auth_asym_id 
_struct_conf.end_auth_seq_id 
_struct_conf.pdbx_PDB_helix_class 
_struct_conf.details 
_struct_conf.pdbx_PDB_helix_length 
HELX_P HELX_P1  1  ASN A 2   ? GLY A 12  ? ASN A 2   GLY A 12  1 ? 11 
HELX_P HELX_P2  2  SER A 38  ? GLY A 51  ? SER A 38  GLY A 51  1 ? 14 
HELX_P HELX_P3  3  THR A 59  ? ASN A 81  ? THR A 59  ASN A 81  1 ? 23 
HELX_P HELX_P4  4  LYS A 83  ? LEU A 91  ? LYS A 83  LEU A 91  1 ? 9  
HELX_P HELX_P5  5  ASP A 92  ? GLY A 107 ? ASP A 92  GLY A 107 1 ? 16 
HELX_P HELX_P6  6  GLY A 107 ? GLY A 113 ? GLY A 107 GLY A 113 1 ? 7  
HELX_P HELX_P7  7  PHE A 114 ? GLN A 123 ? PHE A 114 GLN A 123 1 ? 10 
HELX_P HELX_P8  8  ARG A 125 ? ALA A 134 ? ARG A 125 ALA A 134 1 ? 10 
HELX_P HELX_P9  9  SER A 136 ? THR A 142 ? SER A 136 THR A 142 1 ? 7  
HELX_P HELX_P10 10 THR A 142 ? GLY A 156 ? THR A 142 GLY A 156 1 ? 15 
HELX_P HELX_P11 11 TRP A 158 ? LYS A 162 ? TRP A 158 LYS A 162 5 ? 5  
# 
_struct_conf_type.id          HELX_P 
_struct_conf_type.criteria    ? 
_struct_conf_type.reference   ? 
# 
loop_
_struct_conn.id 
_struct_conn.conn_type_id 
_struct_conn.pdbx_leaving_atom_flag 
_struct_conn.pdbx_PDB_id 
_struct_conn.ptnr1_label_asym_id 
_struct_conn.ptnr1_label_comp_id 
_struct_conn.ptnr1_label_seq_id 
_struct_conn.ptnr1_label_atom_id 
_struct_conn.pdbx_ptnr1_label_alt_id 
_struct_conn.pdbx_ptnr1_PDB_ins_code 
_struct_conn.pdbx_ptnr1_standard_comp_id 
_struct_conn.ptnr1_symmetry 
_struct_conn.ptnr2_label_asym_id 
_struct_conn.ptnr2_label_comp_id 
_struct_conn.ptnr2_label_seq_id 
_struct_conn.ptnr2_label_atom_id 
_struct_conn.pdbx_ptnr2_label_alt_id 
_struct_conn.pdbx_ptnr2_PDB_ins_code 
_struct_conn.ptnr1_auth_asym_id 
_struct_conn.ptnr1_auth_comp_id 
_struct_conn.ptnr1_auth_seq_id 
_struct_conn.ptnr2_auth_asym_id 
_struct_conn.ptnr2_auth_comp_id 
_struct_conn.ptnr2_auth_seq_id 
_struct_conn.ptnr2_symmetry 
_struct_conn.pdbx_ptnr3_label_atom_id 
_struct_conn.pdbx_ptnr3_label_seq_id 
_struct_conn.pdbx_ptnr3_label_comp_id 
_struct_conn.pdbx_ptnr3_label_asym_id 
_struct_conn.pdbx_ptnr3_label_alt_id 
_struct_conn.pdbx_ptnr3_PDB_ins_code 
_struct_conn.details 
_struct_conn.pdbx_dist_value 
_struct_conn.pdbx_value_order 
_struct_conn.pdbx_role 
covale1 covale one ? A CYS 131 SG A ? ? 1_555 B R7A . SD A ? A CYS 131 A R7A 1131 1_555 ? ? ? ? ? ? ? 1.997 ? ? 
covale2 covale one ? A CYS 131 SG B ? ? 1_555 B R7A . SD B ? A CYS 131 A R7A 1131 1_555 ? ? ? ? ? ? ? 2.002 ? ? 
# 
_struct_conn_type.id          covale 
_struct_conn_type.criteria    ? 
_struct_conn_type.reference   ? 
# 
loop_
_pdbx_modification_feature.ordinal 
_pdbx_modification_feature.label_comp_id 
_pdbx_modification_feature.label_asym_id 
_pdbx_modification_feature.label_seq_id 
_pdbx_modification_feature.label_alt_id 
_pdbx_modification_feature.modified_residue_label_comp_id 
_pdbx_modification_feature.modified_residue_label_asym_id 
_pdbx_modification_feature.modified_residue_label_seq_id 
_pdbx_modification_feature.modified_residue_label_alt_id 
_pdbx_modification_feature.auth_comp_id 
_pdbx_modification_feature.auth_asym_id 
_pdbx_modification_feature.auth_seq_id 
_pdbx_modification_feature.PDB_ins_code 
_pdbx_modification_feature.symmetry 
_pdbx_modification_feature.modified_residue_auth_comp_id 
_pdbx_modification_feature.modified_residue_auth_asym_id 
_pdbx_modification_feature.modified_residue_auth_seq_id 
_pdbx_modification_feature.modified_residue_PDB_ins_code 
_pdbx_modification_feature.modified_residue_symmetry 
_pdbx_modification_feature.comp_id_linking_atom 
_pdbx_modification_feature.modified_residue_id_linking_atom 
_pdbx_modification_feature.modified_residue_id 
_pdbx_modification_feature.ref_pcm_id 
_pdbx_modification_feature.ref_comp_id 
_pdbx_modification_feature.type 
_pdbx_modification_feature.category 
1 R7A B . A CYS A 131 A R7A A 1131 ? 1_555 CYS A 131 ? 1_555 SD SG CYS 1 R7A None 'Covalent chemical modification' 
2 R7A B . B CYS A 131 B R7A A 1131 ? 1_555 CYS A 131 ? 1_555 SD SG CYS 1 R7A None 'Covalent chemical modification' 
# 
_struct_sheet.id               A 
_struct_sheet.type             ? 
_struct_sheet.number_strands   3 
_struct_sheet.details          ? 
# 
loop_
_struct_sheet_order.sheet_id 
_struct_sheet_order.range_id_1 
_struct_sheet_order.range_id_2 
_struct_sheet_order.offset 
_struct_sheet_order.sense 
A 1 2 ? anti-parallel 
A 2 3 ? anti-parallel 
# 
loop_
_struct_sheet_range.sheet_id 
_struct_sheet_range.id 
_struct_sheet_range.beg_label_comp_id 
_struct_sheet_range.beg_label_asym_id 
_struct_sheet_range.beg_label_seq_id 
_struct_sheet_range.pdbx_beg_PDB_ins_code 
_struct_sheet_range.end_label_comp_id 
_struct_sheet_range.end_label_asym_id 
_struct_sheet_range.end_label_seq_id 
_struct_sheet_range.pdbx_end_PDB_ins_code 
_struct_sheet_range.beg_auth_comp_id 
_struct_sheet_range.beg_auth_asym_id 
_struct_sheet_range.beg_auth_seq_id 
_struct_sheet_range.end_auth_comp_id 
_struct_sheet_range.end_auth_asym_id 
_struct_sheet_range.end_auth_seq_id 
A 1 ARG A 14 ? LYS A 19 ? ARG A 14 LYS A 19 
A 2 TYR A 25 ? GLY A 28 ? TYR A 25 GLY A 28 
A 3 HIS A 31 ? LEU A 32 ? HIS A 31 LEU A 32 
# 
loop_
_pdbx_struct_sheet_hbond.sheet_id 
_pdbx_struct_sheet_hbond.range_id_1 
_pdbx_struct_sheet_hbond.range_id_2 
_pdbx_struct_sheet_hbond.range_1_label_atom_id 
_pdbx_struct_sheet_hbond.range_1_label_comp_id 
_pdbx_struct_sheet_hbond.range_1_label_asym_id 
_pdbx_struct_sheet_hbond.range_1_label_seq_id 
_pdbx_struct_sheet_hbond.range_1_PDB_ins_code 
_pdbx_struct_sheet_hbond.range_1_auth_atom_id 
_pdbx_struct_sheet_hbond.range_1_auth_comp_id 
_pdbx_struct_sheet_hbond.range_1_auth_asym_id 
_pdbx_struct_sheet_hbond.range_1_auth_seq_id 
_pdbx_struct_sheet_hbond.range_2_label_atom_id 
_pdbx_struct_sheet_hbond.range_2_label_comp_id 
_pdbx_struct_sheet_hbond.range_2_label_asym_id 
_pdbx_struct_sheet_hbond.range_2_label_seq_id 
_pdbx_struct_sheet_hbond.range_2_PDB_ins_code 
_pdbx_struct_sheet_hbond.range_2_auth_atom_id 
_pdbx_struct_sheet_hbond.range_2_auth_comp_id 
_pdbx_struct_sheet_hbond.range_2_auth_asym_id 
_pdbx_struct_sheet_hbond.range_2_auth_seq_id 
A 1 2 N TYR A 18 ? N TYR A 18 O THR A 26 ? O THR A 26 
A 2 3 N ILE A 27 ? N ILE A 27 O HIS A 31 ? O HIS A 31 
# 
loop_
_struct_site.id 
_struct_site.pdbx_evidence_code 
_struct_site.pdbx_auth_asym_id 
_struct_site.pdbx_auth_comp_id 
_struct_site.pdbx_auth_seq_id 
_struct_site.pdbx_auth_ins_code 
_struct_site.pdbx_num_residues 
_struct_site.details 
AC1 Software A R7A 1131 ? 3 'BINDING SITE FOR RESIDUE R7A A 1131' 
AC2 Software A AZI 165  ? 8 'BINDING SITE FOR RESIDUE AZI A 165'  
AC3 Software A CL  166  ? 5 'BINDING SITE FOR RESIDUE CL A 166'   
AC4 Software A CL  167  ? 6 'BINDING SITE FOR RESIDUE CL A 167'   
AC5 Software A CL  168  ? 3 'BINDING SITE FOR RESIDUE CL A 168'   
AC6 Software A HED 169  ? 8 'BINDING SITE FOR RESIDUE HED A 169'  
# 
loop_
_struct_site_gen.id 
_struct_site_gen.site_id 
_struct_site_gen.pdbx_num_res 
_struct_site_gen.label_comp_id 
_struct_site_gen.label_asym_id 
_struct_site_gen.label_seq_id 
_struct_site_gen.pdbx_auth_ins_code 
_struct_site_gen.auth_comp_id 
_struct_site_gen.auth_asym_id 
_struct_site_gen.auth_seq_id 
_struct_site_gen.label_atom_id 
_struct_site_gen.label_alt_id 
_struct_site_gen.symmetry 
_struct_site_gen.details 
1  AC1 3 ARG A 80  ? ARG A 80  . ? 2_544 ? 
2  AC1 3 GLU A 108 ? GLU A 108 . ? 2_544 ? 
3  AC1 3 CYS A 131 ? CYS A 131 . ? 1_555 ? 
4  AC2 8 LYS A 19  ? LYS A 19  . ? 4_655 ? 
5  AC2 8 ARG A 125 ? ARG A 125 . ? 1_555 ? 
6  AC2 8 TRP A 126 ? TRP A 126 . ? 1_555 ? 
7  AC2 8 ASP A 127 ? ASP A 127 . ? 1_555 ? 
8  AC2 8 GLU A 128 ? GLU A 128 . ? 1_555 ? 
9  AC2 8 HOH H .   ? HOH A 222 . ? 1_555 ? 
10 AC2 8 HOH H .   ? HOH A 241 . ? 1_555 ? 
11 AC2 8 HOH H .   ? HOH A 301 . ? 1_555 ? 
12 AC3 5 GLU A 11  ? GLU A 11  . ? 1_555 ? 
13 AC3 5 TYR A 18  ? TYR A 18  . ? 1_555 ? 
14 AC3 5 HOH H .   ? HOH A 234 . ? 1_555 ? 
15 AC3 5 HOH H .   ? HOH A 272 . ? 1_555 ? 
16 AC3 5 HOH H .   ? HOH A 345 . ? 4_545 ? 
17 AC4 6 LYS A 124 ? LYS A 124 . ? 4_545 ? 
18 AC4 6 THR A 142 ? THR A 142 . ? 1_555 ? 
19 AC4 6 ASN A 144 ? ASN A 144 . ? 1_555 ? 
20 AC4 6 ARG A 145 ? ARG A 145 . ? 1_555 ? 
21 AC4 6 HOH H .   ? HOH A 214 . ? 1_555 ? 
22 AC4 6 HOH H .   ? HOH A 286 . ? 1_555 ? 
23 AC5 3 HIS A 31  ? HIS A 31  . ? 1_555 ? 
24 AC5 3 LYS A 135 ? LYS A 135 . ? 3_655 ? 
25 AC5 3 HOH H .   ? HOH A 266 . ? 3_655 ? 
26 AC6 8 ASN A 68  ? ASN A 68  . ? 5_555 ? 
27 AC6 8 ASP A 72  ? ASP A 72  . ? 5_555 ? 
28 AC6 8 VAL A 75  ? VAL A 75  . ? 5_555 ? 
29 AC6 8 VAL A 75  ? VAL A 75  . ? 1_555 ? 
30 AC6 8 TYR A 88  ? TYR A 88  . ? 1_555 ? 
31 AC6 8 ALA A 93  ? ALA A 93  . ? 1_555 ? 
32 AC6 8 ILE A 100 ? ILE A 100 . ? 1_555 ? 
33 AC6 8 HOH H .   ? HOH A 353 . ? 1_555 ? 
# 
_pdbx_entry_details.entry_id                   2A4T 
_pdbx_entry_details.compound_details           ? 
_pdbx_entry_details.source_details             ? 
_pdbx_entry_details.nonpolymer_details         ? 
_pdbx_entry_details.sequence_details           ? 
_pdbx_entry_details.has_ligand_of_interest     ? 
_pdbx_entry_details.has_protein_modification   Y 
# 
_pdbx_validate_torsion.id              1 
_pdbx_validate_torsion.PDB_model_num   1 
_pdbx_validate_torsion.auth_comp_id    ILE 
_pdbx_validate_torsion.auth_asym_id    A 
_pdbx_validate_torsion.auth_seq_id     29 
_pdbx_validate_torsion.PDB_ins_code    ? 
_pdbx_validate_torsion.label_alt_id    ? 
_pdbx_validate_torsion.phi             -102.18 
_pdbx_validate_torsion.psi             73.90 
# 
_pdbx_database_remark.id     600 
_pdbx_database_remark.text   
;HETEROGEN
THE POSITIONS OF THE ATOMS OF THE NITROXIDE 
RING OF R7A ARE NOT UNIQUE, AS THOSE PARTICULAR 
ATOMS WERE NOT RESOLVED IN EITHER CONFORMATION 
(A OR B).  COORDINATES FOR ATOMS OF THE NITROXIDE 
RING WERE DEPOSITED IN A MINIMUM ENERGY CONFIGURATION.
;
# 
loop_
_chem_comp_atom.comp_id 
_chem_comp_atom.atom_id 
_chem_comp_atom.type_symbol 
_chem_comp_atom.pdbx_aromatic_flag 
_chem_comp_atom.pdbx_stereo_config 
_chem_comp_atom.pdbx_ordinal 
ALA N    N  N N 1   
ALA CA   C  N S 2   
ALA C    C  N N 3   
ALA O    O  N N 4   
ALA CB   C  N N 5   
ALA OXT  O  N N 6   
ALA H    H  N N 7   
ALA H2   H  N N 8   
ALA HA   H  N N 9   
ALA HB1  H  N N 10  
ALA HB2  H  N N 11  
ALA HB3  H  N N 12  
ALA HXT  H  N N 13  
ARG N    N  N N 14  
ARG CA   C  N S 15  
ARG C    C  N N 16  
ARG O    O  N N 17  
ARG CB   C  N N 18  
ARG CG   C  N N 19  
ARG CD   C  N N 20  
ARG NE   N  N N 21  
ARG CZ   C  N N 22  
ARG NH1  N  N N 23  
ARG NH2  N  N N 24  
ARG OXT  O  N N 25  
ARG H    H  N N 26  
ARG H2   H  N N 27  
ARG HA   H  N N 28  
ARG HB2  H  N N 29  
ARG HB3  H  N N 30  
ARG HG2  H  N N 31  
ARG HG3  H  N N 32  
ARG HD2  H  N N 33  
ARG HD3  H  N N 34  
ARG HE   H  N N 35  
ARG HH11 H  N N 36  
ARG HH12 H  N N 37  
ARG HH21 H  N N 38  
ARG HH22 H  N N 39  
ARG HXT  H  N N 40  
ASN N    N  N N 41  
ASN CA   C  N S 42  
ASN C    C  N N 43  
ASN O    O  N N 44  
ASN CB   C  N N 45  
ASN CG   C  N N 46  
ASN OD1  O  N N 47  
ASN ND2  N  N N 48  
ASN OXT  O  N N 49  
ASN H    H  N N 50  
ASN H2   H  N N 51  
ASN HA   H  N N 52  
ASN HB2  H  N N 53  
ASN HB3  H  N N 54  
ASN HD21 H  N N 55  
ASN HD22 H  N N 56  
ASN HXT  H  N N 57  
ASP N    N  N N 58  
ASP CA   C  N S 59  
ASP C    C  N N 60  
ASP O    O  N N 61  
ASP CB   C  N N 62  
ASP CG   C  N N 63  
ASP OD1  O  N N 64  
ASP OD2  O  N N 65  
ASP OXT  O  N N 66  
ASP H    H  N N 67  
ASP H2   H  N N 68  
ASP HA   H  N N 69  
ASP HB2  H  N N 70  
ASP HB3  H  N N 71  
ASP HD2  H  N N 72  
ASP HXT  H  N N 73  
AZI N1   N  N N 74  
AZI N2   N  N N 75  
AZI N3   N  N N 76  
CL  CL   CL N N 77  
CYS N    N  N N 78  
CYS CA   C  N R 79  
CYS C    C  N N 80  
CYS O    O  N N 81  
CYS CB   C  N N 82  
CYS SG   S  N N 83  
CYS OXT  O  N N 84  
CYS H    H  N N 85  
CYS H2   H  N N 86  
CYS HA   H  N N 87  
CYS HB2  H  N N 88  
CYS HB3  H  N N 89  
CYS HG   H  N N 90  
CYS HXT  H  N N 91  
GLN N    N  N N 92  
GLN CA   C  N S 93  
GLN C    C  N N 94  
GLN O    O  N N 95  
GLN CB   C  N N 96  
GLN CG   C  N N 97  
GLN CD   C  N N 98  
GLN OE1  O  N N 99  
GLN NE2  N  N N 100 
GLN OXT  O  N N 101 
GLN H    H  N N 102 
GLN H2   H  N N 103 
GLN HA   H  N N 104 
GLN HB2  H  N N 105 
GLN HB3  H  N N 106 
GLN HG2  H  N N 107 
GLN HG3  H  N N 108 
GLN HE21 H  N N 109 
GLN HE22 H  N N 110 
GLN HXT  H  N N 111 
GLU N    N  N N 112 
GLU CA   C  N S 113 
GLU C    C  N N 114 
GLU O    O  N N 115 
GLU CB   C  N N 116 
GLU CG   C  N N 117 
GLU CD   C  N N 118 
GLU OE1  O  N N 119 
GLU OE2  O  N N 120 
GLU OXT  O  N N 121 
GLU H    H  N N 122 
GLU H2   H  N N 123 
GLU HA   H  N N 124 
GLU HB2  H  N N 125 
GLU HB3  H  N N 126 
GLU HG2  H  N N 127 
GLU HG3  H  N N 128 
GLU HE2  H  N N 129 
GLU HXT  H  N N 130 
GLY N    N  N N 131 
GLY CA   C  N N 132 
GLY C    C  N N 133 
GLY O    O  N N 134 
GLY OXT  O  N N 135 
GLY H    H  N N 136 
GLY H2   H  N N 137 
GLY HA2  H  N N 138 
GLY HA3  H  N N 139 
GLY HXT  H  N N 140 
HED C1   C  N N 141 
HED O1   O  N N 142 
HED C2   C  N N 143 
HED S3   S  N N 144 
HED S4   S  N N 145 
HED C5   C  N N 146 
HED C6   C  N N 147 
HED O6   O  N N 148 
HED H11  H  N N 149 
HED H12  H  N N 150 
HED HO1  H  N N 151 
HED H21  H  N N 152 
HED H22  H  N N 153 
HED H51  H  N N 154 
HED H52  H  N N 155 
HED H61  H  N N 156 
HED H62  H  N N 157 
HED HO6  H  N N 158 
HIS N    N  N N 159 
HIS CA   C  N S 160 
HIS C    C  N N 161 
HIS O    O  N N 162 
HIS CB   C  N N 163 
HIS CG   C  Y N 164 
HIS ND1  N  Y N 165 
HIS CD2  C  Y N 166 
HIS CE1  C  Y N 167 
HIS NE2  N  Y N 168 
HIS OXT  O  N N 169 
HIS H    H  N N 170 
HIS H2   H  N N 171 
HIS HA   H  N N 172 
HIS HB2  H  N N 173 
HIS HB3  H  N N 174 
HIS HD1  H  N N 175 
HIS HD2  H  N N 176 
HIS HE1  H  N N 177 
HIS HE2  H  N N 178 
HIS HXT  H  N N 179 
HOH O    O  N N 180 
HOH H1   H  N N 181 
HOH H2   H  N N 182 
ILE N    N  N N 183 
ILE CA   C  N S 184 
ILE C    C  N N 185 
ILE O    O  N N 186 
ILE CB   C  N S 187 
ILE CG1  C  N N 188 
ILE CG2  C  N N 189 
ILE CD1  C  N N 190 
ILE OXT  O  N N 191 
ILE H    H  N N 192 
ILE H2   H  N N 193 
ILE HA   H  N N 194 
ILE HB   H  N N 195 
ILE HG12 H  N N 196 
ILE HG13 H  N N 197 
ILE HG21 H  N N 198 
ILE HG22 H  N N 199 
ILE HG23 H  N N 200 
ILE HD11 H  N N 201 
ILE HD12 H  N N 202 
ILE HD13 H  N N 203 
ILE HXT  H  N N 204 
LEU N    N  N N 205 
LEU CA   C  N S 206 
LEU C    C  N N 207 
LEU O    O  N N 208 
LEU CB   C  N N 209 
LEU CG   C  N N 210 
LEU CD1  C  N N 211 
LEU CD2  C  N N 212 
LEU OXT  O  N N 213 
LEU H    H  N N 214 
LEU H2   H  N N 215 
LEU HA   H  N N 216 
LEU HB2  H  N N 217 
LEU HB3  H  N N 218 
LEU HG   H  N N 219 
LEU HD11 H  N N 220 
LEU HD12 H  N N 221 
LEU HD13 H  N N 222 
LEU HD21 H  N N 223 
LEU HD22 H  N N 224 
LEU HD23 H  N N 225 
LEU HXT  H  N N 226 
LYS N    N  N N 227 
LYS CA   C  N S 228 
LYS C    C  N N 229 
LYS O    O  N N 230 
LYS CB   C  N N 231 
LYS CG   C  N N 232 
LYS CD   C  N N 233 
LYS CE   C  N N 234 
LYS NZ   N  N N 235 
LYS OXT  O  N N 236 
LYS H    H  N N 237 
LYS H2   H  N N 238 
LYS HA   H  N N 239 
LYS HB2  H  N N 240 
LYS HB3  H  N N 241 
LYS HG2  H  N N 242 
LYS HG3  H  N N 243 
LYS HD2  H  N N 244 
LYS HD3  H  N N 245 
LYS HE2  H  N N 246 
LYS HE3  H  N N 247 
LYS HZ1  H  N N 248 
LYS HZ2  H  N N 249 
LYS HZ3  H  N N 250 
LYS HXT  H  N N 251 
MET N    N  N N 252 
MET CA   C  N S 253 
MET C    C  N N 254 
MET O    O  N N 255 
MET CB   C  N N 256 
MET CG   C  N N 257 
MET SD   S  N N 258 
MET CE   C  N N 259 
MET OXT  O  N N 260 
MET H    H  N N 261 
MET H2   H  N N 262 
MET HA   H  N N 263 
MET HB2  H  N N 264 
MET HB3  H  N N 265 
MET HG2  H  N N 266 
MET HG3  H  N N 267 
MET HE1  H  N N 268 
MET HE2  H  N N 269 
MET HE3  H  N N 270 
MET HXT  H  N N 271 
PHE N    N  N N 272 
PHE CA   C  N S 273 
PHE C    C  N N 274 
PHE O    O  N N 275 
PHE CB   C  N N 276 
PHE CG   C  Y N 277 
PHE CD1  C  Y N 278 
PHE CD2  C  Y N 279 
PHE CE1  C  Y N 280 
PHE CE2  C  Y N 281 
PHE CZ   C  Y N 282 
PHE OXT  O  N N 283 
PHE H    H  N N 284 
PHE H2   H  N N 285 
PHE HA   H  N N 286 
PHE HB2  H  N N 287 
PHE HB3  H  N N 288 
PHE HD1  H  N N 289 
PHE HD2  H  N N 290 
PHE HE1  H  N N 291 
PHE HE2  H  N N 292 
PHE HZ   H  N N 293 
PHE HXT  H  N N 294 
PRO N    N  N N 295 
PRO CA   C  N S 296 
PRO C    C  N N 297 
PRO O    O  N N 298 
PRO CB   C  N N 299 
PRO CG   C  N N 300 
PRO CD   C  N N 301 
PRO OXT  O  N N 302 
PRO H    H  N N 303 
PRO HA   H  N N 304 
PRO HB2  H  N N 305 
PRO HB3  H  N N 306 
PRO HG2  H  N N 307 
PRO HG3  H  N N 308 
PRO HD2  H  N N 309 
PRO HD3  H  N N 310 
PRO HXT  H  N N 311 
R7A SD   S  N N 312 
R7A CE   C  N N 313 
R7A C3   C  N N 314 
R7A C2   C  N N 315 
R7A C9   C  N N 316 
R7A C8   C  N N 317 
R7A C4   C  N N 318 
R7A BR4  BR N N 319 
R7A C5   C  N N 320 
R7A C6   C  N N 321 
R7A C7   C  N N 322 
R7A N1   N  N N 323 
R7A O1   O  N N 324 
R7A H8   H  N N 325 
R7A H9   H  N N 326 
R7A H10  H  N N 327 
R7A H11  H  N N 328 
R7A H12  H  N N 329 
R7A H13  H  N N 330 
R7A H14  H  N N 331 
R7A H15  H  N N 332 
R7A H16  H  N N 333 
R7A H17  H  N N 334 
R7A H18  H  N N 335 
R7A H19  H  N N 336 
R7A H20  H  N N 337 
R7A H21  H  N N 338 
R7A S1   S  N N 339 
R7A C10  C  N N 340 
R7A O2   O  N N 341 
R7A O3   O  N N 342 
R7A H1   H  N N 343 
R7A H2   H  N N 344 
R7A H3   H  N N 345 
SER N    N  N N 346 
SER CA   C  N S 347 
SER C    C  N N 348 
SER O    O  N N 349 
SER CB   C  N N 350 
SER OG   O  N N 351 
SER OXT  O  N N 352 
SER H    H  N N 353 
SER H2   H  N N 354 
SER HA   H  N N 355 
SER HB2  H  N N 356 
SER HB3  H  N N 357 
SER HG   H  N N 358 
SER HXT  H  N N 359 
THR N    N  N N 360 
THR CA   C  N S 361 
THR C    C  N N 362 
THR O    O  N N 363 
THR CB   C  N R 364 
THR OG1  O  N N 365 
THR CG2  C  N N 366 
THR OXT  O  N N 367 
THR H    H  N N 368 
THR H2   H  N N 369 
THR HA   H  N N 370 
THR HB   H  N N 371 
THR HG1  H  N N 372 
THR HG21 H  N N 373 
THR HG22 H  N N 374 
THR HG23 H  N N 375 
THR HXT  H  N N 376 
TRP N    N  N N 377 
TRP CA   C  N S 378 
TRP C    C  N N 379 
TRP O    O  N N 380 
TRP CB   C  N N 381 
TRP CG   C  Y N 382 
TRP CD1  C  Y N 383 
TRP CD2  C  Y N 384 
TRP NE1  N  Y N 385 
TRP CE2  C  Y N 386 
TRP CE3  C  Y N 387 
TRP CZ2  C  Y N 388 
TRP CZ3  C  Y N 389 
TRP CH2  C  Y N 390 
TRP OXT  O  N N 391 
TRP H    H  N N 392 
TRP H2   H  N N 393 
TRP HA   H  N N 394 
TRP HB2  H  N N 395 
TRP HB3  H  N N 396 
TRP HD1  H  N N 397 
TRP HE1  H  N N 398 
TRP HE3  H  N N 399 
TRP HZ2  H  N N 400 
TRP HZ3  H  N N 401 
TRP HH2  H  N N 402 
TRP HXT  H  N N 403 
TYR N    N  N N 404 
TYR CA   C  N S 405 
TYR C    C  N N 406 
TYR O    O  N N 407 
TYR CB   C  N N 408 
TYR CG   C  Y N 409 
TYR CD1  C  Y N 410 
TYR CD2  C  Y N 411 
TYR CE1  C  Y N 412 
TYR CE2  C  Y N 413 
TYR CZ   C  Y N 414 
TYR OH   O  N N 415 
TYR OXT  O  N N 416 
TYR H    H  N N 417 
TYR H2   H  N N 418 
TYR HA   H  N N 419 
TYR HB2  H  N N 420 
TYR HB3  H  N N 421 
TYR HD1  H  N N 422 
TYR HD2  H  N N 423 
TYR HE1  H  N N 424 
TYR HE2  H  N N 425 
TYR HH   H  N N 426 
TYR HXT  H  N N 427 
VAL N    N  N N 428 
VAL CA   C  N S 429 
VAL C    C  N N 430 
VAL O    O  N N 431 
VAL CB   C  N N 432 
VAL CG1  C  N N 433 
VAL CG2  C  N N 434 
VAL OXT  O  N N 435 
VAL H    H  N N 436 
VAL H2   H  N N 437 
VAL HA   H  N N 438 
VAL HB   H  N N 439 
VAL HG11 H  N N 440 
VAL HG12 H  N N 441 
VAL HG13 H  N N 442 
VAL HG21 H  N N 443 
VAL HG22 H  N N 444 
VAL HG23 H  N N 445 
VAL HXT  H  N N 446 
# 
loop_
_chem_comp_bond.comp_id 
_chem_comp_bond.atom_id_1 
_chem_comp_bond.atom_id_2 
_chem_comp_bond.value_order 
_chem_comp_bond.pdbx_aromatic_flag 
_chem_comp_bond.pdbx_stereo_config 
_chem_comp_bond.pdbx_ordinal 
ALA N   CA   sing N N 1   
ALA N   H    sing N N 2   
ALA N   H2   sing N N 3   
ALA CA  C    sing N N 4   
ALA CA  CB   sing N N 5   
ALA CA  HA   sing N N 6   
ALA C   O    doub N N 7   
ALA C   OXT  sing N N 8   
ALA CB  HB1  sing N N 9   
ALA CB  HB2  sing N N 10  
ALA CB  HB3  sing N N 11  
ALA OXT HXT  sing N N 12  
ARG N   CA   sing N N 13  
ARG N   H    sing N N 14  
ARG N   H2   sing N N 15  
ARG CA  C    sing N N 16  
ARG CA  CB   sing N N 17  
ARG CA  HA   sing N N 18  
ARG C   O    doub N N 19  
ARG C   OXT  sing N N 20  
ARG CB  CG   sing N N 21  
ARG CB  HB2  sing N N 22  
ARG CB  HB3  sing N N 23  
ARG CG  CD   sing N N 24  
ARG CG  HG2  sing N N 25  
ARG CG  HG3  sing N N 26  
ARG CD  NE   sing N N 27  
ARG CD  HD2  sing N N 28  
ARG CD  HD3  sing N N 29  
ARG NE  CZ   sing N N 30  
ARG NE  HE   sing N N 31  
ARG CZ  NH1  sing N N 32  
ARG CZ  NH2  doub N N 33  
ARG NH1 HH11 sing N N 34  
ARG NH1 HH12 sing N N 35  
ARG NH2 HH21 sing N N 36  
ARG NH2 HH22 sing N N 37  
ARG OXT HXT  sing N N 38  
ASN N   CA   sing N N 39  
ASN N   H    sing N N 40  
ASN N   H2   sing N N 41  
ASN CA  C    sing N N 42  
ASN CA  CB   sing N N 43  
ASN CA  HA   sing N N 44  
ASN C   O    doub N N 45  
ASN C   OXT  sing N N 46  
ASN CB  CG   sing N N 47  
ASN CB  HB2  sing N N 48  
ASN CB  HB3  sing N N 49  
ASN CG  OD1  doub N N 50  
ASN CG  ND2  sing N N 51  
ASN ND2 HD21 sing N N 52  
ASN ND2 HD22 sing N N 53  
ASN OXT HXT  sing N N 54  
ASP N   CA   sing N N 55  
ASP N   H    sing N N 56  
ASP N   H2   sing N N 57  
ASP CA  C    sing N N 58  
ASP CA  CB   sing N N 59  
ASP CA  HA   sing N N 60  
ASP C   O    doub N N 61  
ASP C   OXT  sing N N 62  
ASP CB  CG   sing N N 63  
ASP CB  HB2  sing N N 64  
ASP CB  HB3  sing N N 65  
ASP CG  OD1  doub N N 66  
ASP CG  OD2  sing N N 67  
ASP OD2 HD2  sing N N 68  
ASP OXT HXT  sing N N 69  
AZI N1  N2   doub N N 70  
AZI N2  N3   doub N N 71  
CYS N   CA   sing N N 72  
CYS N   H    sing N N 73  
CYS N   H2   sing N N 74  
CYS CA  C    sing N N 75  
CYS CA  CB   sing N N 76  
CYS CA  HA   sing N N 77  
CYS C   O    doub N N 78  
CYS C   OXT  sing N N 79  
CYS CB  SG   sing N N 80  
CYS CB  HB2  sing N N 81  
CYS CB  HB3  sing N N 82  
CYS SG  HG   sing N N 83  
CYS OXT HXT  sing N N 84  
GLN N   CA   sing N N 85  
GLN N   H    sing N N 86  
GLN N   H2   sing N N 87  
GLN CA  C    sing N N 88  
GLN CA  CB   sing N N 89  
GLN CA  HA   sing N N 90  
GLN C   O    doub N N 91  
GLN C   OXT  sing N N 92  
GLN CB  CG   sing N N 93  
GLN CB  HB2  sing N N 94  
GLN CB  HB3  sing N N 95  
GLN CG  CD   sing N N 96  
GLN CG  HG2  sing N N 97  
GLN CG  HG3  sing N N 98  
GLN CD  OE1  doub N N 99  
GLN CD  NE2  sing N N 100 
GLN NE2 HE21 sing N N 101 
GLN NE2 HE22 sing N N 102 
GLN OXT HXT  sing N N 103 
GLU N   CA   sing N N 104 
GLU N   H    sing N N 105 
GLU N   H2   sing N N 106 
GLU CA  C    sing N N 107 
GLU CA  CB   sing N N 108 
GLU CA  HA   sing N N 109 
GLU C   O    doub N N 110 
GLU C   OXT  sing N N 111 
GLU CB  CG   sing N N 112 
GLU CB  HB2  sing N N 113 
GLU CB  HB3  sing N N 114 
GLU CG  CD   sing N N 115 
GLU CG  HG2  sing N N 116 
GLU CG  HG3  sing N N 117 
GLU CD  OE1  doub N N 118 
GLU CD  OE2  sing N N 119 
GLU OE2 HE2  sing N N 120 
GLU OXT HXT  sing N N 121 
GLY N   CA   sing N N 122 
GLY N   H    sing N N 123 
GLY N   H2   sing N N 124 
GLY CA  C    sing N N 125 
GLY CA  HA2  sing N N 126 
GLY CA  HA3  sing N N 127 
GLY C   O    doub N N 128 
GLY C   OXT  sing N N 129 
GLY OXT HXT  sing N N 130 
HED C1  O1   sing N N 131 
HED C1  C2   sing N N 132 
HED C1  H11  sing N N 133 
HED C1  H12  sing N N 134 
HED O1  HO1  sing N N 135 
HED C2  S3   sing N N 136 
HED C2  H21  sing N N 137 
HED C2  H22  sing N N 138 
HED S3  S4   sing N N 139 
HED S4  C5   sing N N 140 
HED C5  C6   sing N N 141 
HED C5  H51  sing N N 142 
HED C5  H52  sing N N 143 
HED C6  O6   sing N N 144 
HED C6  H61  sing N N 145 
HED C6  H62  sing N N 146 
HED O6  HO6  sing N N 147 
HIS N   CA   sing N N 148 
HIS N   H    sing N N 149 
HIS N   H2   sing N N 150 
HIS CA  C    sing N N 151 
HIS CA  CB   sing N N 152 
HIS CA  HA   sing N N 153 
HIS C   O    doub N N 154 
HIS C   OXT  sing N N 155 
HIS CB  CG   sing N N 156 
HIS CB  HB2  sing N N 157 
HIS CB  HB3  sing N N 158 
HIS CG  ND1  sing Y N 159 
HIS CG  CD2  doub Y N 160 
HIS ND1 CE1  doub Y N 161 
HIS ND1 HD1  sing N N 162 
HIS CD2 NE2  sing Y N 163 
HIS CD2 HD2  sing N N 164 
HIS CE1 NE2  sing Y N 165 
HIS CE1 HE1  sing N N 166 
HIS NE2 HE2  sing N N 167 
HIS OXT HXT  sing N N 168 
HOH O   H1   sing N N 169 
HOH O   H2   sing N N 170 
ILE N   CA   sing N N 171 
ILE N   H    sing N N 172 
ILE N   H2   sing N N 173 
ILE CA  C    sing N N 174 
ILE CA  CB   sing N N 175 
ILE CA  HA   sing N N 176 
ILE C   O    doub N N 177 
ILE C   OXT  sing N N 178 
ILE CB  CG1  sing N N 179 
ILE CB  CG2  sing N N 180 
ILE CB  HB   sing N N 181 
ILE CG1 CD1  sing N N 182 
ILE CG1 HG12 sing N N 183 
ILE CG1 HG13 sing N N 184 
ILE CG2 HG21 sing N N 185 
ILE CG2 HG22 sing N N 186 
ILE CG2 HG23 sing N N 187 
ILE CD1 HD11 sing N N 188 
ILE CD1 HD12 sing N N 189 
ILE CD1 HD13 sing N N 190 
ILE OXT HXT  sing N N 191 
LEU N   CA   sing N N 192 
LEU N   H    sing N N 193 
LEU N   H2   sing N N 194 
LEU CA  C    sing N N 195 
LEU CA  CB   sing N N 196 
LEU CA  HA   sing N N 197 
LEU C   O    doub N N 198 
LEU C   OXT  sing N N 199 
LEU CB  CG   sing N N 200 
LEU CB  HB2  sing N N 201 
LEU CB  HB3  sing N N 202 
LEU CG  CD1  sing N N 203 
LEU CG  CD2  sing N N 204 
LEU CG  HG   sing N N 205 
LEU CD1 HD11 sing N N 206 
LEU CD1 HD12 sing N N 207 
LEU CD1 HD13 sing N N 208 
LEU CD2 HD21 sing N N 209 
LEU CD2 HD22 sing N N 210 
LEU CD2 HD23 sing N N 211 
LEU OXT HXT  sing N N 212 
LYS N   CA   sing N N 213 
LYS N   H    sing N N 214 
LYS N   H2   sing N N 215 
LYS CA  C    sing N N 216 
LYS CA  CB   sing N N 217 
LYS CA  HA   sing N N 218 
LYS C   O    doub N N 219 
LYS C   OXT  sing N N 220 
LYS CB  CG   sing N N 221 
LYS CB  HB2  sing N N 222 
LYS CB  HB3  sing N N 223 
LYS CG  CD   sing N N 224 
LYS CG  HG2  sing N N 225 
LYS CG  HG3  sing N N 226 
LYS CD  CE   sing N N 227 
LYS CD  HD2  sing N N 228 
LYS CD  HD3  sing N N 229 
LYS CE  NZ   sing N N 230 
LYS CE  HE2  sing N N 231 
LYS CE  HE3  sing N N 232 
LYS NZ  HZ1  sing N N 233 
LYS NZ  HZ2  sing N N 234 
LYS NZ  HZ3  sing N N 235 
LYS OXT HXT  sing N N 236 
MET N   CA   sing N N 237 
MET N   H    sing N N 238 
MET N   H2   sing N N 239 
MET CA  C    sing N N 240 
MET CA  CB   sing N N 241 
MET CA  HA   sing N N 242 
MET C   O    doub N N 243 
MET C   OXT  sing N N 244 
MET CB  CG   sing N N 245 
MET CB  HB2  sing N N 246 
MET CB  HB3  sing N N 247 
MET CG  SD   sing N N 248 
MET CG  HG2  sing N N 249 
MET CG  HG3  sing N N 250 
MET SD  CE   sing N N 251 
MET CE  HE1  sing N N 252 
MET CE  HE2  sing N N 253 
MET CE  HE3  sing N N 254 
MET OXT HXT  sing N N 255 
PHE N   CA   sing N N 256 
PHE N   H    sing N N 257 
PHE N   H2   sing N N 258 
PHE CA  C    sing N N 259 
PHE CA  CB   sing N N 260 
PHE CA  HA   sing N N 261 
PHE C   O    doub N N 262 
PHE C   OXT  sing N N 263 
PHE CB  CG   sing N N 264 
PHE CB  HB2  sing N N 265 
PHE CB  HB3  sing N N 266 
PHE CG  CD1  doub Y N 267 
PHE CG  CD2  sing Y N 268 
PHE CD1 CE1  sing Y N 269 
PHE CD1 HD1  sing N N 270 
PHE CD2 CE2  doub Y N 271 
PHE CD2 HD2  sing N N 272 
PHE CE1 CZ   doub Y N 273 
PHE CE1 HE1  sing N N 274 
PHE CE2 CZ   sing Y N 275 
PHE CE2 HE2  sing N N 276 
PHE CZ  HZ   sing N N 277 
PHE OXT HXT  sing N N 278 
PRO N   CA   sing N N 279 
PRO N   CD   sing N N 280 
PRO N   H    sing N N 281 
PRO CA  C    sing N N 282 
PRO CA  CB   sing N N 283 
PRO CA  HA   sing N N 284 
PRO C   O    doub N N 285 
PRO C   OXT  sing N N 286 
PRO CB  CG   sing N N 287 
PRO CB  HB2  sing N N 288 
PRO CB  HB3  sing N N 289 
PRO CG  CD   sing N N 290 
PRO CG  HG2  sing N N 291 
PRO CG  HG3  sing N N 292 
PRO CD  HD2  sing N N 293 
PRO CD  HD3  sing N N 294 
PRO OXT HXT  sing N N 295 
R7A C9  C2   sing N N 296 
R7A C7  C5   sing N N 297 
R7A O1  N1   sing N N 298 
R7A N1  C2   sing N N 299 
R7A N1  C5   sing N N 300 
R7A C2  C3   sing N N 301 
R7A C2  C8   sing N N 302 
R7A C5  C4   sing N N 303 
R7A C5  C6   sing N N 304 
R7A C4  C3   doub N N 305 
R7A C4  BR4  sing N N 306 
R7A C3  CE   sing N N 307 
R7A CE  SD   sing N N 308 
R7A CE  H8   sing N N 309 
R7A CE  H9   sing N N 310 
R7A C9  H10  sing N N 311 
R7A C9  H11  sing N N 312 
R7A C9  H12  sing N N 313 
R7A C8  H13  sing N N 314 
R7A C8  H14  sing N N 315 
R7A C8  H15  sing N N 316 
R7A C6  H16  sing N N 317 
R7A C6  H17  sing N N 318 
R7A C6  H18  sing N N 319 
R7A C7  H19  sing N N 320 
R7A C7  H20  sing N N 321 
R7A C7  H21  sing N N 322 
R7A SD  S1   sing N N 323 
R7A S1  C10  sing N N 324 
R7A S1  O2   doub N N 325 
R7A S1  O3   doub N N 326 
R7A C10 H1   sing N N 327 
R7A C10 H2   sing N N 328 
R7A C10 H3   sing N N 329 
SER N   CA   sing N N 330 
SER N   H    sing N N 331 
SER N   H2   sing N N 332 
SER CA  C    sing N N 333 
SER CA  CB   sing N N 334 
SER CA  HA   sing N N 335 
SER C   O    doub N N 336 
SER C   OXT  sing N N 337 
SER CB  OG   sing N N 338 
SER CB  HB2  sing N N 339 
SER CB  HB3  sing N N 340 
SER OG  HG   sing N N 341 
SER OXT HXT  sing N N 342 
THR N   CA   sing N N 343 
THR N   H    sing N N 344 
THR N   H2   sing N N 345 
THR CA  C    sing N N 346 
THR CA  CB   sing N N 347 
THR CA  HA   sing N N 348 
THR C   O    doub N N 349 
THR C   OXT  sing N N 350 
THR CB  OG1  sing N N 351 
THR CB  CG2  sing N N 352 
THR CB  HB   sing N N 353 
THR OG1 HG1  sing N N 354 
THR CG2 HG21 sing N N 355 
THR CG2 HG22 sing N N 356 
THR CG2 HG23 sing N N 357 
THR OXT HXT  sing N N 358 
TRP N   CA   sing N N 359 
TRP N   H    sing N N 360 
TRP N   H2   sing N N 361 
TRP CA  C    sing N N 362 
TRP CA  CB   sing N N 363 
TRP CA  HA   sing N N 364 
TRP C   O    doub N N 365 
TRP C   OXT  sing N N 366 
TRP CB  CG   sing N N 367 
TRP CB  HB2  sing N N 368 
TRP CB  HB3  sing N N 369 
TRP CG  CD1  doub Y N 370 
TRP CG  CD2  sing Y N 371 
TRP CD1 NE1  sing Y N 372 
TRP CD1 HD1  sing N N 373 
TRP CD2 CE2  doub Y N 374 
TRP CD2 CE3  sing Y N 375 
TRP NE1 CE2  sing Y N 376 
TRP NE1 HE1  sing N N 377 
TRP CE2 CZ2  sing Y N 378 
TRP CE3 CZ3  doub Y N 379 
TRP CE3 HE3  sing N N 380 
TRP CZ2 CH2  doub Y N 381 
TRP CZ2 HZ2  sing N N 382 
TRP CZ3 CH2  sing Y N 383 
TRP CZ3 HZ3  sing N N 384 
TRP CH2 HH2  sing N N 385 
TRP OXT HXT  sing N N 386 
TYR N   CA   sing N N 387 
TYR N   H    sing N N 388 
TYR N   H2   sing N N 389 
TYR CA  C    sing N N 390 
TYR CA  CB   sing N N 391 
TYR CA  HA   sing N N 392 
TYR C   O    doub N N 393 
TYR C   OXT  sing N N 394 
TYR CB  CG   sing N N 395 
TYR CB  HB2  sing N N 396 
TYR CB  HB3  sing N N 397 
TYR CG  CD1  doub Y N 398 
TYR CG  CD2  sing Y N 399 
TYR CD1 CE1  sing Y N 400 
TYR CD1 HD1  sing N N 401 
TYR CD2 CE2  doub Y N 402 
TYR CD2 HD2  sing N N 403 
TYR CE1 CZ   doub Y N 404 
TYR CE1 HE1  sing N N 405 
TYR CE2 CZ   sing Y N 406 
TYR CE2 HE2  sing N N 407 
TYR CZ  OH   sing N N 408 
TYR OH  HH   sing N N 409 
TYR OXT HXT  sing N N 410 
VAL N   CA   sing N N 411 
VAL N   H    sing N N 412 
VAL N   H2   sing N N 413 
VAL CA  C    sing N N 414 
VAL CA  CB   sing N N 415 
VAL CA  HA   sing N N 416 
VAL C   O    doub N N 417 
VAL C   OXT  sing N N 418 
VAL CB  CG1  sing N N 419 
VAL CB  CG2  sing N N 420 
VAL CB  HB   sing N N 421 
VAL CG1 HG11 sing N N 422 
VAL CG1 HG12 sing N N 423 
VAL CG1 HG13 sing N N 424 
VAL CG2 HG21 sing N N 425 
VAL CG2 HG22 sing N N 426 
VAL CG2 HG23 sing N N 427 
VAL OXT HXT  sing N N 428 
# 
_pdbx_initial_refinement_model.id               1 
_pdbx_initial_refinement_model.entity_id_list   ? 
_pdbx_initial_refinement_model.type             'experimental model' 
_pdbx_initial_refinement_model.source_name      PDB 
_pdbx_initial_refinement_model.accession_code   1C6T 
_pdbx_initial_refinement_model.details          ? 
# 
_atom_sites.entry_id                    2A4T 
_atom_sites.fract_transf_matrix[1][1]   -0.00084520 
_atom_sites.fract_transf_matrix[1][2]   -0.01922066 
_atom_sites.fract_transf_matrix[1][3]   0.00161559 
_atom_sites.fract_transf_matrix[2][1]   0.01625494 
_atom_sites.fract_transf_matrix[2][2]   -0.01026032 
_atom_sites.fract_transf_matrix[2][3]   0.00180641 
_atom_sites.fract_transf_matrix[3][1]   -0.00058802 
_atom_sites.fract_transf_matrix[3][2]   0.00090058 
_atom_sites.fract_transf_matrix[3][3]   0.01040657 
_atom_sites.fract_transf_vector[1]      0.312498 
_atom_sites.fract_transf_vector[2]      -0.220819 
_atom_sites.fract_transf_vector[3]      0.101845 
# 
loop_
_atom_type.symbol 
BR 
C  
CL 
N  
O  
S  
# 
loop_
_atom_site.group_PDB 
_atom_site.id 
_atom_site.type_symbol 
_atom_site.label_atom_id 
_atom_site.label_alt_id 
_atom_site.label_comp_id 
_atom_site.label_asym_id 
_atom_site.label_entity_id 
_atom_site.label_seq_id 
_atom_site.pdbx_PDB_ins_code 
_atom_site.Cartn_x 
_atom_site.Cartn_y 
_atom_site.Cartn_z 
_atom_site.occupancy 
_atom_site.B_iso_or_equiv 
_atom_site.pdbx_formal_charge 
_atom_site.auth_seq_id 
_atom_site.auth_comp_id 
_atom_site.auth_asym_id 
_atom_site.auth_atom_id 
_atom_site.pdbx_PDB_model_num 
ATOM   1    N  N   . MET A 1 1   ? 17.113  -0.018  0.028   1.00 14.73 ? 1    MET A N   1 
ATOM   2    C  CA  . MET A 1 1   ? 15.632  0.043   -0.109  1.00 14.62 ? 1    MET A CA  1 
ATOM   3    C  C   . MET A 1 1   ? 14.991  -1.186  0.538   1.00 13.40 ? 1    MET A C   1 
ATOM   4    O  O   . MET A 1 1   ? 15.587  -2.254  0.579   1.00 14.11 ? 1    MET A O   1 
ATOM   5    C  CB  . MET A 1 1   ? 15.258  0.137   -1.596  1.00 14.96 ? 1    MET A CB  1 
ATOM   6    C  CG  . MET A 1 1   ? 13.794  0.447   -1.909  1.00 16.49 ? 1    MET A CG  1 
ATOM   7    S  SD  . MET A 1 1   ? 13.086  1.919   -1.129  1.00 19.58 ? 1    MET A SD  1 
ATOM   8    C  CE  . MET A 1 1   ? 14.313  3.106   -1.592  1.00 13.48 ? 1    MET A CE  1 
ATOM   9    N  N   . ASN A 1 2   ? 13.781  -1.005  1.062   1.00 12.42 ? 2    ASN A N   1 
ATOM   10   C  CA  . ASN A 1 2   ? 12.991  -2.074  1.670   1.00 11.96 ? 2    ASN A CA  1 
ATOM   11   C  C   . ASN A 1 2   ? 11.521  -1.623  1.665   1.00 11.61 ? 2    ASN A C   1 
ATOM   12   O  O   . ASN A 1 2   ? 11.237  -0.483  1.294   1.00 11.08 ? 2    ASN A O   1 
ATOM   13   C  CB  . ASN A 1 2   ? 13.499  -2.407  3.085   1.00 12.57 ? 2    ASN A CB  1 
ATOM   14   C  CG  . ASN A 1 2   ? 13.435  -1.227  4.024   1.00 12.11 ? 2    ASN A CG  1 
ATOM   15   O  OD1 . ASN A 1 2   ? 12.376  -0.627  4.214   1.00 10.95 ? 2    ASN A OD1 1 
ATOM   16   N  ND2 . ASN A 1 2   ? 14.568  -0.909  4.655   1.00 11.67 ? 2    ASN A ND2 1 
ATOM   17   N  N   . ILE A 1 3   ? 10.604  -2.501  2.073   1.00 10.88 ? 3    ILE A N   1 
ATOM   18   C  CA  . ILE A 1 3   ? 9.164   -2.172  2.031   1.00 10.67 ? 3    ILE A CA  1 
ATOM   19   C  C   . ILE A 1 3   ? 8.801   -0.887  2.802   1.00 10.77 ? 3    ILE A C   1 
ATOM   20   O  O   . ILE A 1 3   ? 7.937   -0.114  2.365   1.00 10.92 ? 3    ILE A O   1 
ATOM   21   C  CB  . ILE A 1 3   ? 8.275   -3.362  2.481   1.00 10.49 ? 3    ILE A CB  1 
ATOM   22   C  CG1 . ILE A 1 3   ? 6.779   -3.030  2.344   1.00 10.32 ? 3    ILE A CG1 1 
ATOM   23   C  CG2 . ILE A 1 3   ? 8.630   -3.801  3.902   1.00 10.98 ? 3    ILE A CG2 1 
ATOM   24   C  CD1 . ILE A 1 3   ? 6.331   -2.703  0.922   1.00 11.59 ? 3    ILE A CD1 1 
ATOM   25   N  N   . PHE A 1 4   ? 9.450   -0.673  3.946   1.00 10.50 ? 4    PHE A N   1 
ATOM   26   C  CA  . PHE A 1 4   ? 9.192   0.536   4.725   1.00 10.58 ? 4    PHE A CA  1 
ATOM   27   C  C   . PHE A 1 4   ? 9.629   1.789   3.979   1.00 10.82 ? 4    PHE A C   1 
ATOM   28   O  O   . PHE A 1 4   ? 8.856   2.742   3.871   1.00 10.60 ? 4    PHE A O   1 
ATOM   29   C  CB  . PHE A 1 4   ? 9.837   0.457   6.107   1.00 10.65 ? 4    PHE A CB  1 
ATOM   30   C  CG  . PHE A 1 4   ? 9.146   -0.506  7.026   1.00 11.18 ? 4    PHE A CG  1 
ATOM   31   C  CD1 . PHE A 1 4   ? 8.099   -0.073  7.839   1.00 12.99 ? 4    PHE A CD1 1 
ATOM   32   C  CD2 . PHE A 1 4   ? 9.518   -1.849  7.055   1.00 12.59 ? 4    PHE A CD2 1 
ATOM   33   C  CE1 . PHE A 1 4   ? 7.441   -0.967  8.679   1.00 12.93 ? 4    PHE A CE1 1 
ATOM   34   C  CE2 . PHE A 1 4   ? 8.870   -2.752  7.908   1.00 11.77 ? 4    PHE A CE2 1 
ATOM   35   C  CZ  . PHE A 1 4   ? 7.839   -2.304  8.720   1.00 11.78 ? 4    PHE A CZ  1 
ATOM   36   N  N   . GLU A 1 5   ? 10.851  1.784   3.450   1.00 10.49 ? 5    GLU A N   1 
ATOM   37   C  CA  . GLU A 1 5   ? 11.360  2.954   2.711   1.00 10.83 ? 5    GLU A CA  1 
ATOM   38   C  C   . GLU A 1 5   ? 10.543  3.190   1.440   1.00 10.88 ? 5    GLU A C   1 
ATOM   39   O  O   . GLU A 1 5   ? 10.255  4.337   1.073   1.00 10.60 ? 5    GLU A O   1 
ATOM   40   C  CB  . GLU A 1 5   ? 12.838  2.762   2.370   1.00 11.41 ? 5    GLU A CB  1 
ATOM   41   C  CG  . GLU A 1 5   ? 13.735  2.705   3.580   1.00 11.82 ? 5    GLU A CG  1 
ATOM   42   C  CD  . GLU A 1 5   ? 15.208  2.676   3.217   1.00 15.74 ? 5    GLU A CD  1 
ATOM   43   O  OE1 . GLU A 1 5   ? 15.549  2.896   2.028   1.00 19.28 ? 5    GLU A OE1 1 
ATOM   44   O  OE2 . GLU A 1 5   ? 16.027  2.480   4.133   1.00 15.51 ? 5    GLU A OE2 1 
ATOM   45   N  N   . MET A 1 6   ? 10.130  2.085   0.813   1.00 10.42 ? 6    MET A N   1 
ATOM   46   C  CA  . MET A 1 6   ? 9.338   2.106   -0.408  1.00 10.31 ? 6    MET A CA  1 
ATOM   47   C  C   . MET A 1 6   ? 7.988   2.778   -0.146  1.00 10.06 ? 6    MET A C   1 
ATOM   48   O  O   . MET A 1 6   ? 7.617   3.740   -0.824  1.00 9.56  ? 6    MET A O   1 
ATOM   49   C  CB  . MET A 1 6   ? 9.114   0.681   -0.906  1.00 9.81  ? 6    MET A CB  1 
ATOM   50   C  CG  . MET A 1 6   ? 8.427   0.603   -2.261  1.00 11.07 ? 6    MET A CG  1 
ATOM   51   S  SD  . MET A 1 6   ? 7.783   -1.054  -2.449  1.00 11.33 ? 6    MET A SD  1 
ATOM   52   C  CE  . MET A 1 6   ? 7.552   -1.156  -4.229  1.00 11.94 ? 6    MET A CE  1 
ATOM   53   N  N   . LEU A 1 7   ? 7.249   2.262   0.838   1.00 10.13 ? 7    LEU A N   1 
ATOM   54   C  CA  . LEU A 1 7   ? 5.938   2.825   1.169   1.00 10.70 ? 7    LEU A CA  1 
ATOM   55   C  C   . LEU A 1 7   ? 6.038   4.256   1.705   1.00 11.02 ? 7    LEU A C   1 
ATOM   56   O  O   . LEU A 1 7   ? 5.148   5.083   1.463   1.00 11.39 ? 7    LEU A O   1 
ATOM   57   C  CB  . LEU A 1 7   ? 5.176   1.914   2.146   1.00 10.58 ? 7    LEU A CB  1 
ATOM   58   C  CG  . LEU A 1 7   ? 4.455   0.759   1.439   1.00 11.16 ? 7    LEU A CG  1 
ATOM   59   C  CD1 . LEU A 1 7   ? 4.058   -0.339  2.421   1.00 12.01 ? 7    LEU A CD1 1 
ATOM   60   C  CD2 . LEU A 1 7   ? 3.218   1.266   0.670   1.00 11.45 ? 7    LEU A CD2 1 
ATOM   61   N  N   . ARG A 1 8   ? 7.128   4.556   2.406   1.00 10.81 ? 8    ARG A N   1 
ATOM   62   C  CA  . ARG A 1 8   ? 7.350   5.919   2.906   1.00 11.17 ? 8    ARG A CA  1 
ATOM   63   C  C   . ARG A 1 8   ? 7.453   6.898   1.726   1.00 11.47 ? 8    ARG A C   1 
ATOM   64   O  O   . ARG A 1 8   ? 6.918   8.004   1.781   1.00 11.27 ? 8    ARG A O   1 
ATOM   65   C  CB  . ARG A 1 8   ? 8.595   5.973   3.795   1.00 11.66 ? 8    ARG A CB  1 
ATOM   66   C  CG  . ARG A 1 8   ? 9.039   7.363   4.184   1.00 12.01 ? 8    ARG A CG  1 
ATOM   67   C  CD  . ARG A 1 8   ? 7.981   8.136   4.989   1.00 12.94 ? 8    ARG A CD  1 
ATOM   68   N  NE  . ARG A 1 8   ? 8.478   9.480   5.280   1.00 15.66 ? 8    ARG A NE  1 
ATOM   69   C  CZ  . ARG A 1 8   ? 8.399   10.522  4.444   1.00 17.51 ? 8    ARG A CZ  1 
ATOM   70   N  NH1 . ARG A 1 8   ? 7.821   10.403  3.251   1.00 15.56 ? 8    ARG A NH1 1 
ATOM   71   N  NH2 . ARG A 1 8   ? 8.908   11.698  4.804   1.00 17.47 ? 8    ARG A NH2 1 
ATOM   72   N  N   . ILE A 1 9   ? 8.126   6.475   0.655   1.00 11.59 ? 9    ILE A N   1 
ATOM   73   C  CA  . ILE A 1 9   ? 8.216   7.298   -0.551  1.00 11.50 ? 9    ILE A CA  1 
ATOM   74   C  C   . ILE A 1 9   ? 6.832   7.473   -1.193  1.00 11.67 ? 9    ILE A C   1 
ATOM   75   O  O   . ILE A 1 9   ? 6.426   8.592   -1.524  1.00 12.03 ? 9    ILE A O   1 
ATOM   76   C  CB  . ILE A 1 9   ? 9.220   6.707   -1.565  1.00 11.56 ? 9    ILE A CB  1 
ATOM   77   C  CG1 . ILE A 1 9   ? 10.665  6.975   -1.102  1.00 12.01 ? 9    ILE A CG1 1 
ATOM   78   C  CG2 . ILE A 1 9   ? 8.975   7.273   -2.987  1.00 11.98 ? 9    ILE A CG2 1 
ATOM   79   C  CD1 . ILE A 1 9   ? 11.698  6.091   -1.798  1.00 12.01 ? 9    ILE A CD1 1 
ATOM   80   N  N   . ASP A 1 10  ? 6.115   6.364   -1.342  1.00 11.08 ? 10   ASP A N   1 
ATOM   81   C  CA  . ASP A 1 10  ? 4.820   6.354   -2.020  1.00 11.66 ? 10   ASP A CA  1 
ATOM   82   C  C   . ASP A 1 10  ? 3.706   7.053   -1.254  1.00 11.36 ? 10   ASP A C   1 
ATOM   83   O  O   . ASP A 1 10  ? 2.803   7.648   -1.868  1.00 12.39 ? 10   ASP A O   1 
ATOM   84   C  CB  . ASP A 1 10  ? 4.403   4.916   -2.344  1.00 11.79 ? 10   ASP A CB  1 
ATOM   85   C  CG  . ASP A 1 10  ? 5.175   4.332   -3.522  1.00 12.40 ? 10   ASP A CG  1 
ATOM   86   O  OD1 . ASP A 1 10  ? 5.668   5.109   -4.368  1.00 11.59 ? 10   ASP A OD1 1 
ATOM   87   O  OD2 . ASP A 1 10  ? 5.281   3.091   -3.606  1.00 13.38 ? 10   ASP A OD2 1 
ATOM   88   N  N   . GLU A 1 11  ? 3.768   6.988   0.074   1.00 11.18 ? 11   GLU A N   1 
ATOM   89   C  CA  . GLU A 1 11  ? 2.687   7.519   0.915   1.00 11.36 ? 11   GLU A CA  1 
ATOM   90   C  C   . GLU A 1 11  ? 2.961   8.886   1.543   1.00 11.61 ? 11   GLU A C   1 
ATOM   91   O  O   . GLU A 1 11  ? 2.016   9.584   1.920   1.00 11.81 ? 11   GLU A O   1 
ATOM   92   C  CB  . GLU A 1 11  ? 2.302   6.514   2.013   1.00 11.86 ? 11   GLU A CB  1 
ATOM   93   C  CG  . GLU A 1 11  ? 1.742   5.189   1.501   1.00 11.48 ? 11   GLU A CG  1 
ATOM   94   C  CD  . GLU A 1 11  ? 0.386   5.301   0.796   1.00 14.41 ? 11   GLU A CD  1 
ATOM   95   O  OE1 . GLU A 1 11  ? -0.259  6.381   0.828   1.00 15.55 ? 11   GLU A OE1 1 
ATOM   96   O  OE2 . GLU A 1 11  ? -0.047  4.280   0.232   1.00 15.69 ? 11   GLU A OE2 1 
ATOM   97   N  N   . GLY A 1 12  ? 4.236   9.259   1.660   1.00 11.36 ? 12   GLY A N   1 
ATOM   98   C  CA  . GLY A 1 12  ? 4.620   10.530  2.289   1.00 12.91 ? 12   GLY A CA  1 
ATOM   99   C  C   . GLY A 1 12  ? 4.450   10.468  3.801   1.00 13.28 ? 12   GLY A C   1 
ATOM   100  O  O   . GLY A 1 12  ? 4.194   9.399   4.360   1.00 13.17 ? 12   GLY A O   1 
ATOM   101  N  N   . LEU A 1 13  ? 4.639   11.605  4.471   1.00 13.90 ? 13   LEU A N   1 
ATOM   102  C  CA  . LEU A 1 13  ? 4.449   11.681  5.923   1.00 13.97 ? 13   LEU A CA  1 
ATOM   103  C  C   . LEU A 1 13  ? 3.799   13.012  6.257   1.00 14.12 ? 13   LEU A C   1 
ATOM   104  O  O   . LEU A 1 13  ? 4.364   14.073  5.972   1.00 13.50 ? 13   LEU A O   1 
ATOM   105  C  CB  . LEU A 1 13  ? 5.779   11.537  6.681   1.00 14.08 ? 13   LEU A CB  1 
ATOM   106  C  CG  . LEU A 1 13  ? 5.767   11.849  8.194   1.00 14.22 ? 13   LEU A CG  1 
ATOM   107  C  CD1 . LEU A 1 13  ? 4.950   10.835  8.997   1.00 15.02 ? 13   LEU A CD1 1 
ATOM   108  C  CD2 . LEU A 1 13  ? 7.195   11.916  8.733   1.00 15.54 ? 13   LEU A CD2 1 
ATOM   109  N  N   . ARG A 1 14  ? 2.604   12.941  6.830   1.00 13.85 ? 14   ARG A N   1 
ATOM   110  C  CA  . ARG A 1 14  ? 1.850   14.126  7.235   1.00 14.91 ? 14   ARG A CA  1 
ATOM   111  C  C   . ARG A 1 14  ? 1.293   13.876  8.637   1.00 14.53 ? 14   ARG A C   1 
ATOM   112  O  O   . ARG A 1 14  ? 0.693   12.837  8.891   1.00 14.80 ? 14   ARG A O   1 
ATOM   113  C  CB  . ARG A 1 14  ? 0.743   14.438  6.219   1.00 14.55 ? 14   ARG A CB  1 
ATOM   114  C  CG  . ARG A 1 14  ? 1.300   14.646  4.796   1.00 16.33 ? 14   ARG A CG  1 
ATOM   115  C  CD  . ARG A 1 14  ? 0.250   15.094  3.792   1.00 17.44 ? 14   ARG A CD  1 
ATOM   116  N  NE  . ARG A 1 14  ? -0.201  16.456  4.061   1.00 21.31 ? 14   ARG A NE  1 
ATOM   117  C  CZ  . ARG A 1 14  ? -1.179  17.065  3.398   1.00 23.68 ? 14   ARG A CZ  1 
ATOM   118  N  NH1 . ARG A 1 14  ? -1.821  16.436  2.417   1.00 22.51 ? 14   ARG A NH1 1 
ATOM   119  N  NH2 . ARG A 1 14  ? -1.522  18.301  3.725   1.00 25.76 ? 14   ARG A NH2 1 
ATOM   120  N  N   . LEU A 1 15  ? 1.513   14.831  9.541   1.00 14.24 ? 15   LEU A N   1 
ATOM   121  C  CA  . LEU A 1 15  ? 1.163   14.652  10.957  1.00 14.17 ? 15   LEU A CA  1 
ATOM   122  C  C   . LEU A 1 15  ? -0.222  15.160  11.354  1.00 14.24 ? 15   LEU A C   1 
ATOM   123  O  O   . LEU A 1 15  ? -0.643  15.007  12.507  1.00 14.01 ? 15   LEU A O   1 
ATOM   124  C  CB  . LEU A 1 15  ? 2.245   15.280  11.858  1.00 14.24 ? 15   LEU A CB  1 
ATOM   125  C  CG  . LEU A 1 15  ? 3.656   14.696  11.692  1.00 15.43 ? 15   LEU A CG  1 
ATOM   126  C  CD1 . LEU A 1 15  ? 4.648   15.387  12.625  1.00 16.61 ? 15   LEU A CD1 1 
ATOM   127  C  CD2 . LEU A 1 15  ? 3.683   13.181  11.885  1.00 15.17 ? 15   LEU A CD2 1 
ATOM   128  N  N   . LYS A 1 16  ? -0.924  15.750  10.396  1.00 14.37 ? 16   LYS A N   1 
ATOM   129  C  CA  . LYS A 1 16  ? -2.268  16.268  10.603  1.00 14.82 ? 16   LYS A CA  1 
ATOM   130  C  C   . LYS A 1 16  ? -3.202  15.528  9.643   1.00 14.20 ? 16   LYS A C   1 
ATOM   131  O  O   . LYS A 1 16  ? -2.794  15.160  8.529   1.00 14.57 ? 16   LYS A O   1 
ATOM   132  C  CB  . LYS A 1 16  ? -2.280  17.775  10.295  1.00 15.18 ? 16   LYS A CB  1 
ATOM   133  C  CG  A LYS A 1 16  ? -1.337  18.616  11.118  0.50 16.05 ? 16   LYS A CG  1 
ATOM   134  C  CG  B LYS A 1 16  ? -3.578  18.505  10.549  0.50 15.62 ? 16   LYS A CG  1 
ATOM   135  C  CD  A LYS A 1 16  ? -1.408  20.066  10.664  0.50 18.53 ? 16   LYS A CD  1 
ATOM   136  C  CD  B LYS A 1 16  ? -3.394  20.008  10.298  0.50 16.32 ? 16   LYS A CD  1 
ATOM   137  C  CE  A LYS A 1 16  ? -0.315  20.907  11.291  0.50 19.70 ? 16   LYS A CE  1 
ATOM   138  C  CE  B LYS A 1 16  ? -4.652  20.804  10.610  0.50 18.97 ? 16   LYS A CE  1 
ATOM   139  N  NZ  A LYS A 1 16  ? -0.366  22.314  10.790  0.50 20.85 ? 16   LYS A NZ  1 
ATOM   140  N  NZ  B LYS A 1 16  ? -4.416  22.276  10.486  0.50 21.07 ? 16   LYS A NZ  1 
ATOM   141  N  N   . ILE A 1 17  ? -4.445  15.302  10.069  1.00 13.98 ? 17   ILE A N   1 
ATOM   142  C  CA  . ILE A 1 17  ? -5.439  14.644  9.221   1.00 13.48 ? 17   ILE A CA  1 
ATOM   143  C  C   . ILE A 1 17  ? -5.502  15.345  7.865   1.00 13.88 ? 17   ILE A C   1 
ATOM   144  O  O   . ILE A 1 17  ? -5.607  16.577  7.797   1.00 13.22 ? 17   ILE A O   1 
ATOM   145  C  CB  . ILE A 1 17  ? -6.853  14.628  9.879   1.00 13.51 ? 17   ILE A CB  1 
ATOM   146  C  CG1 . ILE A 1 17  ? -6.865  13.675  11.081  1.00 13.91 ? 17   ILE A CG1 1 
ATOM   147  C  CG2 . ILE A 1 17  ? -7.925  14.221  8.870   1.00 13.43 ? 17   ILE A CG2 1 
ATOM   148  C  CD1 . ILE A 1 17  ? -8.143  13.724  11.919  1.00 14.10 ? 17   ILE A CD1 1 
ATOM   149  N  N   . TYR A 1 18  ? -5.411  14.555  6.799   1.00 13.77 ? 18   TYR A N   1 
ATOM   150  C  CA  . TYR A 1 18  ? -5.482  15.065  5.428   1.00 14.38 ? 18   TYR A CA  1 
ATOM   151  C  C   . TYR A 1 18  ? -6.308  14.101  4.585   1.00 14.10 ? 18   TYR A C   1 
ATOM   152  O  O   . TYR A 1 18  ? -6.585  12.980  5.014   1.00 14.03 ? 18   TYR A O   1 
ATOM   153  C  CB  . TYR A 1 18  ? -4.072  15.218  4.830   1.00 15.24 ? 18   TYR A CB  1 
ATOM   154  C  CG  . TYR A 1 18  ? -3.350  13.907  4.551   1.00 16.13 ? 18   TYR A CG  1 
ATOM   155  C  CD1 . TYR A 1 18  ? -2.620  13.258  5.552   1.00 16.03 ? 18   TYR A CD1 1 
ATOM   156  C  CD2 . TYR A 1 18  ? -3.373  13.329  3.275   1.00 17.28 ? 18   TYR A CD2 1 
ATOM   157  C  CE1 . TYR A 1 18  ? -1.941  12.058  5.293   1.00 16.89 ? 18   TYR A CE1 1 
ATOM   158  C  CE2 . TYR A 1 18  ? -2.699  12.130  3.009   1.00 18.43 ? 18   TYR A CE2 1 
ATOM   159  C  CZ  . TYR A 1 18  ? -1.986  11.504  4.020   1.00 17.20 ? 18   TYR A CZ  1 
ATOM   160  O  OH  . TYR A 1 18  ? -1.317  10.319  3.771   1.00 19.45 ? 18   TYR A OH  1 
ATOM   161  N  N   . LYS A 1 19  ? -6.718  14.537  3.392   1.00 13.41 ? 19   LYS A N   1 
ATOM   162  C  CA  . LYS A 1 19  ? -7.444  13.647  2.484   1.00 13.33 ? 19   LYS A CA  1 
ATOM   163  C  C   . LYS A 1 19  ? -6.484  13.012  1.486   1.00 13.29 ? 19   LYS A C   1 
ATOM   164  O  O   . LYS A 1 19  ? -5.660  13.707  0.864   1.00 13.06 ? 19   LYS A O   1 
ATOM   165  C  CB  . LYS A 1 19  ? -8.564  14.381  1.746   1.00 13.62 ? 19   LYS A CB  1 
ATOM   166  C  CG  . LYS A 1 19  ? -9.733  14.788  2.627   1.00 14.17 ? 19   LYS A CG  1 
ATOM   167  C  CD  . LYS A 1 19  ? -10.771 15.529  1.799   1.00 17.81 ? 19   LYS A CD  1 
ATOM   168  C  CE  . LYS A 1 19  ? -11.976 15.911  2.628   1.00 19.77 ? 19   LYS A CE  1 
ATOM   169  N  NZ  . LYS A 1 19  ? -12.963 16.618  1.767   1.00 19.80 ? 19   LYS A NZ  1 
ATOM   170  N  N   . ASP A 1 20  ? -6.586  11.687  1.353   1.00 13.50 ? 20   ASP A N   1 
ATOM   171  C  CA  . ASP A 1 20  ? -5.731  10.930  0.431   1.00 13.37 ? 20   ASP A CA  1 
ATOM   172  C  C   . ASP A 1 20  ? -6.138  11.151  -1.038  1.00 13.45 ? 20   ASP A C   1 
ATOM   173  O  O   . ASP A 1 20  ? -6.978  12.006  -1.330  1.00 13.02 ? 20   ASP A O   1 
ATOM   174  C  CB  . ASP A 1 20  ? -5.692  9.432   0.810   1.00 13.58 ? 20   ASP A CB  1 
ATOM   175  C  CG  . ASP A 1 20  ? -6.987  8.669   0.478   1.00 14.87 ? 20   ASP A CG  1 
ATOM   176  O  OD1 . ASP A 1 20  ? -7.914  9.215   -0.156  1.00 13.47 ? 20   ASP A OD1 1 
ATOM   177  O  OD2 . ASP A 1 20  ? -7.069  7.479   0.857   1.00 17.22 ? 20   ASP A OD2 1 
ATOM   178  N  N   . THR A 1 21  ? -5.567  10.359  -1.950  1.00 13.70 ? 21   THR A N   1 
ATOM   179  C  CA  . THR A 1 21  ? -5.832  10.548  -3.389  1.00 14.06 ? 21   THR A CA  1 
ATOM   180  C  C   . THR A 1 21  ? -7.289  10.279  -3.767  1.00 14.29 ? 21   THR A C   1 
ATOM   181  O  O   . THR A 1 21  ? -7.771  10.788  -4.778  1.00 14.00 ? 21   THR A O   1 
ATOM   182  C  CB  . THR A 1 21  ? -4.907  9.675   -4.271  1.00 14.73 ? 21   THR A CB  1 
ATOM   183  O  OG1 . THR A 1 21  ? -5.217  8.290   -4.072  1.00 15.28 ? 21   THR A OG1 1 
ATOM   184  C  CG2 . THR A 1 21  ? -3.441  9.937   -3.942  1.00 15.27 ? 21   THR A CG2 1 
ATOM   185  N  N   . GLU A 1 22  ? -7.975  9.475   -2.951  1.00 14.37 ? 22   GLU A N   1 
ATOM   186  C  CA  . GLU A 1 22  ? -9.398  9.159   -3.154  1.00 15.21 ? 22   GLU A CA  1 
ATOM   187  C  C   . GLU A 1 22  ? -10.349 10.103  -2.390  1.00 15.18 ? 22   GLU A C   1 
ATOM   188  O  O   . GLU A 1 22  ? -11.583 9.961   -2.464  1.00 15.15 ? 22   GLU A O   1 
ATOM   189  C  CB  . GLU A 1 22  ? -9.681  7.705   -2.760  1.00 15.42 ? 22   GLU A CB  1 
ATOM   190  C  CG  . GLU A 1 22  ? -9.037  6.647   -3.665  1.00 18.84 ? 22   GLU A CG  1 
ATOM   191  C  CD  . GLU A 1 22  ? -9.551  6.672   -5.112  1.00 23.37 ? 22   GLU A CD  1 
ATOM   192  O  OE1 . GLU A 1 22  ? -10.678 7.166   -5.372  1.00 25.63 ? 22   GLU A OE1 1 
ATOM   193  O  OE2 . GLU A 1 22  ? -8.821  6.182   -5.995  1.00 26.43 ? 22   GLU A OE2 1 
ATOM   194  N  N   . GLY A 1 23  ? -9.771  11.046  -1.648  1.00 14.57 ? 23   GLY A N   1 
ATOM   195  C  CA  . GLY A 1 23  ? -10.545 12.022  -0.875  1.00 15.14 ? 23   GLY A CA  1 
ATOM   196  C  C   . GLY A 1 23  ? -10.900 11.558  0.528   1.00 15.20 ? 23   GLY A C   1 
ATOM   197  O  O   . GLY A 1 23  ? -11.716 12.197  1.207   1.00 15.76 ? 23   GLY A O   1 
ATOM   198  N  N   . TYR A 1 24  ? -10.265 10.467  0.970   1.00 15.19 ? 24   TYR A N   1 
ATOM   199  C  CA  . TYR A 1 24  ? -10.530 9.877   2.291   1.00 14.60 ? 24   TYR A CA  1 
ATOM   200  C  C   . TYR A 1 24  ? -9.583  10.362  3.380   1.00 13.96 ? 24   TYR A C   1 
ATOM   201  O  O   . TYR A 1 24  ? -8.364  10.469  3.166   1.00 13.42 ? 24   TYR A O   1 
ATOM   202  C  CB  . TYR A 1 24  ? -10.469 8.347   2.230   1.00 15.61 ? 24   TYR A CB  1 
ATOM   203  C  CG  . TYR A 1 24  ? -11.457 7.727   1.265   1.00 16.61 ? 24   TYR A CG  1 
ATOM   204  C  CD1 . TYR A 1 24  ? -12.787 8.145   1.242   1.00 18.29 ? 24   TYR A CD1 1 
ATOM   205  C  CD2 . TYR A 1 24  ? -11.067 6.702   0.396   1.00 18.05 ? 24   TYR A CD2 1 
ATOM   206  C  CE1 . TYR A 1 24  ? -13.706 7.581   0.356   1.00 18.94 ? 24   TYR A CE1 1 
ATOM   207  C  CE2 . TYR A 1 24  ? -11.979 6.129   -0.490  1.00 19.05 ? 24   TYR A CE2 1 
ATOM   208  C  CZ  . TYR A 1 24  ? -13.295 6.578   -0.504  1.00 19.52 ? 24   TYR A CZ  1 
ATOM   209  O  OH  . TYR A 1 24  ? -14.219 6.019   -1.370  1.00 20.99 ? 24   TYR A OH  1 
ATOM   210  N  N   . TYR A 1 25  ? -10.151 10.625  4.557   1.00 13.13 ? 25   TYR A N   1 
ATOM   211  C  CA  . TYR A 1 25  ? -9.371  11.096  5.696   1.00 12.99 ? 25   TYR A CA  1 
ATOM   212  C  C   . TYR A 1 25  ? -8.297  10.084  6.071   1.00 12.47 ? 25   TYR A C   1 
ATOM   213  O  O   . TYR A 1 25  ? -8.593  8.893   6.270   1.00 12.29 ? 25   TYR A O   1 
ATOM   214  C  CB  . TYR A 1 25  ? -10.285 11.396  6.883   1.00 13.62 ? 25   TYR A CB  1 
ATOM   215  C  CG  . TYR A 1 25  ? -11.145 12.608  6.640   1.00 14.85 ? 25   TYR A CG  1 
ATOM   216  C  CD1 . TYR A 1 25  ? -10.564 13.859  6.415   1.00 15.22 ? 25   TYR A CD1 1 
ATOM   217  C  CD2 . TYR A 1 25  ? -12.537 12.514  6.656   1.00 14.45 ? 25   TYR A CD2 1 
ATOM   218  C  CE1 . TYR A 1 25  ? -11.349 14.986  6.187   1.00 17.63 ? 25   TYR A CE1 1 
ATOM   219  C  CE2 . TYR A 1 25  ? -13.329 13.636  6.429   1.00 16.77 ? 25   TYR A CE2 1 
ATOM   220  C  CZ  . TYR A 1 25  ? -12.733 14.863  6.204   1.00 16.40 ? 25   TYR A CZ  1 
ATOM   221  O  OH  . TYR A 1 25  ? -13.514 15.988  5.985   1.00 18.11 ? 25   TYR A OH  1 
ATOM   222  N  N   . THR A 1 26  ? -7.071  10.596  6.173   1.00 11.90 ? 26   THR A N   1 
ATOM   223  C  CA  . THR A 1 26  ? -5.862  9.815   6.350   1.00 11.71 ? 26   THR A CA  1 
ATOM   224  C  C   . THR A 1 26  ? -4.900  10.591  7.257   1.00 11.75 ? 26   THR A C   1 
ATOM   225  O  O   . THR A 1 26  ? -5.054  11.802  7.454   1.00 11.55 ? 26   THR A O   1 
ATOM   226  C  CB  . THR A 1 26  ? -5.233  9.573   4.941   1.00 12.01 ? 26   THR A CB  1 
ATOM   227  O  OG1 . THR A 1 26  ? -6.178  8.884   4.116   1.00 11.78 ? 26   THR A OG1 1 
ATOM   228  C  CG2 . THR A 1 26  ? -3.927  8.757   4.994   1.00 11.84 ? 26   THR A CG2 1 
ATOM   229  N  N   . ILE A 1 27  ? -3.923  9.900   7.832   1.00 11.00 ? 27   ILE A N   1 
ATOM   230  C  CA  . ILE A 1 27  ? -2.895  10.576  8.621   1.00 11.14 ? 27   ILE A CA  1 
ATOM   231  C  C   . ILE A 1 27  ? -1.602  9.765   8.561   1.00 10.99 ? 27   ILE A C   1 
ATOM   232  O  O   . ILE A 1 27  ? -1.624  8.602   8.166   1.00 10.89 ? 27   ILE A O   1 
ATOM   233  C  CB  . ILE A 1 27  ? -3.352  10.807  10.094  1.00 10.91 ? 27   ILE A CB  1 
ATOM   234  C  CG1 . ILE A 1 27  ? -2.531  11.920  10.769  1.00 11.62 ? 27   ILE A CG1 1 
ATOM   235  C  CG2 . ILE A 1 27  ? -3.278  9.506   10.910  1.00 11.38 ? 27   ILE A CG2 1 
ATOM   236  C  CD1 . ILE A 1 27  ? -3.162  12.461  12.063  1.00 11.68 ? 27   ILE A CD1 1 
ATOM   237  N  N   . GLY A 1 28  ? -0.494  10.395  8.930   1.00 11.54 ? 28   GLY A N   1 
ATOM   238  C  CA  . GLY A 1 28  ? 0.790   9.712   9.058   1.00 11.60 ? 28   GLY A CA  1 
ATOM   239  C  C   . GLY A 1 28  ? 1.355   9.297   7.723   1.00 11.60 ? 28   GLY A C   1 
ATOM   240  O  O   . GLY A 1 28  ? 1.429   10.105  6.794   1.00 12.02 ? 28   GLY A O   1 
ATOM   241  N  N   . ILE A 1 29  ? 1.751   8.031   7.641   1.00 11.33 ? 29   ILE A N   1 
ATOM   242  C  CA  . ILE A 1 29  ? 2.311   7.465   6.419   1.00 11.47 ? 29   ILE A CA  1 
ATOM   243  C  C   . ILE A 1 29  ? 1.219   6.620   5.727   1.00 11.27 ? 29   ILE A C   1 
ATOM   244  O  O   . ILE A 1 29  ? 1.203   5.382   5.782   1.00 11.78 ? 29   ILE A O   1 
ATOM   245  C  CB  . ILE A 1 29  ? 3.612   6.668   6.713   1.00 11.59 ? 29   ILE A CB  1 
ATOM   246  C  CG1 . ILE A 1 29  ? 4.596   7.545   7.513   1.00 11.61 ? 29   ILE A CG1 1 
ATOM   247  C  CG2 . ILE A 1 29  ? 4.254   6.161   5.400   1.00 11.76 ? 29   ILE A CG2 1 
ATOM   248  C  CD1 . ILE A 1 29  ? 5.783   6.803   8.132   1.00 11.86 ? 29   ILE A CD1 1 
ATOM   249  N  N   . GLY A 1 30  ? 0.256   7.311   5.128   1.00 11.14 ? 30   GLY A N   1 
ATOM   250  C  CA  . GLY A 1 30  ? -0.817  6.611   4.414   1.00 11.04 ? 30   GLY A CA  1 
ATOM   251  C  C   . GLY A 1 30  ? -1.741  5.784   5.303   1.00 11.03 ? 30   GLY A C   1 
ATOM   252  O  O   . GLY A 1 30  ? -2.269  4.757   4.861   1.00 12.15 ? 30   GLY A O   1 
ATOM   253  N  N   . HIS A 1 31  ? -1.920  6.201   6.558   1.00 11.69 ? 31   HIS A N   1 
ATOM   254  C  CA  . HIS A 1 31  ? -2.865  5.484   7.417   1.00 11.82 ? 31   HIS A CA  1 
ATOM   255  C  C   . HIS A 1 31  ? -4.299  5.954   7.188   1.00 11.99 ? 31   HIS A C   1 
ATOM   256  O  O   . HIS A 1 31  ? -4.698  7.020   7.664   1.00 11.51 ? 31   HIS A O   1 
ATOM   257  C  CB  . HIS A 1 31  ? -2.519  5.568   8.914   1.00 11.79 ? 31   HIS A CB  1 
ATOM   258  C  CG  . HIS A 1 31  ? -3.498  4.824   9.768   1.00 12.20 ? 31   HIS A CG  1 
ATOM   259  N  ND1 . HIS A 1 31  ? -3.432  3.458   9.955   1.00 13.27 ? 31   HIS A ND1 1 
ATOM   260  C  CD2 . HIS A 1 31  ? -4.613  5.241   10.416  1.00 12.95 ? 31   HIS A CD2 1 
ATOM   261  C  CE1 . HIS A 1 31  ? -4.458  3.070   10.694  1.00 12.50 ? 31   HIS A CE1 1 
ATOM   262  N  NE2 . HIS A 1 31  ? -5.186  4.131   10.990  1.00 11.14 ? 31   HIS A NE2 1 
ATOM   263  N  N   . LEU A 1 32  ? -5.061  5.149   6.454   1.00 12.43 ? 32   LEU A N   1 
ATOM   264  C  CA  . LEU A 1 32  ? -6.459  5.454   6.184   1.00 13.26 ? 32   LEU A CA  1 
ATOM   265  C  C   . LEU A 1 32  ? -7.260  5.386   7.485   1.00 13.03 ? 32   LEU A C   1 
ATOM   266  O  O   . LEU A 1 32  ? -7.215  4.375   8.220   1.00 13.09 ? 32   LEU A O   1 
ATOM   267  C  CB  . LEU A 1 32  ? -7.023  4.489   5.140   1.00 13.20 ? 32   LEU A CB  1 
ATOM   268  C  CG  . LEU A 1 32  ? -8.527  4.584   4.854   1.00 14.05 ? 32   LEU A CG  1 
ATOM   269  C  CD1 . LEU A 1 32  ? -8.870  5.930   4.218   1.00 15.74 ? 32   LEU A CD1 1 
ATOM   270  C  CD2 . LEU A 1 32  ? -8.967  3.438   3.951   1.00 14.83 ? 32   LEU A CD2 1 
ATOM   271  N  N   . LEU A 1 33  ? -7.987  6.461   7.777   1.00 12.80 ? 33   LEU A N   1 
ATOM   272  C  CA  . LEU A 1 33  ? -8.790  6.507   9.000   1.00 13.55 ? 33   LEU A CA  1 
ATOM   273  C  C   . LEU A 1 33  ? -10.209 6.000   8.770   1.00 14.73 ? 33   LEU A C   1 
ATOM   274  O  O   . LEU A 1 33  ? -10.726 5.186   9.543   1.00 15.23 ? 33   LEU A O   1 
ATOM   275  C  CB  . LEU A 1 33  ? -8.800  7.918   9.590   1.00 13.64 ? 33   LEU A CB  1 
ATOM   276  C  CG  . LEU A 1 33  ? -7.484  8.372   10.231  1.00 12.86 ? 33   LEU A CG  1 
ATOM   277  C  CD1 . LEU A 1 33  ? -7.448  9.884   10.447  1.00 13.53 ? 33   LEU A CD1 1 
ATOM   278  C  CD2 . LEU A 1 33  ? -7.225  7.610   11.550  1.00 13.43 ? 33   LEU A CD2 1 
ATOM   279  N  N   . THR A 1 34  ? -10.832 6.482   7.700   1.00 15.32 ? 34   THR A N   1 
ATOM   280  C  CA  . THR A 1 34  ? -12.206 6.126   7.400   1.00 16.30 ? 34   THR A CA  1 
ATOM   281  C  C   . THR A 1 34  ? -12.555 6.594   6.009   1.00 17.28 ? 34   THR A C   1 
ATOM   282  O  O   . THR A 1 34  ? -11.919 7.501   5.474   1.00 17.05 ? 34   THR A O   1 
ATOM   283  C  CB  . THR A 1 34  ? -13.192 6.786   8.422   1.00 16.64 ? 34   THR A CB  1 
ATOM   284  O  OG1 . THR A 1 34  ? -14.536 6.385   8.136   1.00 17.08 ? 34   THR A OG1 1 
ATOM   285  C  CG2 . THR A 1 34  ? -13.103 8.298   8.358   1.00 16.03 ? 34   THR A CG2 1 
ATOM   286  N  N   . LYS A 1 35  ? -13.564 5.958   5.424   1.00 18.10 ? 35   LYS A N   1 
ATOM   287  C  CA  . LYS A 1 35  ? -14.085 6.403   4.134   1.00 19.24 ? 35   LYS A CA  1 
ATOM   288  C  C   . LYS A 1 35  ? -15.261 7.371   4.329   1.00 19.60 ? 35   LYS A C   1 
ATOM   289  O  O   . LYS A 1 35  ? -15.797 7.924   3.358   1.00 19.73 ? 35   LYS A O   1 
ATOM   290  C  CB  . LYS A 1 35  ? -14.457 5.205   3.262   1.00 19.41 ? 35   LYS A CB  1 
ATOM   291  C  CG  . LYS A 1 35  ? -13.237 4.408   2.832   1.00 20.32 ? 35   LYS A CG  1 
ATOM   292  C  CD  . LYS A 1 35  ? -13.564 3.320   1.827   1.00 22.92 ? 35   LYS A CD  1 
ATOM   293  C  CE  . LYS A 1 35  ? -12.291 2.623   1.388   1.00 24.98 ? 35   LYS A CE  1 
ATOM   294  N  NZ  . LYS A 1 35  ? -12.546 1.533   0.402   1.00 26.83 ? 35   LYS A NZ  1 
ATOM   295  N  N   . SER A 1 36  ? -15.638 7.581   5.593   1.00 20.14 ? 36   SER A N   1 
ATOM   296  C  CA  . SER A 1 36  ? -16.698 8.527   5.966   1.00 20.65 ? 36   SER A CA  1 
ATOM   297  C  C   . SER A 1 36  ? -16.348 9.975   5.605   1.00 20.43 ? 36   SER A C   1 
ATOM   298  O  O   . SER A 1 36  ? -15.215 10.420  5.822   1.00 20.06 ? 36   SER A O   1 
ATOM   299  C  CB  . SER A 1 36  ? -16.980 8.446   7.473   1.00 20.65 ? 36   SER A CB  1 
ATOM   300  O  OG  . SER A 1 36  ? -17.829 9.511   7.885   1.00 22.25 ? 36   SER A OG  1 
ATOM   301  N  N   . PRO A 1 37  ? -17.322 10.721  5.048   1.00 20.65 ? 37   PRO A N   1 
ATOM   302  C  CA  . PRO A 1 37  ? -17.062 12.131  4.746   1.00 20.63 ? 37   PRO A CA  1 
ATOM   303  C  C   . PRO A 1 37  ? -17.046 13.012  6.004   1.00 20.36 ? 37   PRO A C   1 
ATOM   304  O  O   . PRO A 1 37  ? -16.792 14.212  5.912   1.00 20.80 ? 37   PRO A O   1 
ATOM   305  C  CB  . PRO A 1 37  ? -18.230 12.510  3.822   1.00 20.86 ? 37   PRO A CB  1 
ATOM   306  C  CG  . PRO A 1 37  ? -19.329 11.619  4.234   1.00 21.26 ? 37   PRO A CG  1 
ATOM   307  C  CD  . PRO A 1 37  ? -18.677 10.309  4.637   1.00 20.61 ? 37   PRO A CD  1 
ATOM   308  N  N   . SER A 1 38  ? -17.275 12.408  7.169   1.00 20.01 ? 38   SER A N   1 
ATOM   309  C  CA  . SER A 1 38  ? -17.298 13.139  8.436   1.00 19.80 ? 38   SER A CA  1 
ATOM   310  C  C   . SER A 1 38  ? -15.923 13.289  9.082   1.00 19.31 ? 38   SER A C   1 
ATOM   311  O  O   . SER A 1 38  ? -15.312 12.302  9.501   1.00 19.11 ? 38   SER A O   1 
ATOM   312  C  CB  . SER A 1 38  ? -18.247 12.448  9.422   1.00 19.79 ? 38   SER A CB  1 
ATOM   313  O  OG  . SER A 1 38  ? -18.117 12.991  10.728  1.00 20.28 ? 38   SER A OG  1 
ATOM   314  N  N   . LEU A 1 39  ? -15.447 14.525  9.190   1.00 18.89 ? 39   LEU A N   1 
ATOM   315  C  CA  . LEU A 1 39  ? -14.166 14.771  9.862   1.00 18.78 ? 39   LEU A CA  1 
ATOM   316  C  C   . LEU A 1 39  ? -14.222 14.276  11.313  1.00 18.41 ? 39   LEU A C   1 
ATOM   317  O  O   . LEU A 1 39  ? -13.247 13.715  11.825  1.00 17.69 ? 39   LEU A O   1 
ATOM   318  C  CB  . LEU A 1 39  ? -13.774 16.252  9.798   1.00 18.88 ? 39   LEU A CB  1 
ATOM   319  C  CG  . LEU A 1 39  ? -12.437 16.676  10.439  1.00 19.20 ? 39   LEU A CG  1 
ATOM   320  C  CD1 . LEU A 1 39  ? -11.242 15.887  9.904   1.00 19.64 ? 39   LEU A CD1 1 
ATOM   321  C  CD2 . LEU A 1 39  ? -12.212 18.165  10.266  1.00 19.66 ? 39   LEU A CD2 1 
ATOM   322  N  N   . ASN A 1 40  ? -15.361 14.479  11.973  1.00 18.31 ? 40   ASN A N   1 
ATOM   323  C  CA  . ASN A 1 40  ? -15.524 13.997  13.345  1.00 18.58 ? 40   ASN A CA  1 
ATOM   324  C  C   . ASN A 1 40  ? -15.359 12.489  13.460  1.00 17.89 ? 40   ASN A C   1 
ATOM   325  O  O   . ASN A 1 40  ? -14.738 12.007  14.415  1.00 18.31 ? 40   ASN A O   1 
ATOM   326  C  CB  . ASN A 1 40  ? -16.862 14.447  13.931  1.00 19.59 ? 40   ASN A CB  1 
ATOM   327  C  CG  . ASN A 1 40  ? -16.861 15.915  14.302  1.00 21.67 ? 40   ASN A CG  1 
ATOM   328  O  OD1 . ASN A 1 40  ? -15.841 16.460  14.722  1.00 25.84 ? 40   ASN A OD1 1 
ATOM   329  N  ND2 . ASN A 1 40  ? -18.010 16.562  14.156  1.00 26.45 ? 40   ASN A ND2 1 
ATOM   330  N  N   . ALA A 1 41  ? -15.900 11.756  12.485  1.00 16.74 ? 41   ALA A N   1 
ATOM   331  C  CA  . ALA A 1 41  ? -15.755 10.304  12.426  1.00 16.20 ? 41   ALA A CA  1 
ATOM   332  C  C   . ALA A 1 41  ? -14.274 9.943   12.293  1.00 15.57 ? 41   ALA A C   1 
ATOM   333  O  O   . ALA A 1 41  ? -13.785 9.039   12.973  1.00 15.25 ? 41   ALA A O   1 
ATOM   334  C  CB  . ALA A 1 41  ? -16.557 9.718   11.258  1.00 16.18 ? 41   ALA A CB  1 
ATOM   335  N  N   . ALA A 1 42  ? -13.574 10.659  11.415  1.00 14.64 ? 42   ALA A N   1 
ATOM   336  C  CA  . ALA A 1 42  ? -12.138 10.437  11.200  1.00 14.38 ? 42   ALA A CA  1 
ATOM   337  C  C   . ALA A 1 42  ? -11.342 10.692  12.485  1.00 14.30 ? 42   ALA A C   1 
ATOM   338  O  O   . ALA A 1 42  ? -10.444 9.911   12.843  1.00 13.52 ? 42   ALA A O   1 
ATOM   339  C  CB  . ALA A 1 42  ? -11.626 11.325  10.060  1.00 14.74 ? 42   ALA A CB  1 
ATOM   340  N  N   . LYS A 1 43  ? -11.684 11.774  13.184  1.00 14.12 ? 43   LYS A N   1 
ATOM   341  C  CA  . LYS A 1 43  ? -11.012 12.110  14.439  1.00 14.90 ? 43   LYS A CA  1 
ATOM   342  C  C   . LYS A 1 43  ? -11.255 11.026  15.489  1.00 14.48 ? 43   LYS A C   1 
ATOM   343  O  O   . LYS A 1 43  ? -10.341 10.660  16.235  1.00 14.32 ? 43   LYS A O   1 
ATOM   344  C  CB  . LYS A 1 43  ? -11.451 13.483  14.958  1.00 15.11 ? 43   LYS A CB  1 
ATOM   345  C  CG  . LYS A 1 43  ? -10.931 14.640  14.130  1.00 18.59 ? 43   LYS A CG  1 
ATOM   346  C  CD  . LYS A 1 43  ? -11.401 15.977  14.688  1.00 20.79 ? 43   LYS A CD  1 
ATOM   347  C  CE  . LYS A 1 43  ? -10.667 17.125  14.022  1.00 22.97 ? 43   LYS A CE  1 
ATOM   348  N  NZ  . LYS A 1 43  ? -11.022 18.431  14.659  1.00 25.26 ? 43   LYS A NZ  1 
ATOM   349  N  N   . SER A 1 44  ? -12.479 10.510  15.536  1.00 14.06 ? 44   SER A N   1 
ATOM   350  C  CA  . SER A 1 44  ? -12.796 9.410   16.455  1.00 14.06 ? 44   SER A CA  1 
ATOM   351  C  C   . SER A 1 44  ? -11.941 8.173   16.152  1.00 13.74 ? 44   SER A C   1 
ATOM   352  O  O   . SER A 1 44  ? -11.432 7.522   17.068  1.00 12.87 ? 44   SER A O   1 
ATOM   353  C  CB  . SER A 1 44  ? -14.288 9.055   16.413  1.00 14.63 ? 44   SER A CB  1 
ATOM   354  O  OG  A SER A 1 44  ? -14.596 8.086   17.401  0.50 14.26 ? 44   SER A OG  1 
ATOM   355  O  OG  B SER A 1 44  ? -15.071 10.086  16.987  0.50 14.59 ? 44   SER A OG  1 
ATOM   356  N  N   . GLU A 1 45  ? -11.796 7.844   14.869  1.00 13.59 ? 45   GLU A N   1 
ATOM   357  C  CA  . GLU A 1 45  ? -10.973 6.708   14.463  1.00 13.61 ? 45   GLU A CA  1 
ATOM   358  C  C   . GLU A 1 45  ? -9.528  6.950   14.883  1.00 13.31 ? 45   GLU A C   1 
ATOM   359  O  O   . GLU A 1 45  ? -8.852  6.045   15.383  1.00 13.44 ? 45   GLU A O   1 
ATOM   360  C  CB  . GLU A 1 45  ? -11.062 6.480   12.943  1.00 13.20 ? 45   GLU A CB  1 
ATOM   361  C  CG  . GLU A 1 45  ? -12.397 5.899   12.501  1.00 15.13 ? 45   GLU A CG  1 
ATOM   362  C  CD  . GLU A 1 45  ? -12.715 4.579   13.208  1.00 17.85 ? 45   GLU A CD  1 
ATOM   363  O  OE1 . GLU A 1 45  ? -11.898 3.644   13.157  1.00 17.10 ? 45   GLU A OE1 1 
ATOM   364  O  OE2 . GLU A 1 45  ? -13.782 4.485   13.837  1.00 21.95 ? 45   GLU A OE2 1 
ATOM   365  N  N   . LEU A 1 46  ? -9.063  8.182   14.698  1.00 12.79 ? 46   LEU A N   1 
ATOM   366  C  CA  . LEU A 1 46  ? -7.687  8.528   15.054  1.00 13.29 ? 46   LEU A CA  1 
ATOM   367  C  C   . LEU A 1 46  ? -7.417  8.334   16.545  1.00 13.26 ? 46   LEU A C   1 
ATOM   368  O  O   . LEU A 1 46  ? -6.433  7.704   16.923  1.00 12.74 ? 46   LEU A O   1 
ATOM   369  C  CB  . LEU A 1 46  ? -7.354  9.958   14.634  1.00 13.07 ? 46   LEU A CB  1 
ATOM   370  C  CG  . LEU A 1 46  ? -5.947  10.458  14.964  1.00 13.83 ? 46   LEU A CG  1 
ATOM   371  C  CD1 . LEU A 1 46  ? -4.881  9.529   14.367  1.00 13.56 ? 46   LEU A CD1 1 
ATOM   372  C  CD2 . LEU A 1 46  ? -5.765  11.871  14.467  1.00 13.65 ? 46   LEU A CD2 1 
ATOM   373  N  N   . ASP A 1 47  ? -8.303  8.869   17.379  1.00 13.01 ? 47   ASP A N   1 
ATOM   374  C  CA  . ASP A 1 47  ? -8.143  8.774   18.830  1.00 13.41 ? 47   ASP A CA  1 
ATOM   375  C  C   . ASP A 1 47  ? -8.104  7.310   19.276  1.00 13.15 ? 47   ASP A C   1 
ATOM   376  O  O   . ASP A 1 47  ? -7.291  6.931   20.127  1.00 13.64 ? 47   ASP A O   1 
ATOM   377  C  CB  . ASP A 1 47  ? -9.279  9.510   19.544  1.00 13.88 ? 47   ASP A CB  1 
ATOM   378  C  CG  . ASP A 1 47  ? -9.251  11.022  19.319  1.00 15.26 ? 47   ASP A CG  1 
ATOM   379  O  OD1 . ASP A 1 47  ? -8.227  11.576  18.854  1.00 14.55 ? 47   ASP A OD1 1 
ATOM   380  O  OD2 . ASP A 1 47  ? -10.278 11.661  19.638  1.00 18.52 ? 47   ASP A OD2 1 
ATOM   381  N  N   . LYS A 1 48  ? -8.964  6.497   18.667  1.00 13.21 ? 48   LYS A N   1 
ATOM   382  C  CA  . LYS A 1 48  ? -9.041  5.061   18.950  1.00 13.25 ? 48   LYS A CA  1 
ATOM   383  C  C   . LYS A 1 48  ? -7.752  4.358   18.507  1.00 12.90 ? 48   LYS A C   1 
ATOM   384  O  O   . LYS A 1 48  ? -7.232  3.499   19.217  1.00 12.11 ? 48   LYS A O   1 
ATOM   385  C  CB  . LYS A 1 48  ? -10.266 4.456   18.253  1.00 13.04 ? 48   LYS A CB  1 
ATOM   386  C  CG  . LYS A 1 48  ? -10.323 2.919   18.235  1.00 13.93 ? 48   LYS A CG  1 
ATOM   387  C  CD  . LYS A 1 48  ? -11.697 2.394   17.779  1.00 14.86 ? 48   LYS A CD  1 
ATOM   388  C  CE  . LYS A 1 48  ? -12.094 2.849   16.379  1.00 18.26 ? 48   LYS A CE  1 
ATOM   389  N  NZ  . LYS A 1 48  ? -11.563 2.003   15.320  1.00 19.43 ? 48   LYS A NZ  1 
ATOM   390  N  N   . ALA A 1 49  ? -7.250  4.727   17.330  1.00 12.55 ? 49   ALA A N   1 
ATOM   391  C  CA  . ALA A 1 49  ? -6.015  4.136   16.793  1.00 13.20 ? 49   ALA A CA  1 
ATOM   392  C  C   . ALA A 1 49  ? -4.788  4.445   17.657  1.00 13.64 ? 49   ALA A C   1 
ATOM   393  O  O   . ALA A 1 49  ? -3.931  3.582   17.867  1.00 14.16 ? 49   ALA A O   1 
ATOM   394  C  CB  . ALA A 1 49  ? -5.788  4.611   15.364  1.00 13.08 ? 49   ALA A CB  1 
ATOM   395  N  N   . ILE A 1 50  ? -4.720  5.680   18.154  1.00 14.01 ? 50   ILE A N   1 
ATOM   396  C  CA  . ILE A 1 50  ? -3.578  6.175   18.929  1.00 14.92 ? 50   ILE A CA  1 
ATOM   397  C  C   . ILE A 1 50  ? -3.706  5.889   20.426  1.00 15.05 ? 50   ILE A C   1 
ATOM   398  O  O   . ILE A 1 50  ? -2.698  5.759   21.129  1.00 14.84 ? 50   ILE A O   1 
ATOM   399  C  CB  . ILE A 1 50  ? -3.389  7.717   18.704  1.00 14.93 ? 50   ILE A CB  1 
ATOM   400  C  CG1 . ILE A 1 50  ? -3.136  8.017   17.220  1.00 17.17 ? 50   ILE A CG1 1 
ATOM   401  C  CG2 . ILE A 1 50  ? -2.277  8.296   19.601  1.00 16.24 ? 50   ILE A CG2 1 
ATOM   402  C  CD1 . ILE A 1 50  ? -1.882  7.344   16.648  1.00 18.96 ? 50   ILE A CD1 1 
ATOM   403  N  N   . GLY A 1 51  ? -4.943  5.819   20.907  1.00 15.19 ? 51   GLY A N   1 
ATOM   404  C  CA  . GLY A 1 51  ? -5.205  5.576   22.319  1.00 16.23 ? 51   GLY A CA  1 
ATOM   405  C  C   . GLY A 1 51  ? -5.188  6.829   23.178  1.00 16.51 ? 51   GLY A C   1 
ATOM   406  O  O   . GLY A 1 51  ? -4.894  6.763   24.380  1.00 16.57 ? 51   GLY A O   1 
ATOM   407  N  N   . ARG A 1 52  ? -5.489  7.975   22.564  1.00 16.42 ? 52   ARG A N   1 
ATOM   408  C  CA  . ARG A 1 52  ? -5.580  9.241   23.290  1.00 16.92 ? 52   ARG A CA  1 
ATOM   409  C  C   . ARG A 1 52  ? -6.404  10.262  22.506  1.00 17.31 ? 52   ARG A C   1 
ATOM   410  O  O   . ARG A 1 52  ? -6.617  10.109  21.299  1.00 16.53 ? 52   ARG A O   1 
ATOM   411  C  CB  . ARG A 1 52  ? -4.193  9.809   23.602  1.00 17.06 ? 52   ARG A CB  1 
ATOM   412  C  CG  . ARG A 1 52  ? -3.429  10.268  22.379  1.00 17.31 ? 52   ARG A CG  1 
ATOM   413  C  CD  . ARG A 1 52  ? -2.092  10.914  22.737  1.00 17.45 ? 52   ARG A CD  1 
ATOM   414  N  NE  . ARG A 1 52  ? -1.409  11.378  21.531  1.00 16.36 ? 52   ARG A NE  1 
ATOM   415  C  CZ  . ARG A 1 52  ? -1.601  12.564  20.953  1.00 17.14 ? 52   ARG A CZ  1 
ATOM   416  N  NH1 . ARG A 1 52  ? -2.455  13.455  21.468  1.00 16.09 ? 52   ARG A NH1 1 
ATOM   417  N  NH2 . ARG A 1 52  ? -0.935  12.861  19.849  1.00 17.12 ? 52   ARG A NH2 1 
ATOM   418  N  N   . ASN A 1 53  ? -6.868  11.293  23.207  1.00 18.05 ? 53   ASN A N   1 
ATOM   419  C  CA  . ASN A 1 53  ? -7.659  12.362  22.605  1.00 19.20 ? 53   ASN A CA  1 
ATOM   420  C  C   . ASN A 1 53  ? -6.692  13.277  21.845  1.00 19.52 ? 53   ASN A C   1 
ATOM   421  O  O   . ASN A 1 53  ? -5.990  14.095  22.448  1.00 20.43 ? 53   ASN A O   1 
ATOM   422  C  CB  . ASN A 1 53  ? -8.392  13.140  23.714  1.00 19.89 ? 53   ASN A CB  1 
ATOM   423  C  CG  . ASN A 1 53  ? -9.582  13.952  23.201  0.50 19.84 ? 53   ASN A CG  1 
ATOM   424  O  OD1 . ASN A 1 53  ? -10.372 14.467  23.996  0.50 22.65 ? 53   ASN A OD1 1 
ATOM   425  N  ND2 . ASN A 1 53  ? -9.722  14.059  21.888  0.50 20.57 ? 53   ASN A ND2 1 
ATOM   426  N  N   . THR A 1 54  ? -6.636  13.113  20.526  1.00 19.95 ? 54   THR A N   1 
ATOM   427  C  CA  . THR A 1 54  ? -5.713  13.882  19.686  1.00 20.63 ? 54   THR A CA  1 
ATOM   428  C  C   . THR A 1 54  ? -6.428  15.134  19.162  1.00 21.17 ? 54   THR A C   1 
ATOM   429  O  O   . THR A 1 54  ? -7.656  15.143  19.041  0.70 21.76 ? 54   THR A O   1 
ATOM   430  C  CB  . THR A 1 54  ? -5.211  13.041  18.470  1.00 20.66 ? 54   THR A CB  1 
ATOM   431  O  OG1 . THR A 1 54  ? -6.283  12.844  17.538  1.00 20.86 ? 54   THR A OG1 1 
ATOM   432  C  CG2 . THR A 1 54  ? -4.663  11.672  18.911  1.00 20.77 ? 54   THR A CG2 1 
ATOM   433  N  N   . ASN A 1 55  ? -5.693  16.194  18.845  0.70 20.99 ? 55   ASN A N   1 
ATOM   434  C  CA  . ASN A 1 55  ? -6.367  17.356  18.248  0.70 21.03 ? 55   ASN A CA  1 
ATOM   435  C  C   . ASN A 1 55  ? -6.419  17.205  16.720  0.70 20.46 ? 55   ASN A C   1 
ATOM   436  O  O   . ASN A 1 55  ? -6.458  18.191  15.997  0.70 20.86 ? 55   ASN A O   1 
ATOM   437  C  CB  . ASN A 1 55  ? -5.732  18.699  18.676  0.70 21.38 ? 55   ASN A CB  1 
ATOM   438  C  CG  . ASN A 1 55  ? -4.268  18.808  18.308  0.70 21.59 ? 55   ASN A CG  1 
ATOM   439  O  OD1 . ASN A 1 55  ? -3.578  17.806  18.161  0.70 23.51 ? 55   ASN A OD1 1 
ATOM   440  N  ND2 . ASN A 1 55  ? -3.781  20.037  18.179  0.70 23.18 ? 55   ASN A ND2 1 
ATOM   441  N  N   . GLY A 1 56  ? -6.448  15.952  16.249  1.00 20.05 ? 56   GLY A N   1 
ATOM   442  C  CA  . GLY A 1 56  ? -6.339  15.649  14.811  1.00 18.79 ? 56   GLY A CA  1 
ATOM   443  C  C   . GLY A 1 56  ? -4.879  15.731  14.371  1.00 18.09 ? 56   GLY A C   1 
ATOM   444  O  O   . GLY A 1 56  ? -4.579  15.766  13.173  1.00 17.24 ? 56   GLY A O   1 
ATOM   445  N  N   . VAL A 1 57  ? -3.974  15.764  15.353  1.00 17.46 ? 57   VAL A N   1 
ATOM   446  C  CA  . VAL A 1 57  ? -2.536  15.881  15.117  1.00 16.76 ? 57   VAL A CA  1 
ATOM   447  C  C   . VAL A 1 57  ? -1.784  14.812  15.924  1.00 16.67 ? 57   VAL A C   1 
ATOM   448  O  O   . VAL A 1 57  ? -2.067  14.598  17.111  1.00 16.48 ? 57   VAL A O   1 
ATOM   449  C  CB  . VAL A 1 57  ? -2.008  17.290  15.513  1.00 17.41 ? 57   VAL A CB  1 
ATOM   450  C  CG1 . VAL A 1 57  ? -0.504  17.425  15.232  1.00 18.08 ? 57   VAL A CG1 1 
ATOM   451  C  CG2 . VAL A 1 57  ? -2.786  18.378  14.783  1.00 18.19 ? 57   VAL A CG2 1 
ATOM   452  N  N   . ILE A 1 58  ? -0.842  14.142  15.269  1.00 15.35 ? 58   ILE A N   1 
ATOM   453  C  CA  . ILE A 1 58  ? -0.028  13.120  15.929  1.00 14.75 ? 58   ILE A CA  1 
ATOM   454  C  C   . ILE A 1 58  ? 1.468   13.434  15.797  1.00 14.55 ? 58   ILE A C   1 
ATOM   455  O  O   . ILE A 1 58  ? 1.866   14.324  15.039  1.00 14.88 ? 58   ILE A O   1 
ATOM   456  C  CB  . ILE A 1 58  ? -0.344  11.695  15.383  1.00 14.69 ? 58   ILE A CB  1 
ATOM   457  C  CG1 . ILE A 1 58  ? -0.062  11.610  13.871  1.00 14.66 ? 58   ILE A CG1 1 
ATOM   458  C  CG2 . ILE A 1 58  ? -1.805  11.315  15.702  1.00 13.72 ? 58   ILE A CG2 1 
ATOM   459  C  CD1 . ILE A 1 58  ? -0.128  10.182  13.293  1.00 14.78 ? 58   ILE A CD1 1 
ATOM   460  N  N   . THR A 1 59  ? 2.292   12.705  16.543  1.00 14.21 ? 59   THR A N   1 
ATOM   461  C  CA  . THR A 1 59  ? 3.742   12.890  16.478  1.00 14.47 ? 59   THR A CA  1 
ATOM   462  C  C   . THR A 1 59  ? 4.323   11.962  15.416  1.00 14.42 ? 59   THR A C   1 
ATOM   463  O  O   . THR A 1 59  ? 3.643   11.038  14.950  1.00 14.35 ? 59   THR A O   1 
ATOM   464  C  CB  . THR A 1 59  ? 4.413   12.566  17.824  1.00 14.82 ? 59   THR A CB  1 
ATOM   465  O  OG1 . THR A 1 59  ? 4.248   11.168  18.111  1.00 14.65 ? 59   THR A OG1 1 
ATOM   466  C  CG2 . THR A 1 59  ? 3.807   13.403  18.959  1.00 15.56 ? 59   THR A CG2 1 
ATOM   467  N  N   . LYS A 1 60  ? 5.579   12.197  15.045  1.00 14.16 ? 60   LYS A N   1 
ATOM   468  C  CA  . LYS A 1 60  ? 6.244   11.339  14.070  1.00 14.16 ? 60   LYS A CA  1 
ATOM   469  C  C   . LYS A 1 60  ? 6.312   9.907   14.600  1.00 13.63 ? 60   LYS A C   1 
ATOM   470  O  O   . LYS A 1 60  ? 6.055   8.953   13.852  1.00 13.02 ? 60   LYS A O   1 
ATOM   471  C  CB  . LYS A 1 60  ? 7.645   11.863  13.739  1.00 14.27 ? 60   LYS A CB  1 
ATOM   472  C  CG  . LYS A 1 60  ? 8.315   11.120  12.591  1.00 15.17 ? 60   LYS A CG  1 
ATOM   473  C  CD  . LYS A 1 60  ? 9.654   11.761  12.229  1.00 19.62 ? 60   LYS A CD  1 
ATOM   474  C  CE  . LYS A 1 60  ? 10.307  11.032  11.073  1.00 22.17 ? 60   LYS A CE  1 
ATOM   475  N  NZ  . LYS A 1 60  ? 11.560  11.713  10.638  1.00 26.27 ? 60   LYS A NZ  1 
ATOM   476  N  N   . ASP A 1 61  ? 6.638   9.762   15.888  1.00 13.61 ? 61   ASP A N   1 
ATOM   477  C  CA  . ASP A 1 61  ? 6.713   8.436   16.507  1.00 13.68 ? 61   ASP A CA  1 
ATOM   478  C  C   . ASP A 1 61  ? 5.366   7.719   16.386  1.00 12.98 ? 61   ASP A C   1 
ATOM   479  O  O   . ASP A 1 61  ? 5.313   6.527   16.060  1.00 13.21 ? 61   ASP A O   1 
ATOM   480  C  CB  . ASP A 1 61  ? 7.116   8.523   17.986  1.00 14.18 ? 61   ASP A CB  1 
ATOM   481  C  CG  . ASP A 1 61  ? 8.603   8.804   18.192  1.00 17.23 ? 61   ASP A CG  1 
ATOM   482  O  OD1 . ASP A 1 61  ? 9.374   8.936   17.208  1.00 18.97 ? 61   ASP A OD1 1 
ATOM   483  O  OD2 . ASP A 1 61  ? 8.995   8.879   19.375  1.00 20.41 ? 61   ASP A OD2 1 
ATOM   484  N  N   . GLU A 1 62  ? 4.275   8.448   16.638  1.00 12.39 ? 62   GLU A N   1 
ATOM   485  C  CA  . GLU A 1 62  ? 2.930   7.870   16.536  1.00 12.36 ? 62   GLU A CA  1 
ATOM   486  C  C   . GLU A 1 62  ? 2.609   7.473   15.084  1.00 11.96 ? 62   GLU A C   1 
ATOM   487  O  O   . GLU A 1 62  ? 2.071   6.391   14.833  1.00 12.56 ? 62   GLU A O   1 
ATOM   488  C  CB  . GLU A 1 62  ? 1.882   8.831   17.119  1.00 11.71 ? 62   GLU A CB  1 
ATOM   489  C  CG  . GLU A 1 62  ? 1.964   8.941   18.651  1.00 12.37 ? 62   GLU A CG  1 
ATOM   490  C  CD  . GLU A 1 62  ? 1.117   10.074  19.219  1.00 13.61 ? 62   GLU A CD  1 
ATOM   491  O  OE1 . GLU A 1 62  ? 0.749   10.995  18.459  1.00 12.78 ? 62   GLU A OE1 1 
ATOM   492  O  OE2 . GLU A 1 62  ? 0.836   10.047  20.439  1.00 14.62 ? 62   GLU A OE2 1 
ATOM   493  N  N   . ALA A 1 63  ? 2.987   8.326   14.131  1.00 12.21 ? 63   ALA A N   1 
ATOM   494  C  CA  . ALA A 1 63  ? 2.817   8.017   12.696  1.00 11.92 ? 63   ALA A CA  1 
ATOM   495  C  C   . ALA A 1 63  ? 3.556   6.728   12.324  1.00 11.60 ? 63   ALA A C   1 
ATOM   496  O  O   . ALA A 1 63  ? 3.022   5.869   11.610  1.00 11.46 ? 63   ALA A O   1 
ATOM   497  C  CB  . ALA A 1 63  ? 3.320   9.168   11.834  1.00 12.47 ? 63   ALA A CB  1 
ATOM   498  N  N   . GLU A 1 64  ? 4.785   6.597   12.821  1.00 11.17 ? 64   GLU A N   1 
ATOM   499  C  CA  . GLU A 1 64  ? 5.600   5.425   12.530  1.00 11.35 ? 64   GLU A CA  1 
ATOM   500  C  C   . GLU A 1 64  ? 5.050   4.152   13.198  1.00 11.14 ? 64   GLU A C   1 
ATOM   501  O  O   . GLU A 1 64  ? 5.189   3.041   12.666  1.00 10.98 ? 64   GLU A O   1 
ATOM   502  C  CB  . GLU A 1 64  ? 7.056   5.696   12.904  1.00 11.47 ? 64   GLU A CB  1 
ATOM   503  C  CG  . GLU A 1 64  ? 7.719   6.688   11.936  1.00 11.96 ? 64   GLU A CG  1 
ATOM   504  C  CD  . GLU A 1 64  ? 9.097   7.145   12.386  1.00 16.75 ? 64   GLU A CD  1 
ATOM   505  O  OE1 . GLU A 1 64  ? 9.454   6.945   13.571  1.00 18.08 ? 64   GLU A OE1 1 
ATOM   506  O  OE2 . GLU A 1 64  ? 9.807   7.744   11.549  1.00 18.68 ? 64   GLU A OE2 1 
ATOM   507  N  N   . LYS A 1 65  ? 4.402   4.314   14.347  1.00 11.16 ? 65   LYS A N   1 
ATOM   508  C  CA  . LYS A 1 65  ? 3.803   3.160   15.019  1.00 11.51 ? 65   LYS A CA  1 
ATOM   509  C  C   . LYS A 1 65  ? 2.634   2.605   14.192  1.00 10.86 ? 65   LYS A C   1 
ATOM   510  O  O   . LYS A 1 65  ? 2.546   1.391   13.951  1.00 11.13 ? 65   LYS A O   1 
ATOM   511  C  CB  . LYS A 1 65  ? 3.362   3.531   16.434  1.00 12.00 ? 65   LYS A CB  1 
ATOM   512  C  CG  . LYS A 1 65  ? 2.681   2.401   17.191  1.00 13.41 ? 65   LYS A CG  1 
ATOM   513  C  CD  . LYS A 1 65  ? 2.550   2.765   18.669  1.00 15.42 ? 65   LYS A CD  1 
ATOM   514  C  CE  . LYS A 1 65  ? 1.786   1.692   19.437  1.00 17.16 ? 65   LYS A CE  1 
ATOM   515  N  NZ  A LYS A 1 65  ? 2.603   0.477   19.696  0.70 15.63 ? 65   LYS A NZ  1 
ATOM   516  N  NZ  B LYS A 1 65  ? 2.108   1.701   20.887  0.30 15.64 ? 65   LYS A NZ  1 
ATOM   517  N  N   . LEU A 1 66  ? 1.754   3.495   13.741  1.00 10.23 ? 66   LEU A N   1 
ATOM   518  C  CA  . LEU A 1 66  ? 0.639   3.096   12.873  1.00 10.71 ? 66   LEU A CA  1 
ATOM   519  C  C   . LEU A 1 66  ? 1.172   2.458   11.588  1.00 10.38 ? 66   LEU A C   1 
ATOM   520  O  O   . LEU A 1 66  ? 0.618   1.471   11.083  1.00 9.96  ? 66   LEU A O   1 
ATOM   521  C  CB  . LEU A 1 66  ? -0.227  4.309   12.530  1.00 11.04 ? 66   LEU A CB  1 
ATOM   522  C  CG  . LEU A 1 66  ? -0.968  4.995   13.686  1.00 12.24 ? 66   LEU A CG  1 
ATOM   523  C  CD1 . LEU A 1 66  ? -1.783  6.173   13.152  1.00 13.35 ? 66   LEU A CD1 1 
ATOM   524  C  CD2 . LEU A 1 66  ? -1.869  3.998   14.438  1.00 14.34 ? 66   LEU A CD2 1 
ATOM   525  N  N   . PHE A 1 67  ? 2.256   3.025   11.067  1.00 10.30 ? 67   PHE A N   1 
ATOM   526  C  CA  . PHE A 1 67  ? 2.866   2.522   9.830   1.00 10.67 ? 67   PHE A CA  1 
ATOM   527  C  C   . PHE A 1 67  ? 3.347   1.083   10.010  1.00 11.37 ? 67   PHE A C   1 
ATOM   528  O  O   . PHE A 1 67  ? 3.071   0.210   9.172   1.00 11.21 ? 67   PHE A O   1 
ATOM   529  C  CB  . PHE A 1 67  ? 4.006   3.445   9.419   1.00 11.06 ? 67   PHE A CB  1 
ATOM   530  C  CG  . PHE A 1 67  ? 4.622   3.116   8.072   1.00 10.82 ? 67   PHE A CG  1 
ATOM   531  C  CD1 . PHE A 1 67  ? 3.826   2.758   6.980   1.00 11.37 ? 67   PHE A CD1 1 
ATOM   532  C  CD2 . PHE A 1 67  ? 5.997   3.240   7.887   1.00 11.15 ? 67   PHE A CD2 1 
ATOM   533  C  CE1 . PHE A 1 67  ? 4.408   2.497   5.727   1.00 12.40 ? 67   PHE A CE1 1 
ATOM   534  C  CE2 . PHE A 1 67  ? 6.582   2.988   6.646   1.00 12.59 ? 67   PHE A CE2 1 
ATOM   535  C  CZ  . PHE A 1 67  ? 5.786   2.608   5.569   1.00 12.34 ? 67   PHE A CZ  1 
ATOM   536  N  N   . ASN A 1 68  ? 4.058   0.842   11.108  1.00 11.38 ? 68   ASN A N   1 
ATOM   537  C  CA  . ASN A 1 68  ? 4.538   -0.500  11.431  1.00 11.60 ? 68   ASN A CA  1 
ATOM   538  C  C   . ASN A 1 68  ? 3.365   -1.484  11.492  1.00 11.42 ? 68   ASN A C   1 
ATOM   539  O  O   . ASN A 1 68  ? 3.414   -2.569  10.904  1.00 11.27 ? 68   ASN A O   1 
ATOM   540  C  CB  . ASN A 1 68  ? 5.311   -0.505  12.755  1.00 11.98 ? 68   ASN A CB  1 
ATOM   541  C  CG  A ASN A 1 68  ? 6.730   0.007   12.628  0.50 10.94 ? 68   ASN A CG  1 
ATOM   542  C  CG  B ASN A 1 68  ? 6.270   -1.678  12.860  0.50 12.59 ? 68   ASN A CG  1 
ATOM   543  O  OD1 A ASN A 1 68  ? 7.407   -0.226  11.628  0.50 11.62 ? 68   ASN A OD1 1 
ATOM   544  O  OD1 B ASN A 1 68  ? 7.171   -1.684  13.701  0.50 14.15 ? 68   ASN A OD1 1 
ATOM   545  N  ND2 A ASN A 1 68  ? 7.207   0.673   13.674  0.50 10.56 ? 68   ASN A ND2 1 
ATOM   546  N  ND2 B ASN A 1 68  ? 6.097   -2.671  11.988  0.50 13.51 ? 68   ASN A ND2 1 
ATOM   547  N  N   . GLN A 1 69  ? 2.293   -1.085  12.176  1.00 11.30 ? 69   GLN A N   1 
ATOM   548  C  CA  . GLN A 1 69  ? 1.097   -1.923  12.276  1.00 11.15 ? 69   GLN A CA  1 
ATOM   549  C  C   . GLN A 1 69  ? 0.473   -2.200  10.908  1.00 11.75 ? 69   GLN A C   1 
ATOM   550  O  O   . GLN A 1 69  ? 0.034   -3.327  10.625  1.00 11.65 ? 69   GLN A O   1 
ATOM   551  C  CB  . GLN A 1 69  ? 0.063   -1.255  13.197  1.00 10.81 ? 69   GLN A CB  1 
ATOM   552  C  CG  . GLN A 1 69  ? 0.539   -1.215  14.638  1.00 9.55  ? 69   GLN A CG  1 
ATOM   553  C  CD  . GLN A 1 69  ? -0.399  -0.527  15.601  1.00 11.79 ? 69   GLN A CD  1 
ATOM   554  O  OE1 . GLN A 1 69  ? -0.202  -0.620  16.821  1.00 13.37 ? 69   GLN A OE1 1 
ATOM   555  N  NE2 . GLN A 1 69  ? -1.405  0.182   15.081  1.00 11.47 ? 69   GLN A NE2 1 
ATOM   556  N  N   . ASP A 1 70  ? 0.441   -1.168  10.073  1.00 11.31 ? 70   ASP A N   1 
ATOM   557  C  CA  . ASP A 1 70  ? -0.172  -1.264  8.758   1.00 11.11 ? 70   ASP A CA  1 
ATOM   558  C  C   . ASP A 1 70  ? 0.624   -2.147  7.804   1.00 10.95 ? 70   ASP A C   1 
ATOM   559  O  O   . ASP A 1 70  ? 0.035   -2.907  7.034   1.00 11.28 ? 70   ASP A O   1 
ATOM   560  C  CB  . ASP A 1 70  ? -0.402  0.120   8.153   1.00 11.17 ? 70   ASP A CB  1 
ATOM   561  C  CG  . ASP A 1 70  ? -1.464  0.939   8.902   1.00 12.07 ? 70   ASP A CG  1 
ATOM   562  O  OD1 . ASP A 1 70  ? -2.227  0.394   9.743   1.00 11.78 ? 70   ASP A OD1 1 
ATOM   563  O  OD2 . ASP A 1 70  ? -1.524  2.152   8.628   1.00 13.10 ? 70   ASP A OD2 1 
ATOM   564  N  N   . VAL A 1 71  ? 1.948   -2.043  7.850   1.00 10.93 ? 71   VAL A N   1 
ATOM   565  C  CA  . VAL A 1 71  ? 2.804   -2.913  7.022   1.00 11.11 ? 71   VAL A CA  1 
ATOM   566  C  C   . VAL A 1 71  ? 2.606   -4.373  7.465   1.00 11.59 ? 71   VAL A C   1 
ATOM   567  O  O   . VAL A 1 71  ? 2.379   -5.266  6.632   1.00 11.55 ? 71   VAL A O   1 
ATOM   568  C  CB  . VAL A 1 71  ? 4.288   -2.498  7.096   1.00 11.00 ? 71   VAL A CB  1 
ATOM   569  C  CG1 . VAL A 1 71  ? 5.172   -3.553  6.425   1.00 11.43 ? 71   VAL A CG1 1 
ATOM   570  C  CG2 . VAL A 1 71  ? 4.499   -1.107  6.443   1.00 10.85 ? 71   VAL A CG2 1 
ATOM   571  N  N   . ASP A 1 72  ? 2.642   -4.588  8.782   1.00 12.08 ? 72   ASP A N   1 
ATOM   572  C  CA  . ASP A 1 72  ? 2.413   -5.903  9.379   1.00 13.09 ? 72   ASP A CA  1 
ATOM   573  C  C   . ASP A 1 72  ? 1.046   -6.448  8.923   1.00 12.91 ? 72   ASP A C   1 
ATOM   574  O  O   . ASP A 1 72  ? 0.932   -7.603  8.497   1.00 12.95 ? 72   ASP A O   1 
ATOM   575  C  CB  . ASP A 1 72  ? 2.476   -5.761  10.906  1.00 13.77 ? 72   ASP A CB  1 
ATOM   576  C  CG  . ASP A 1 72  ? 2.706   -7.078  11.628  1.00 17.95 ? 72   ASP A CG  1 
ATOM   577  O  OD1 . ASP A 1 72  ? 3.059   -8.092  10.990  1.00 22.61 ? 72   ASP A OD1 1 
ATOM   578  O  OD2 . ASP A 1 72  ? 2.570   -7.074  12.868  1.00 20.37 ? 72   ASP A OD2 1 
ATOM   579  N  N   . ALA A 1 73  ? 0.023   -5.603  8.973   1.00 12.97 ? 73   ALA A N   1 
ATOM   580  C  CA  . ALA A 1 73  ? -1.331  -6.010  8.572   1.00 13.61 ? 73   ALA A CA  1 
ATOM   581  C  C   . ALA A 1 73  ? -1.413  -6.413  7.095   1.00 13.46 ? 73   ALA A C   1 
ATOM   582  O  O   . ALA A 1 73  ? -2.112  -7.365  6.746   1.00 13.77 ? 73   ALA A O   1 
ATOM   583  C  CB  . ALA A 1 73  ? -2.337  -4.920  8.893   1.00 13.92 ? 73   ALA A CB  1 
ATOM   584  N  N   . ALA A 1 74  ? -0.689  -5.696  6.236   1.00 13.19 ? 74   ALA A N   1 
ATOM   585  C  CA  . ALA A 1 74  ? -0.679  -6.002  4.798   1.00 13.29 ? 74   ALA A CA  1 
ATOM   586  C  C   . ALA A 1 74  ? -0.057  -7.386  4.565   1.00 13.50 ? 74   ALA A C   1 
ATOM   587  O  O   . ALA A 1 74  ? -0.609  -8.213  3.823   1.00 12.95 ? 74   ALA A O   1 
ATOM   588  C  CB  . ALA A 1 74  ? 0.080   -4.934  4.040   1.00 13.04 ? 74   ALA A CB  1 
ATOM   589  N  N   . VAL A 1 75  ? 1.085   -7.632  5.210   1.00 13.57 ? 75   VAL A N   1 
ATOM   590  C  CA  . VAL A 1 75  ? 1.756   -8.935  5.110   1.00 14.25 ? 75   VAL A CA  1 
ATOM   591  C  C   . VAL A 1 75  ? 0.834   -10.034 5.651   1.00 14.45 ? 75   VAL A C   1 
ATOM   592  O  O   . VAL A 1 75  ? 0.628   -11.062 4.994   1.00 14.22 ? 75   VAL A O   1 
ATOM   593  C  CB  . VAL A 1 75  ? 3.105   -8.935  5.859   1.00 14.12 ? 75   VAL A CB  1 
ATOM   594  C  CG1 . VAL A 1 75  ? 3.709   -10.344 5.901   1.00 15.36 ? 75   VAL A CG1 1 
ATOM   595  C  CG2 . VAL A 1 75  ? 4.056   -7.967  5.206   1.00 14.22 ? 75   VAL A CG2 1 
ATOM   596  N  N   . ARG A 1 76  ? 0.272   -9.801  6.836   1.00 15.00 ? 76   ARG A N   1 
ATOM   597  C  CA  . ARG A 1 76  ? -0.683  -10.733 7.455   1.00 16.11 ? 76   ARG A CA  1 
ATOM   598  C  C   . ARG A 1 76  ? -1.860  -11.041 6.512   1.00 16.17 ? 76   ARG A C   1 
ATOM   599  O  O   . ARG A 1 76  ? -2.243  -12.207 6.345   1.00 16.45 ? 76   ARG A O   1 
ATOM   600  C  CB  . ARG A 1 76  ? -1.169  -10.166 8.807   1.00 16.44 ? 76   ARG A CB  1 
ATOM   601  C  CG  . ARG A 1 76  ? -2.099  -11.092 9.593   0.50 16.25 ? 76   ARG A CG  1 
ATOM   602  C  CD  . ARG A 1 76  ? -2.247  -10.674 11.062  0.50 16.66 ? 76   ARG A CD  1 
ATOM   603  N  NE  . ARG A 1 76  ? -2.975  -9.415  11.247  0.50 17.15 ? 76   ARG A NE  1 
ATOM   604  C  CZ  . ARG A 1 76  ? -2.413  -8.245  11.551  0.50 17.12 ? 76   ARG A CZ  1 
ATOM   605  N  NH1 . ARG A 1 76  ? -1.098  -8.138  11.715  0.50 17.08 ? 76   ARG A NH1 1 
ATOM   606  N  NH2 . ARG A 1 76  ? -3.177  -7.172  11.696  0.50 17.83 ? 76   ARG A NH2 1 
ATOM   607  N  N   . GLY A 1 77  ? -2.396  -10.002 5.872   1.00 16.00 ? 77   GLY A N   1 
ATOM   608  C  CA  . GLY A 1 77  ? -3.509  -10.139 4.918   1.00 15.47 ? 77   GLY A CA  1 
ATOM   609  C  C   . GLY A 1 77  ? -3.144  -11.012 3.727   1.00 15.54 ? 77   GLY A C   1 
ATOM   610  O  O   . GLY A 1 77  ? -3.936  -11.867 3.292   1.00 15.95 ? 77   GLY A O   1 
ATOM   611  N  N   . ILE A 1 78  ? -1.946  -10.801 3.194   1.00 14.45 ? 78   ILE A N   1 
ATOM   612  C  CA  . ILE A 1 78  ? -1.445  -11.604 2.076   1.00 14.22 ? 78   ILE A CA  1 
ATOM   613  C  C   . ILE A 1 78  ? -1.354  -13.078 2.476   1.00 14.45 ? 78   ILE A C   1 
ATOM   614  O  O   . ILE A 1 78  ? -1.846  -13.965 1.759   1.00 14.86 ? 78   ILE A O   1 
ATOM   615  C  CB  . ILE A 1 78  ? -0.055  -11.092 1.591   1.00 13.89 ? 78   ILE A CB  1 
ATOM   616  C  CG1 . ILE A 1 78  ? -0.216  -9.759  0.835   1.00 14.04 ? 78   ILE A CG1 1 
ATOM   617  C  CG2 . ILE A 1 78  ? 0.638   -12.122 0.695   1.00 14.02 ? 78   ILE A CG2 1 
ATOM   618  C  CD1 . ILE A 1 78  ? 1.103   -9.019  0.579   1.00 14.57 ? 78   ILE A CD1 1 
ATOM   619  N  N   . LEU A 1 79  ? -0.737  -13.339 3.624   1.00 14.28 ? 79   LEU A N   1 
ATOM   620  C  CA  . LEU A 1 79  ? -0.517  -14.725 4.057   1.00 15.48 ? 79   LEU A CA  1 
ATOM   621  C  C   . LEU A 1 79  ? -1.808  -15.485 4.417   1.00 15.96 ? 79   LEU A C   1 
ATOM   622  O  O   . LEU A 1 79  ? -1.853  -16.720 4.294   1.00 16.62 ? 79   LEU A O   1 
ATOM   623  C  CB  . LEU A 1 79  ? 0.521   -14.786 5.184   1.00 15.54 ? 79   LEU A CB  1 
ATOM   624  C  CG  . LEU A 1 79  ? 1.910   -14.247 4.791   1.00 15.42 ? 79   LEU A CG  1 
ATOM   625  C  CD1 . LEU A 1 79  ? 2.844   -14.081 5.996   1.00 17.70 ? 79   LEU A CD1 1 
ATOM   626  C  CD2 . LEU A 1 79  ? 2.583   -15.108 3.703   1.00 14.99 ? 79   LEU A CD2 1 
ATOM   627  N  N   . ARG A 1 80  ? -2.850  -14.755 4.827   1.00 15.98 ? 80   ARG A N   1 
ATOM   628  C  CA  . ARG A 1 80  ? -4.149  -15.363 5.196   1.00 16.72 ? 80   ARG A CA  1 
ATOM   629  C  C   . ARG A 1 80  ? -5.060  -15.563 3.986   1.00 17.03 ? 80   ARG A C   1 
ATOM   630  O  O   . ARG A 1 80  ? -6.073  -16.278 4.060   1.00 17.38 ? 80   ARG A O   1 
ATOM   631  C  CB  . ARG A 1 80  ? -4.878  -14.512 6.252   1.00 16.57 ? 80   ARG A CB  1 
ATOM   632  C  CG  . ARG A 1 80  ? -5.215  -13.101 5.795   0.50 17.27 ? 80   ARG A CG  1 
ATOM   633  C  CD  . ARG A 1 80  ? -5.783  -12.232 6.912   0.50 18.10 ? 80   ARG A CD  1 
ATOM   634  N  NE  . ARG A 1 80  ? -7.241  -12.224 6.931   0.50 21.67 ? 80   ARG A NE  1 
ATOM   635  C  CZ  . ARG A 1 80  ? -8.001  -13.024 7.675   0.50 23.76 ? 80   ARG A CZ  1 
ATOM   636  N  NH1 . ARG A 1 80  ? -7.451  -13.926 8.487   0.50 25.30 ? 80   ARG A NH1 1 
ATOM   637  N  NH2 . ARG A 1 80  ? -9.321  -12.922 7.607   0.50 24.68 ? 80   ARG A NH2 1 
ATOM   638  N  N   . ASN A 1 81  ? -4.701  -14.928 2.871   1.00 16.52 ? 81   ASN A N   1 
ATOM   639  C  CA  . ASN A 1 81  ? -5.533  -14.947 1.679   1.00 16.43 ? 81   ASN A CA  1 
ATOM   640  C  C   . ASN A 1 81  ? -5.154  -16.080 0.720   1.00 16.09 ? 81   ASN A C   1 
ATOM   641  O  O   . ASN A 1 81  ? -3.996  -16.206 0.332   1.00 16.14 ? 81   ASN A O   1 
ATOM   642  C  CB  . ASN A 1 81  ? -5.468  -13.578 0.993   1.00 16.52 ? 81   ASN A CB  1 
ATOM   643  C  CG  . ASN A 1 81  ? -6.417  -13.463 -0.172  1.00 17.51 ? 81   ASN A CG  1 
ATOM   644  O  OD1 . ASN A 1 81  ? -6.155  -13.985 -1.255  1.00 16.78 ? 81   ASN A OD1 1 
ATOM   645  N  ND2 . ASN A 1 81  ? -7.519  -12.739 0.031   1.00 17.98 ? 81   ASN A ND2 1 
ATOM   646  N  N   . ALA A 1 82  ? -6.143  -16.886 0.327   1.00 16.16 ? 82   ALA A N   1 
ATOM   647  C  CA  . ALA A 1 82  ? -5.896  -18.061 -0.522  1.00 16.17 ? 82   ALA A CA  1 
ATOM   648  C  C   . ALA A 1 82  ? -5.400  -17.735 -1.935  1.00 16.25 ? 82   ALA A C   1 
ATOM   649  O  O   . ALA A 1 82  ? -4.748  -18.561 -2.577  1.00 16.11 ? 82   ALA A O   1 
ATOM   650  C  CB  . ALA A 1 82  ? -7.135  -18.946 -0.586  1.00 16.86 ? 82   ALA A CB  1 
ATOM   651  N  N   . LYS A 1 83  ? -5.727  -16.540 -2.416  1.00 15.97 ? 83   LYS A N   1 
ATOM   652  C  CA  . LYS A 1 83  ? -5.299  -16.106 -3.736  1.00 16.47 ? 83   LYS A CA  1 
ATOM   653  C  C   . LYS A 1 83  ? -3.924  -15.433 -3.682  1.00 16.14 ? 83   LYS A C   1 
ATOM   654  O  O   . LYS A 1 83  ? -3.069  -15.664 -4.548  1.00 16.96 ? 83   LYS A O   1 
ATOM   655  C  CB  . LYS A 1 83  ? -6.362  -15.202 -4.369  1.00 17.12 ? 83   LYS A CB  1 
ATOM   656  C  CG  . LYS A 1 83  ? -7.665  -15.973 -4.655  1.00 19.55 ? 83   LYS A CG  1 
ATOM   657  C  CD  . LYS A 1 83  ? -8.866  -15.082 -4.896  1.00 24.32 ? 83   LYS A CD  1 
ATOM   658  C  CE  . LYS A 1 83  ? -10.111 -15.951 -5.103  0.60 25.38 ? 83   LYS A CE  1 
ATOM   659  N  NZ  . LYS A 1 83  ? -11.378 -15.172 -5.222  0.60 27.21 ? 83   LYS A NZ  1 
ATOM   660  N  N   . LEU A 1 84  ? -3.693  -14.645 -2.638  1.00 14.58 ? 84   LEU A N   1 
ATOM   661  C  CA  . LEU A 1 84  ? -2.437  -13.890 -2.547  1.00 13.79 ? 84   LEU A CA  1 
ATOM   662  C  C   . LEU A 1 84  ? -1.257  -14.698 -2.032  1.00 13.34 ? 84   LEU A C   1 
ATOM   663  O  O   . LEU A 1 84  ? -0.126  -14.509 -2.496  1.00 13.42 ? 84   LEU A O   1 
ATOM   664  C  CB  . LEU A 1 84  ? -2.618  -12.627 -1.698  1.00 13.74 ? 84   LEU A CB  1 
ATOM   665  C  CG  . LEU A 1 84  ? -3.682  -11.650 -2.210  1.00 14.20 ? 84   LEU A CG  1 
ATOM   666  C  CD1 . LEU A 1 84  ? -3.848  -10.506 -1.208  1.00 14.09 ? 84   LEU A CD1 1 
ATOM   667  C  CD2 . LEU A 1 84  ? -3.325  -11.104 -3.605  1.00 13.85 ? 84   LEU A CD2 1 
ATOM   668  N  N   . LYS A 1 85  ? -1.505  -15.588 -1.077  1.00 13.02 ? 85   LYS A N   1 
ATOM   669  C  CA  . LYS A 1 85  ? -0.394  -16.333 -0.458  1.00 13.78 ? 85   LYS A CA  1 
ATOM   670  C  C   . LYS A 1 85  ? 0.503   -17.092 -1.473  1.00 13.20 ? 85   LYS A C   1 
ATOM   671  O  O   . LYS A 1 85  ? 1.727   -16.939 -1.431  1.00 13.26 ? 85   LYS A O   1 
ATOM   672  C  CB  . LYS A 1 85  ? -0.879  -17.260 0.667   1.00 13.29 ? 85   LYS A CB  1 
ATOM   673  C  CG  . LYS A 1 85  ? 0.280   -17.957 1.381   1.00 14.20 ? 85   LYS A CG  1 
ATOM   674  C  CD  . LYS A 1 85  ? -0.199  -18.879 2.498   1.00 15.95 ? 85   LYS A CD  1 
ATOM   675  C  CE  . LYS A 1 85  ? 0.977   -19.399 3.327   1.00 19.50 ? 85   LYS A CE  1 
ATOM   676  N  NZ  . LYS A 1 85  ? 1.950   -20.215 2.553   1.00 22.20 ? 85   LYS A NZ  1 
ATOM   677  N  N   . PRO A 1 86  ? -0.094  -17.931 -2.357  1.00 13.81 ? 86   PRO A N   1 
ATOM   678  C  CA  . PRO A 1 86  ? 0.760   -18.645 -3.327  1.00 13.56 ? 86   PRO A CA  1 
ATOM   679  C  C   . PRO A 1 86  ? 1.575   -17.706 -4.220  1.00 13.34 ? 86   PRO A C   1 
ATOM   680  O  O   . PRO A 1 86  ? 2.706   -18.025 -4.575  1.00 12.62 ? 86   PRO A O   1 
ATOM   681  C  CB  . PRO A 1 86  ? -0.230  -19.468 -4.168  1.00 13.77 ? 86   PRO A CB  1 
ATOM   682  C  CG  . PRO A 1 86  ? -1.607  -18.903 -3.857  1.00 14.33 ? 86   PRO A CG  1 
ATOM   683  C  CD  . PRO A 1 86  ? -1.513  -18.333 -2.470  1.00 14.13 ? 86   PRO A CD  1 
ATOM   684  N  N   . VAL A 1 87  ? 1.014   -16.551 -4.574  1.00 13.06 ? 87   VAL A N   1 
ATOM   685  C  CA  . VAL A 1 87  ? 1.757   -15.617 -5.418  1.00 12.93 ? 87   VAL A CA  1 
ATOM   686  C  C   . VAL A 1 87  ? 2.937   -15.052 -4.622  1.00 12.77 ? 87   VAL A C   1 
ATOM   687  O  O   . VAL A 1 87  ? 4.081   -15.082 -5.082  1.00 12.02 ? 87   VAL A O   1 
ATOM   688  C  CB  . VAL A 1 87  ? 0.847   -14.512 -5.960  1.00 13.30 ? 87   VAL A CB  1 
ATOM   689  C  CG1 . VAL A 1 87  ? 1.642   -13.509 -6.799  1.00 13.98 ? 87   VAL A CG1 1 
ATOM   690  C  CG2 . VAL A 1 87  ? -0.289  -15.145 -6.775  1.00 13.79 ? 87   VAL A CG2 1 
ATOM   691  N  N   . TYR A 1 88  ? 2.651   -14.578 -3.412  1.00 12.47 ? 88   TYR A N   1 
ATOM   692  C  CA  . TYR A 1 88  ? 3.679   -14.041 -2.521  1.00 12.72 ? 88   TYR A CA  1 
ATOM   693  C  C   . TYR A 1 88  ? 4.808   -15.055 -2.299  1.00 12.66 ? 88   TYR A C   1 
ATOM   694  O  O   . TYR A 1 88  ? 5.988   -14.729 -2.421  1.00 12.83 ? 88   TYR A O   1 
ATOM   695  C  CB  . TYR A 1 88  ? 3.038   -13.664 -1.189  1.00 13.56 ? 88   TYR A CB  1 
ATOM   696  C  CG  . TYR A 1 88  ? 3.968   -12.961 -0.230  1.00 13.99 ? 88   TYR A CG  1 
ATOM   697  C  CD1 . TYR A 1 88  ? 4.180   -11.580 -0.319  1.00 14.18 ? 88   TYR A CD1 1 
ATOM   698  C  CD2 . TYR A 1 88  ? 4.617   -13.666 0.787   1.00 15.56 ? 88   TYR A CD2 1 
ATOM   699  C  CE1 . TYR A 1 88  ? 5.017   -10.919 0.573   1.00 15.13 ? 88   TYR A CE1 1 
ATOM   700  C  CE2 . TYR A 1 88  ? 5.470   -13.017 1.682   1.00 16.50 ? 88   TYR A CE2 1 
ATOM   701  C  CZ  . TYR A 1 88  ? 5.663   -11.641 1.571   1.00 16.51 ? 88   TYR A CZ  1 
ATOM   702  O  OH  . TYR A 1 88  ? 6.505   -10.992 2.456   1.00 17.70 ? 88   TYR A OH  1 
ATOM   703  N  N   . ASP A 1 89  ? 4.436   -16.301 -2.013  1.00 13.00 ? 89   ASP A N   1 
ATOM   704  C  CA  . ASP A 1 89  ? 5.425   -17.352 -1.758  1.00 13.41 ? 89   ASP A CA  1 
ATOM   705  C  C   . ASP A 1 89  ? 6.303   -17.632 -2.976  1.00 13.11 ? 89   ASP A C   1 
ATOM   706  O  O   . ASP A 1 89  ? 7.474   -18.016 -2.837  1.00 13.37 ? 89   ASP A O   1 
ATOM   707  C  CB  . ASP A 1 89  ? 4.728   -18.639 -1.308  1.00 13.70 ? 89   ASP A CB  1 
ATOM   708  C  CG  . ASP A 1 89  ? 4.206   -18.565 0.124   1.00 15.68 ? 89   ASP A CG  1 
ATOM   709  O  OD1 . ASP A 1 89  ? 4.616   -17.666 0.897   1.00 17.40 ? 89   ASP A OD1 1 
ATOM   710  O  OD2 . ASP A 1 89  ? 3.408   -19.453 0.487   1.00 19.02 ? 89   ASP A OD2 1 
ATOM   711  N  N   . SER A 1 90  ? 5.742   -17.418 -4.168  1.00 12.38 ? 90   SER A N   1 
ATOM   712  C  CA  . SER A 1 90  ? 6.457   -17.695 -5.404  1.00 12.20 ? 90   SER A CA  1 
ATOM   713  C  C   . SER A 1 90  ? 7.456   -16.604 -5.776  1.00 12.01 ? 90   SER A C   1 
ATOM   714  O  O   . SER A 1 90  ? 8.314   -16.817 -6.631  1.00 11.76 ? 90   SER A O   1 
ATOM   715  C  CB  . SER A 1 90  ? 5.468   -17.886 -6.558  1.00 12.50 ? 90   SER A CB  1 
ATOM   716  O  OG  . SER A 1 90  ? 4.970   -16.634 -7.004  1.00 12.53 ? 90   SER A OG  1 
ATOM   717  N  N   . LEU A 1 91  ? 7.333   -15.433 -5.142  1.00 11.78 ? 91   LEU A N   1 
ATOM   718  C  CA  . LEU A 1 91  ? 8.154   -14.266 -5.499  1.00 11.74 ? 91   LEU A CA  1 
ATOM   719  C  C   . LEU A 1 91  ? 9.450   -14.119 -4.704  1.00 11.65 ? 91   LEU A C   1 
ATOM   720  O  O   . LEU A 1 91  ? 9.566   -14.624 -3.587  1.00 11.99 ? 91   LEU A O   1 
ATOM   721  C  CB  . LEU A 1 91  ? 7.334   -12.977 -5.330  1.00 11.19 ? 91   LEU A CB  1 
ATOM   722  C  CG  . LEU A 1 91  ? 6.064   -12.807 -6.176  1.00 12.05 ? 91   LEU A CG  1 
ATOM   723  C  CD1 . LEU A 1 91  ? 5.206   -11.651 -5.647  1.00 12.82 ? 91   LEU A CD1 1 
ATOM   724  C  CD2 . LEU A 1 91  ? 6.401   -12.603 -7.643  1.00 13.23 ? 91   LEU A CD2 1 
ATOM   725  N  N   . ASP A 1 92  ? 10.402  -13.409 -5.309  1.00 11.29 ? 92   ASP A N   1 
ATOM   726  C  CA  . ASP A 1 92  ? 11.643  -12.988 -4.661  1.00 11.95 ? 92   ASP A CA  1 
ATOM   727  C  C   . ASP A 1 92  ? 11.304  -11.840 -3.693  1.00 12.41 ? 92   ASP A C   1 
ATOM   728  O  O   . ASP A 1 92  ? 10.192  -11.292 -3.728  1.00 11.78 ? 92   ASP A O   1 
ATOM   729  C  CB  . ASP A 1 92  ? 12.628  -12.473 -5.718  1.00 12.06 ? 92   ASP A CB  1 
ATOM   730  C  CG  . ASP A 1 92  ? 12.030  -11.362 -6.552  1.00 12.32 ? 92   ASP A CG  1 
ATOM   731  O  OD1 . ASP A 1 92  ? 11.344  -11.685 -7.541  1.00 13.47 ? 92   ASP A OD1 1 
ATOM   732  O  OD2 . ASP A 1 92  ? 12.204  -10.174 -6.182  1.00 12.89 ? 92   ASP A OD2 1 
ATOM   733  N  N   . ALA A 1 93  ? 12.276  -11.449 -2.863  1.00 12.76 ? 93   ALA A N   1 
ATOM   734  C  CA  . ALA A 1 93  ? 12.042  -10.421 -1.833  1.00 12.79 ? 93   ALA A CA  1 
ATOM   735  C  C   . ALA A 1 93  ? 11.626  -9.039  -2.372  1.00 12.23 ? 93   ALA A C   1 
ATOM   736  O  O   . ALA A 1 93  ? 10.798  -8.346  -1.756  1.00 12.51 ? 93   ALA A O   1 
ATOM   737  C  CB  . ALA A 1 93  ? 13.278  -10.284 -0.945  1.00 13.17 ? 93   ALA A CB  1 
ATOM   738  N  N   . VAL A 1 94  ? 12.202  -8.640  -3.500  1.00 11.88 ? 94   VAL A N   1 
ATOM   739  C  CA  . VAL A 1 94  ? 11.896  -7.326  -4.088  1.00 11.63 ? 94   VAL A CA  1 
ATOM   740  C  C   . VAL A 1 94  ? 10.451  -7.289  -4.595  1.00 11.16 ? 94   VAL A C   1 
ATOM   741  O  O   . VAL A 1 94  ? 9.687   -6.360  -4.293  1.00 11.44 ? 94   VAL A O   1 
ATOM   742  C  CB  . VAL A 1 94  ? 12.905  -6.940  -5.204  1.00 11.34 ? 94   VAL A CB  1 
ATOM   743  C  CG1 . VAL A 1 94  ? 12.530  -5.588  -5.821  1.00 13.09 ? 94   VAL A CG1 1 
ATOM   744  C  CG2 . VAL A 1 94  ? 14.349  -6.904  -4.637  1.00 12.31 ? 94   VAL A CG2 1 
ATOM   745  N  N   . ARG A 1 95  ? 10.069  -8.318  -5.344  1.00 10.70 ? 95   ARG A N   1 
ATOM   746  C  CA  . ARG A 1 95  ? 8.700   -8.420  -5.849  1.00 10.42 ? 95   ARG A CA  1 
ATOM   747  C  C   . ARG A 1 95  ? 7.681   -8.625  -4.724  1.00 10.11 ? 95   ARG A C   1 
ATOM   748  O  O   . ARG A 1 95  ? 6.539   -8.148  -4.810  1.00 9.32  ? 95   ARG A O   1 
ATOM   749  C  CB  . ARG A 1 95  ? 8.610   -9.499  -6.927  1.00 10.85 ? 95   ARG A CB  1 
ATOM   750  C  CG  . ARG A 1 95  ? 9.414   -9.119  -8.178  1.00 11.46 ? 95   ARG A CG  1 
ATOM   751  C  CD  . ARG A 1 95  ? 9.133   -10.093 -9.304  1.00 11.92 ? 95   ARG A CD  1 
ATOM   752  N  NE  . ARG A 1 95  ? 9.752   -9.697  -10.567 1.00 11.08 ? 95   ARG A NE  1 
ATOM   753  C  CZ  . ARG A 1 95  ? 10.977  -10.056 -10.967 1.00 12.79 ? 95   ARG A CZ  1 
ATOM   754  N  NH1 . ARG A 1 95  ? 11.771  -10.791 -10.183 1.00 12.01 ? 95   ARG A NH1 1 
ATOM   755  N  NH2 . ARG A 1 95  ? 11.424  -9.652  -12.153 1.00 13.09 ? 95   ARG A NH2 1 
ATOM   756  N  N   . ARG A 1 96  ? 8.091   -9.325  -3.667  1.00 10.10 ? 96   ARG A N   1 
ATOM   757  C  CA  . ARG A 1 96  ? 7.240   -9.444  -2.478  1.00 10.68 ? 96   ARG A CA  1 
ATOM   758  C  C   . ARG A 1 96  ? 6.865   -8.051  -1.943  1.00 10.47 ? 96   ARG A C   1 
ATOM   759  O  O   . ARG A 1 96  ? 5.699   -7.804  -1.582  1.00 10.66 ? 96   ARG A O   1 
ATOM   760  C  CB  . ARG A 1 96  ? 7.911   -10.285 -1.392  1.00 10.95 ? 96   ARG A CB  1 
ATOM   761  C  CG  . ARG A 1 96  ? 7.796   -11.772 -1.675  1.00 12.03 ? 96   ARG A CG  1 
ATOM   762  C  CD  . ARG A 1 96  ? 8.451   -12.624 -0.589  1.00 14.54 ? 96   ARG A CD  1 
ATOM   763  N  NE  . ARG A 1 96  ? 8.348   -14.036 -0.945  1.00 14.46 ? 96   ARG A NE  1 
ATOM   764  C  CZ  . ARG A 1 96  ? 9.139   -15.002 -0.491  1.00 16.65 ? 96   ARG A CZ  1 
ATOM   765  N  NH1 . ARG A 1 96  ? 10.136  -14.721 0.349   1.00 18.25 ? 96   ARG A NH1 1 
ATOM   766  N  NH2 . ARG A 1 96  ? 8.955   -16.256 -0.910  1.00 15.34 ? 96   ARG A NH2 1 
ATOM   767  N  N   . ALA A 1 97  ? 7.854   -7.161  -1.900  1.00 10.44 ? 97   ALA A N   1 
ATOM   768  C  CA  . ALA A 1 97  ? 7.635   -5.778  -1.462  1.00 10.84 ? 97   ALA A CA  1 
ATOM   769  C  C   . ALA A 1 97  ? 6.606   -5.079  -2.360  1.00 10.95 ? 97   ALA A C   1 
ATOM   770  O  O   . ALA A 1 97  ? 5.708   -4.381  -1.867  1.00 10.62 ? 97   ALA A O   1 
ATOM   771  C  CB  . ALA A 1 97  ? 8.939   -5.015  -1.450  1.00 11.30 ? 97   ALA A CB  1 
ATOM   772  N  N   . ALA A 1 98  ? 6.698   -5.311  -3.671  1.00 10.20 ? 98   ALA A N   1 
ATOM   773  C  CA  . ALA A 1 98  ? 5.744   -4.704  -4.609  1.00 10.87 ? 98   ALA A CA  1 
ATOM   774  C  C   . ALA A 1 98  ? 4.309   -5.168  -4.311  1.00 11.05 ? 98   ALA A C   1 
ATOM   775  O  O   . ALA A 1 98  ? 3.371   -4.368  -4.314  1.00 10.85 ? 98   ALA A O   1 
ATOM   776  C  CB  . ALA A 1 98  ? 6.139   -5.011  -6.043  1.00 10.99 ? 98   ALA A CB  1 
ATOM   777  N  N   . LEU A 1 99  ? 4.150   -6.458  -4.013  1.00 10.78 ? 99   LEU A N   1 
ATOM   778  C  CA  . LEU A 1 99  ? 2.831   -6.988  -3.663  1.00 11.23 ? 99   LEU A CA  1 
ATOM   779  C  C   . LEU A 1 99  ? 2.296   -6.413  -2.338  1.00 10.94 ? 99   LEU A C   1 
ATOM   780  O  O   . LEU A 1 99  ? 1.102   -6.094  -2.225  1.00 10.98 ? 99   LEU A O   1 
ATOM   781  C  CB  . LEU A 1 99  ? 2.865   -8.521  -3.619  1.00 11.50 ? 99   LEU A CB  1 
ATOM   782  C  CG  . LEU A 1 99  ? 1.490   -9.194  -3.574  1.00 12.52 ? 99   LEU A CG  1 
ATOM   783  C  CD1 . LEU A 1 99  ? 0.706   -8.938  -4.857  1.00 13.25 ? 99   LEU A CD1 1 
ATOM   784  C  CD2 . LEU A 1 99  ? 1.631   -10.688 -3.311  1.00 11.64 ? 99   LEU A CD2 1 
ATOM   785  N  N   . ILE A 1 100 ? 3.179   -6.281  -1.346  1.00 10.73 ? 100  ILE A N   1 
ATOM   786  C  CA  . ILE A 1 100 ? 2.798   -5.685  -0.060  1.00 10.97 ? 100  ILE A CA  1 
ATOM   787  C  C   . ILE A 1 100 ? 2.342   -4.247  -0.306  1.00 10.76 ? 100  ILE A C   1 
ATOM   788  O  O   . ILE A 1 100 ? 1.329   -3.808  0.254   1.00 11.17 ? 100  ILE A O   1 
ATOM   789  C  CB  . ILE A 1 100 ? 3.961   -5.718  0.957   1.00 11.20 ? 100  ILE A CB  1 
ATOM   790  C  CG1 . ILE A 1 100 ? 4.317   -7.176  1.297   1.00 11.18 ? 100  ILE A CG1 1 
ATOM   791  C  CG2 . ILE A 1 100 ? 3.585   -4.941  2.241   1.00 11.24 ? 100  ILE A CG2 1 
ATOM   792  C  CD1 . ILE A 1 100 ? 5.683   -7.336  1.995   1.00 10.91 ? 100  ILE A CD1 1 
ATOM   793  N  N   . ASN A 1 101 ? 3.084   -3.537  -1.160  1.00 10.61 ? 101  ASN A N   1 
ATOM   794  C  CA  . ASN A 1 101 ? 2.747   -2.158  -1.520  1.00 10.69 ? 101  ASN A CA  1 
ATOM   795  C  C   . ASN A 1 101 ? 1.301   -2.057  -2.031  1.00 10.78 ? 101  ASN A C   1 
ATOM   796  O  O   . ASN A 1 101 ? 0.518   -1.245  -1.531  1.00 10.79 ? 101  ASN A O   1 
ATOM   797  C  CB  . ASN A 1 101 ? 3.746   -1.623  -2.554  1.00 10.52 ? 101  ASN A CB  1 
ATOM   798  C  CG  . ASN A 1 101 ? 3.669   -0.113  -2.715  1.00 10.79 ? 101  ASN A CG  1 
ATOM   799  O  OD1 . ASN A 1 101 ? 2.607   0.447   -2.996  1.00 11.22 ? 101  ASN A OD1 1 
ATOM   800  N  ND2 . ASN A 1 101 ? 4.812   0.547   -2.582  1.00 11.24 ? 101  ASN A ND2 1 
ATOM   801  N  N   . MET A 1 102 ? 0.953   -2.904  -3.001  1.00 10.37 ? 102  MET A N   1 
ATOM   802  C  CA  . MET A 1 102 ? -0.413  -2.943  -3.558  1.00 11.07 ? 102  MET A CA  1 
ATOM   803  C  C   . MET A 1 102 ? -1.466  -3.197  -2.475  1.00 10.54 ? 102  MET A C   1 
ATOM   804  O  O   . MET A 1 102 ? -2.485  -2.512  -2.403  1.00 11.22 ? 102  MET A O   1 
ATOM   805  C  CB  . MET A 1 102 ? -0.517  -4.018  -4.649  1.00 10.77 ? 102  MET A CB  1 
ATOM   806  C  CG  . MET A 1 102 ? 0.291   -3.719  -5.889  1.00 11.40 ? 102  MET A CG  1 
ATOM   807  S  SD  . MET A 1 102 ? -0.125  -4.874  -7.202  1.00 13.21 ? 102  MET A SD  1 
ATOM   808  C  CE  . MET A 1 102 ? -1.795  -4.358  -7.635  1.00 13.72 ? 102  MET A CE  1 
ATOM   809  N  N   . VAL A 1 103 ? -1.205  -4.181  -1.623  1.00 11.03 ? 103  VAL A N   1 
ATOM   810  C  CA  . VAL A 1 103 ? -2.127  -4.516  -0.538  1.00 10.86 ? 103  VAL A CA  1 
ATOM   811  C  C   . VAL A 1 103 ? -2.278  -3.361  0.462   1.00 11.19 ? 103  VAL A C   1 
ATOM   812  O  O   . VAL A 1 103 ? -3.385  -3.061  0.924   1.00 11.80 ? 103  VAL A O   1 
ATOM   813  C  CB  . VAL A 1 103 ? -1.710  -5.830  0.138   1.00 11.01 ? 103  VAL A CB  1 
ATOM   814  C  CG1 . VAL A 1 103 ? -2.498  -6.064  1.413   1.00 11.86 ? 103  VAL A CG1 1 
ATOM   815  C  CG2 . VAL A 1 103 ? -1.932  -6.990  -0.846  1.00 11.39 ? 103  VAL A CG2 1 
ATOM   816  N  N   . PHE A 1 104 ? -1.174  -2.689  0.757   1.00 11.45 ? 104  PHE A N   1 
ATOM   817  C  CA  . PHE A 1 104 ? -1.208  -1.519  1.643   1.00 11.75 ? 104  PHE A CA  1 
ATOM   818  C  C   . PHE A 1 104 ? -2.152  -0.450  1.060   1.00 12.02 ? 104  PHE A C   1 
ATOM   819  O  O   . PHE A 1 104 ? -2.974  0.143   1.773   1.00 12.12 ? 104  PHE A O   1 
ATOM   820  C  CB  . PHE A 1 104 ? 0.210   -0.960  1.800   1.00 11.76 ? 104  PHE A CB  1 
ATOM   821  C  CG  . PHE A 1 104 ? 0.335   0.130   2.835   1.00 12.02 ? 104  PHE A CG  1 
ATOM   822  C  CD1 . PHE A 1 104 ? -0.012  1.450   2.531   1.00 13.87 ? 104  PHE A CD1 1 
ATOM   823  C  CD2 . PHE A 1 104 ? 0.848   -0.152  4.100   1.00 14.00 ? 104  PHE A CD2 1 
ATOM   824  C  CE1 . PHE A 1 104 ? 0.122   2.470   3.489   1.00 14.01 ? 104  PHE A CE1 1 
ATOM   825  C  CE2 . PHE A 1 104 ? 0.994   0.860   5.055   1.00 13.50 ? 104  PHE A CE2 1 
ATOM   826  C  CZ  . PHE A 1 104 ? 0.625   2.170   4.748   1.00 13.62 ? 104  PHE A CZ  1 
ATOM   827  N  N   . GLN A 1 105 ? -2.041  -0.220  -0.244  1.00 12.01 ? 105  GLN A N   1 
ATOM   828  C  CA  . GLN A 1 105 ? -2.820  0.829   -0.899  1.00 12.84 ? 105  GLN A CA  1 
ATOM   829  C  C   . GLN A 1 105 ? -4.296  0.484   -1.116  1.00 13.61 ? 105  GLN A C   1 
ATOM   830  O  O   . GLN A 1 105 ? -5.182  1.326   -0.866  1.00 14.10 ? 105  GLN A O   1 
ATOM   831  C  CB  . GLN A 1 105 ? -2.173  1.208   -2.234  1.00 12.14 ? 105  GLN A CB  1 
ATOM   832  C  CG  . GLN A 1 105 ? -2.895  2.356   -2.956  1.00 12.43 ? 105  GLN A CG  1 
ATOM   833  C  CD  . GLN A 1 105 ? -2.285  2.702   -4.306  1.00 12.53 ? 105  GLN A CD  1 
ATOM   834  O  OE1 . GLN A 1 105 ? -1.366  2.043   -4.779  1.00 11.94 ? 105  GLN A OE1 1 
ATOM   835  N  NE2 . GLN A 1 105 ? -2.814  3.748   -4.940  1.00 13.21 ? 105  GLN A NE2 1 
ATOM   836  N  N   . MET A 1 106 ? -4.566  -0.734  -1.589  1.00 13.92 ? 106  MET A N   1 
ATOM   837  C  CA  . MET A 1 106 ? -5.937  -1.107  -1.986  1.00 15.19 ? 106  MET A CA  1 
ATOM   838  C  C   . MET A 1 106 ? -6.635  -2.168  -1.144  1.00 15.18 ? 106  MET A C   1 
ATOM   839  O  O   . MET A 1 106 ? -7.829  -2.418  -1.338  1.00 15.37 ? 106  MET A O   1 
ATOM   840  C  CB  . MET A 1 106 ? -6.009  -1.490  -3.480  1.00 15.58 ? 106  MET A CB  1 
ATOM   841  C  CG  A MET A 1 106 ? -5.303  -2.721  -3.918  0.50 15.34 ? 106  MET A CG  1 
ATOM   842  C  CG  B MET A 1 106 ? -5.605  -0.448  -4.489  0.50 14.42 ? 106  MET A CG  1 
ATOM   843  S  SD  A MET A 1 106 ? -5.375  -2.866  -5.724  0.50 17.84 ? 106  MET A SD  1 
ATOM   844  S  SD  B MET A 1 106 ? -5.345  -1.245  -6.096  0.50 14.75 ? 106  MET A SD  1 
ATOM   845  C  CE  A MET A 1 106 ? -4.126  -1.686  -6.212  0.50 17.16 ? 106  MET A CE  1 
ATOM   846  C  CE  B MET A 1 106 ? -3.679  -1.871  -5.888  0.50 15.48 ? 106  MET A CE  1 
ATOM   847  N  N   . GLY A 1 107 ? -5.907  -2.790  -0.225  1.00 15.48 ? 107  GLY A N   1 
ATOM   848  C  CA  . GLY A 1 107 ? -6.479  -3.823  0.636   1.00 15.94 ? 107  GLY A CA  1 
ATOM   849  C  C   . GLY A 1 107 ? -6.380  -5.224  0.050   1.00 16.36 ? 107  GLY A C   1 
ATOM   850  O  O   . GLY A 1 107 ? -6.285  -5.402  -1.175  1.00 15.88 ? 107  GLY A O   1 
ATOM   851  N  N   . GLU A 1 108 ? -6.391  -6.207  0.948   1.00 16.89 ? 108  GLU A N   1 
ATOM   852  C  CA  . GLU A 1 108 ? -6.290  -7.628  0.615   1.00 18.18 ? 108  GLU A CA  1 
ATOM   853  C  C   . GLU A 1 108 ? -7.309  -8.035  -0.449  1.00 17.97 ? 108  GLU A C   1 
ATOM   854  O  O   . GLU A 1 108 ? -6.949  -8.592  -1.487  1.00 16.85 ? 108  GLU A O   1 
ATOM   855  C  CB  . GLU A 1 108 ? -6.515  -8.450  1.890   1.00 18.37 ? 108  GLU A CB  1 
ATOM   856  C  CG  . GLU A 1 108 ? -6.504  -9.956  1.710   1.00 20.08 ? 108  GLU A CG  1 
ATOM   857  C  CD  . GLU A 1 108 ? -7.164  -10.695 2.873   1.00 20.42 ? 108  GLU A CD  1 
ATOM   858  O  OE1 . GLU A 1 108 ? -7.039  -10.249 4.040   1.00 24.24 ? 108  GLU A OE1 1 
ATOM   859  O  OE2 . GLU A 1 108 ? -7.805  -11.731 2.618   1.00 22.16 ? 108  GLU A OE2 1 
ATOM   860  N  N   . THR A 1 109 ? -8.586  -7.752  -0.187  1.00 18.11 ? 109  THR A N   1 
ATOM   861  C  CA  . THR A 1 109 ? -9.659  -8.132  -1.121  1.00 18.89 ? 109  THR A CA  1 
ATOM   862  C  C   . THR A 1 109 ? -9.469  -7.535  -2.515  1.00 17.90 ? 109  THR A C   1 
ATOM   863  O  O   . THR A 1 109 ? -9.619  -8.233  -3.524  1.00 18.04 ? 109  THR A O   1 
ATOM   864  C  CB  . THR A 1 109 ? -11.048 -7.768  -0.550  1.00 18.99 ? 109  THR A CB  1 
ATOM   865  O  OG1 . THR A 1 109 ? -11.211 -8.442  0.700   1.00 21.83 ? 109  THR A OG1 1 
ATOM   866  C  CG2 . THR A 1 109 ? -12.157 -8.213  -1.494  1.00 20.67 ? 109  THR A CG2 1 
ATOM   867  N  N   . GLY A 1 110 ? -9.119  -6.253  -2.562  1.00 17.23 ? 110  GLY A N   1 
ATOM   868  C  CA  . GLY A 1 110 ? -8.893  -5.558  -3.825  1.00 16.94 ? 110  GLY A CA  1 
ATOM   869  C  C   . GLY A 1 110 ? -7.816  -6.219  -4.670  1.00 16.69 ? 110  GLY A C   1 
ATOM   870  O  O   . GLY A 1 110 ? -8.042  -6.537  -5.844  1.00 17.48 ? 110  GLY A O   1 
ATOM   871  N  N   . VAL A 1 111 ? -6.654  -6.457  -4.067  1.00 15.92 ? 111  VAL A N   1 
ATOM   872  C  CA  . VAL A 1 111 ? -5.537  -7.070  -4.801  1.00 15.34 ? 111  VAL A CA  1 
ATOM   873  C  C   . VAL A 1 111 ? -5.847  -8.526  -5.178  1.00 15.31 ? 111  VAL A C   1 
ATOM   874  O  O   . VAL A 1 111 ? -5.517  -8.973  -6.286  1.00 14.79 ? 111  VAL A O   1 
ATOM   875  C  CB  . VAL A 1 111 ? -4.199  -6.972  -4.024  1.00 15.36 ? 111  VAL A CB  1 
ATOM   876  C  CG1 . VAL A 1 111 ? -3.048  -7.530  -4.860  1.00 14.92 ? 111  VAL A CG1 1 
ATOM   877  C  CG2 . VAL A 1 111 ? -3.908  -5.524  -3.653  1.00 15.10 ? 111  VAL A CG2 1 
ATOM   878  N  N   . ALA A 1 112 ? -6.495  -9.254  -4.269  1.00 15.65 ? 112  ALA A N   1 
ATOM   879  C  CA  . ALA A 1 112 ? -6.858  -10.653 -4.531  1.00 16.54 ? 112  ALA A CA  1 
ATOM   880  C  C   . ALA A 1 112 ? -7.729  -10.774 -5.785  1.00 17.31 ? 112  ALA A C   1 
ATOM   881  O  O   . ALA A 1 112 ? -7.784  -11.839 -6.413  1.00 18.33 ? 112  ALA A O   1 
ATOM   882  C  CB  . ALA A 1 112 ? -7.560  -11.275 -3.308  1.00 16.22 ? 112  ALA A CB  1 
ATOM   883  N  N   . GLY A 1 113 ? -8.392  -9.673  -6.149  1.00 17.16 ? 113  GLY A N   1 
ATOM   884  C  CA  . GLY A 1 113 ? -9.272  -9.638  -7.314  1.00 17.92 ? 113  GLY A CA  1 
ATOM   885  C  C   . GLY A 1 113 ? -8.564  -9.566  -8.660  1.00 17.79 ? 113  GLY A C   1 
ATOM   886  O  O   . GLY A 1 113 ? -9.179  -9.829  -9.699  1.00 18.12 ? 113  GLY A O   1 
ATOM   887  N  N   . PHE A 1 114 ? -7.278  -9.201  -8.644  1.00 17.13 ? 114  PHE A N   1 
ATOM   888  C  CA  . PHE A 1 114 ? -6.463  -9.071  -9.864  1.00 16.92 ? 114  PHE A CA  1 
ATOM   889  C  C   . PHE A 1 114 ? -6.058  -10.459 -10.379 1.00 16.38 ? 114  PHE A C   1 
ATOM   890  O  O   . PHE A 1 114 ? -4.876  -10.740 -10.569 1.00 15.92 ? 114  PHE A O   1 
ATOM   891  C  CB  . PHE A 1 114 ? -5.182  -8.261  -9.567  1.00 17.11 ? 114  PHE A CB  1 
ATOM   892  C  CG  . PHE A 1 114 ? -5.368  -6.755  -9.537  1.00 18.46 ? 114  PHE A CG  1 
ATOM   893  C  CD1 . PHE A 1 114 ? -6.211  -6.149  -8.611  1.00 20.04 ? 114  PHE A CD1 1 
ATOM   894  C  CD2 . PHE A 1 114 ? -4.618  -5.940  -10.393 1.00 19.11 ? 114  PHE A CD2 1 
ATOM   895  C  CE1 . PHE A 1 114 ? -6.344  -4.745  -8.569  1.00 20.23 ? 114  PHE A CE1 1 
ATOM   896  C  CE2 . PHE A 1 114 ? -4.743  -4.538  -10.361 1.00 20.75 ? 114  PHE A CE2 1 
ATOM   897  C  CZ  . PHE A 1 114 ? -5.617  -3.943  -9.444  1.00 19.14 ? 114  PHE A CZ  1 
ATOM   898  N  N   . THR A 1 115 ? -7.049  -11.312 -10.620 1.00 15.76 ? 115  THR A N   1 
ATOM   899  C  CA  . THR A 1 115 ? -6.822  -12.715 -10.993 1.00 15.52 ? 115  THR A CA  1 
ATOM   900  C  C   . THR A 1 115 ? -5.822  -12.960 -12.125 1.00 15.15 ? 115  THR A C   1 
ATOM   901  O  O   . THR A 1 115 ? -4.921  -13.800 -12.001 1.00 15.06 ? 115  THR A O   1 
ATOM   902  C  CB  . THR A 1 115 ? -8.163  -13.418 -11.318 1.00 15.52 ? 115  THR A CB  1 
ATOM   903  O  OG1 . THR A 1 115 ? -9.096  -13.158 -10.265 1.00 16.75 ? 115  THR A OG1 1 
ATOM   904  C  CG2 . THR A 1 115 ? -7.966  -14.938 -11.491 1.00 15.38 ? 115  THR A CG2 1 
ATOM   905  N  N   . ASN A 1 116 ? -5.991  -12.246 -13.231 1.00 14.83 ? 116  ASN A N   1 
ATOM   906  C  CA  . ASN A 1 116 ? -5.122  -12.447 -14.374 1.00 15.03 ? 116  ASN A CA  1 
ATOM   907  C  C   . ASN A 1 116 ? -3.689  -11.977 -14.122 1.00 14.75 ? 116  ASN A C   1 
ATOM   908  O  O   . ASN A 1 116 ? -2.740  -12.673 -14.480 1.00 14.70 ? 116  ASN A O   1 
ATOM   909  C  CB  . ASN A 1 116 ? -5.748  -11.831 -15.630 1.00 15.32 ? 116  ASN A CB  1 
ATOM   910  C  CG  . ASN A 1 116 ? -7.123  -12.438 -15.938 1.00 16.51 ? 116  ASN A CG  1 
ATOM   911  O  OD1 . ASN A 1 116 ? -7.330  -13.640 -15.774 1.00 18.67 ? 116  ASN A OD1 1 
ATOM   912  N  ND2 . ASN A 1 116 ? -8.071  -11.600 -16.343 1.00 16.93 ? 116  ASN A ND2 1 
ATOM   913  N  N   . SER A 1 117 ? -3.540  -10.819 -13.474 1.00 14.26 ? 117  SER A N   1 
ATOM   914  C  CA  . SER A 1 117 ? -2.205  -10.293 -13.140 1.00 14.55 ? 117  SER A CA  1 
ATOM   915  C  C   . SER A 1 117 ? -1.494  -11.251 -12.196 1.00 14.06 ? 117  SER A C   1 
ATOM   916  O  O   . SER A 1 117 ? -0.308  -11.545 -12.364 1.00 13.81 ? 117  SER A O   1 
ATOM   917  C  CB  . SER A 1 117 ? -2.308  -8.918  -12.471 1.00 14.68 ? 117  SER A CB  1 
ATOM   918  O  OG  . SER A 1 117 ? -3.016  -7.995  -13.282 1.00 18.63 ? 117  SER A OG  1 
ATOM   919  N  N   . LEU A 1 118 ? -2.228  -11.726 -11.194 1.00 13.58 ? 118  LEU A N   1 
ATOM   920  C  CA  . LEU A 1 118 ? -1.680  -12.670 -10.220 1.00 13.54 ? 118  LEU A CA  1 
ATOM   921  C  C   . LEU A 1 118 ? -1.154  -13.942 -10.896 1.00 13.47 ? 118  LEU A C   1 
ATOM   922  O  O   . LEU A 1 118 ? -0.043  -14.403 -10.596 1.00 12.70 ? 118  LEU A O   1 
ATOM   923  C  CB  . LEU A 1 118 ? -2.709  -12.993 -9.126  1.00 13.08 ? 118  LEU A CB  1 
ATOM   924  C  CG  . LEU A 1 118 ? -3.054  -11.849 -8.161  1.00 13.35 ? 118  LEU A CG  1 
ATOM   925  C  CD1 . LEU A 1 118 ? -4.215  -12.226 -7.258  1.00 14.58 ? 118  LEU A CD1 1 
ATOM   926  C  CD2 . LEU A 1 118 ? -1.824  -11.440 -7.313  1.00 13.15 ? 118  LEU A CD2 1 
ATOM   927  N  N   . ARG A 1 119 ? -1.931  -14.481 -11.837 1.00 13.75 ? 119  ARG A N   1 
ATOM   928  C  CA  . ARG A 1 119 ? -1.506  -15.658 -12.600 1.00 14.24 ? 119  ARG A CA  1 
ATOM   929  C  C   . ARG A 1 119 ? -0.201  -15.384 -13.362 1.00 13.68 ? 119  ARG A C   1 
ATOM   930  O  O   . ARG A 1 119 ? 0.734   -16.181 -13.310 1.00 13.97 ? 119  ARG A O   1 
ATOM   931  C  CB  . ARG A 1 119 ? -2.611  -16.100 -13.564 1.00 14.03 ? 119  ARG A CB  1 
ATOM   932  C  CG  . ARG A 1 119 ? -2.298  -17.403 -14.283 1.00 15.79 ? 119  ARG A CG  1 
ATOM   933  C  CD  . ARG A 1 119 ? -3.342  -17.757 -15.345 1.00 15.95 ? 119  ARG A CD  1 
ATOM   934  N  NE  . ARG A 1 119 ? -4.657  -18.038 -14.767 0.50 16.81 ? 119  ARG A NE  1 
ATOM   935  C  CZ  . ARG A 1 119 ? -5.699  -17.206 -14.791 0.50 16.99 ? 119  ARG A CZ  1 
ATOM   936  N  NH1 . ARG A 1 119 ? -5.616  -16.023 -15.392 0.50 16.16 ? 119  ARG A NH1 1 
ATOM   937  N  NH2 . ARG A 1 119 ? -6.839  -17.573 -14.223 0.50 16.88 ? 119  ARG A NH2 1 
ATOM   938  N  N   . MET A 1 120 ? -0.128  -14.246 -14.052 1.00 13.46 ? 120  MET A N   1 
ATOM   939  C  CA  . MET A 1 120 ? 1.084   -13.901 -14.812 1.00 13.98 ? 120  MET A CA  1 
ATOM   940  C  C   . MET A 1 120 ? 2.292   -13.726 -13.898 1.00 13.45 ? 120  MET A C   1 
ATOM   941  O  O   . MET A 1 120 ? 3.403   -14.113 -14.260 1.00 13.64 ? 120  MET A O   1 
ATOM   942  C  CB  . MET A 1 120 ? 0.862   -12.655 -15.665 1.00 14.23 ? 120  MET A CB  1 
ATOM   943  C  CG  . MET A 1 120 ? -0.211  -12.850 -16.709 1.00 15.24 ? 120  MET A CG  1 
ATOM   944  S  SD  . MET A 1 120 ? -0.551  -11.297 -17.562 1.00 16.54 ? 120  MET A SD  1 
ATOM   945  C  CE  . MET A 1 120 ? -1.982  -11.750 -18.549 1.00 18.31 ? 120  MET A CE  1 
ATOM   946  N  N   . LEU A 1 121 ? 2.067   -13.154 -12.715 1.00 13.15 ? 121  LEU A N   1 
ATOM   947  C  CA  . LEU A 1 121 ? 3.137   -13.009 -11.729 1.00 12.86 ? 121  LEU A CA  1 
ATOM   948  C  C   . LEU A 1 121 ? 3.614   -14.376 -11.268 1.00 13.39 ? 121  LEU A C   1 
ATOM   949  O  O   . LEU A 1 121 ? 4.812   -14.626 -11.216 1.00 12.52 ? 121  LEU A O   1 
ATOM   950  C  CB  . LEU A 1 121 ? 2.686   -12.161 -10.532 1.00 13.41 ? 121  LEU A CB  1 
ATOM   951  C  CG  . LEU A 1 121 ? 2.518   -10.662 -10.815 1.00 13.27 ? 121  LEU A CG  1 
ATOM   952  C  CD1 . LEU A 1 121 ? 1.857   -9.989  -9.604  1.00 13.50 ? 121  LEU A CD1 1 
ATOM   953  C  CD2 . LEU A 1 121 ? 3.851   -10.010 -11.154 1.00 14.21 ? 121  LEU A CD2 1 
ATOM   954  N  N   . GLN A 1 122 ? 2.661   -15.250 -10.950 1.00 13.38 ? 122  GLN A N   1 
ATOM   955  C  CA  . GLN A 1 122 ? 2.947   -16.619 -10.528 1.00 14.74 ? 122  GLN A CA  1 
ATOM   956  C  C   . GLN A 1 122 ? 3.747   -17.357 -11.616 1.00 14.41 ? 122  GLN A C   1 
ATOM   957  O  O   . GLN A 1 122 ? 4.639   -18.158 -11.313 1.00 15.26 ? 122  GLN A O   1 
ATOM   958  C  CB  . GLN A 1 122 ? 1.640   -17.355 -10.259 1.00 15.27 ? 122  GLN A CB  1 
ATOM   959  C  CG  . GLN A 1 122 ? 1.802   -18.786 -9.774  1.00 19.75 ? 122  GLN A CG  1 
ATOM   960  C  CD  . GLN A 1 122 ? 1.927   -18.892 -8.285  1.00 24.96 ? 122  GLN A CD  1 
ATOM   961  O  OE1 . GLN A 1 122 ? 1.157   -18.279 -7.538  1.00 28.16 ? 122  GLN A OE1 1 
ATOM   962  N  NE2 . GLN A 1 122 ? 2.880   -19.701 -7.832  1.00 26.58 ? 122  GLN A NE2 1 
ATOM   963  N  N   . GLN A 1 123 ? 3.423   -17.066 -12.875 1.00 14.30 ? 123  GLN A N   1 
ATOM   964  C  CA  . GLN A 1 123 ? 4.090   -17.670 -14.030 1.00 14.31 ? 123  GLN A CA  1 
ATOM   965  C  C   . GLN A 1 123 ? 5.445   -17.031 -14.352 1.00 13.94 ? 123  GLN A C   1 
ATOM   966  O  O   . GLN A 1 123 ? 6.175   -17.511 -15.233 1.00 13.68 ? 123  GLN A O   1 
ATOM   967  C  CB  . GLN A 1 123 ? 3.184   -17.576 -15.262 1.00 14.49 ? 123  GLN A CB  1 
ATOM   968  C  CG  . GLN A 1 123 ? 1.917   -18.396 -15.189 1.00 16.39 ? 123  GLN A CG  1 
ATOM   969  C  CD  . GLN A 1 123 ? 0.983   -18.092 -16.348 1.00 18.58 ? 123  GLN A CD  1 
ATOM   970  O  OE1 . GLN A 1 123 ? 0.793   -16.929 -16.727 1.00 20.53 ? 123  GLN A OE1 1 
ATOM   971  N  NE2 . GLN A 1 123 ? 0.384   -19.127 -16.906 1.00 21.19 ? 123  GLN A NE2 1 
ATOM   972  N  N   . LYS A 1 124 ? 5.771   -15.939 -13.651 1.00 13.38 ? 124  LYS A N   1 
ATOM   973  C  CA  . LYS A 1 124 ? 7.003   -15.174 -13.877 1.00 13.36 ? 124  LYS A CA  1 
ATOM   974  C  C   . LYS A 1 124 ? 7.101   -14.629 -15.312 1.00 13.15 ? 124  LYS A C   1 
ATOM   975  O  O   . LYS A 1 124 ? 8.187   -14.568 -15.904 1.00 12.94 ? 124  LYS A O   1 
ATOM   976  C  CB  . LYS A 1 124 ? 8.261   -15.966 -13.465 1.00 13.79 ? 124  LYS A CB  1 
ATOM   977  C  CG  . LYS A 1 124 ? 8.250   -16.363 -11.988 1.00 14.08 ? 124  LYS A CG  1 
ATOM   978  C  CD  . LYS A 1 124 ? 9.619   -16.836 -11.498 1.00 13.71 ? 124  LYS A CD  1 
ATOM   979  C  CE  . LYS A 1 124 ? 9.587   -17.169 -9.999  1.00 13.99 ? 124  LYS A CE  1 
ATOM   980  N  NZ  A LYS A 1 124 ? 9.139   -16.054 -9.158  0.70 14.19 ? 124  LYS A NZ  1 
ATOM   981  N  NZ  B LYS A 1 124 ? 8.365   -17.898 -9.578  0.30 13.55 ? 124  LYS A NZ  1 
ATOM   982  N  N   . ARG A 1 125 ? 5.946   -14.240 -15.850 1.00 12.90 ? 125  ARG A N   1 
ATOM   983  C  CA  . ARG A 1 125 ? 5.856   -13.595 -17.165 1.00 13.59 ? 125  ARG A CA  1 
ATOM   984  C  C   . ARG A 1 125 ? 5.805   -12.101 -16.854 1.00 13.37 ? 125  ARG A C   1 
ATOM   985  O  O   . ARG A 1 125 ? 4.741   -11.469 -16.892 1.00 13.13 ? 125  ARG A O   1 
ATOM   986  C  CB  . ARG A 1 125 ? 4.609   -14.070 -17.904 1.00 13.67 ? 125  ARG A CB  1 
ATOM   987  C  CG  . ARG A 1 125 ? 4.630   -15.570 -18.163 1.00 15.07 ? 125  ARG A CG  1 
ATOM   988  C  CD  . ARG A 1 125 ? 3.473   -16.051 -18.992 1.00 18.38 ? 125  ARG A CD  1 
ATOM   989  N  NE  . ARG A 1 125 ? 3.597   -17.495 -19.190 1.00 21.69 ? 125  ARG A NE  1 
ATOM   990  C  CZ  . ARG A 1 125 ? 2.862   -18.213 -20.030 1.00 24.62 ? 125  ARG A CZ  1 
ATOM   991  N  NH1 . ARG A 1 125 ? 1.943   -17.624 -20.785 1.00 25.07 ? 125  ARG A NH1 1 
ATOM   992  N  NH2 . ARG A 1 125 ? 3.070   -19.523 -20.129 1.00 25.15 ? 125  ARG A NH2 1 
ATOM   993  N  N   . TRP A 1 126 ? 6.978   -11.562 -16.514 1.00 13.33 ? 126  TRP A N   1 
ATOM   994  C  CA  . TRP A 1 126 ? 7.081   -10.212 -15.947 1.00 13.29 ? 126  TRP A CA  1 
ATOM   995  C  C   . TRP A 1 126 ? 6.574   -9.086  -16.842 1.00 13.64 ? 126  TRP A C   1 
ATOM   996  O  O   . TRP A 1 126 ? 5.863   -8.198  -16.370 1.00 13.61 ? 126  TRP A O   1 
ATOM   997  C  CB  . TRP A 1 126 ? 8.509   -9.914  -15.486 1.00 13.19 ? 126  TRP A CB  1 
ATOM   998  C  CG  . TRP A 1 126 ? 9.115   -10.956 -14.571 1.00 12.71 ? 126  TRP A CG  1 
ATOM   999  C  CD1 . TRP A 1 126 ? 10.308  -11.599 -14.748 1.00 12.88 ? 126  TRP A CD1 1 
ATOM   1000 C  CD2 . TRP A 1 126 ? 8.563   -11.465 -13.346 1.00 12.99 ? 126  TRP A CD2 1 
ATOM   1001 N  NE1 . TRP A 1 126 ? 10.539  -12.473 -13.711 1.00 13.18 ? 126  TRP A NE1 1 
ATOM   1002 C  CE2 . TRP A 1 126 ? 9.486   -12.412 -12.834 1.00 12.77 ? 126  TRP A CE2 1 
ATOM   1003 C  CE3 . TRP A 1 126 ? 7.376   -11.222 -12.636 1.00 12.32 ? 126  TRP A CE3 1 
ATOM   1004 C  CZ2 . TRP A 1 126 ? 9.269   -13.109 -11.637 1.00 13.50 ? 126  TRP A CZ2 1 
ATOM   1005 C  CZ3 . TRP A 1 126 ? 7.151   -11.922 -11.447 1.00 12.30 ? 126  TRP A CZ3 1 
ATOM   1006 C  CH2 . TRP A 1 126 ? 8.098   -12.853 -10.957 1.00 13.22 ? 126  TRP A CH2 1 
ATOM   1007 N  N   . ASP A 1 127 ? 6.951   -9.103  -18.118 1.00 13.61 ? 127  ASP A N   1 
ATOM   1008 C  CA  . ASP A 1 127 ? 6.486   -8.057  -19.037 1.00 14.33 ? 127  ASP A CA  1 
ATOM   1009 C  C   . ASP A 1 127 ? 4.975   -8.135  -19.229 1.00 14.21 ? 127  ASP A C   1 
ATOM   1010 O  O   . ASP A 1 127 ? 4.287   -7.104  -19.212 1.00 13.88 ? 127  ASP A O   1 
ATOM   1011 C  CB  . ASP A 1 127 ? 7.210   -8.120  -20.388 1.00 14.26 ? 127  ASP A CB  1 
ATOM   1012 C  CG  . ASP A 1 127 ? 8.640   -7.579  -20.320 1.00 16.32 ? 127  ASP A CG  1 
ATOM   1013 O  OD1 . ASP A 1 127 ? 9.246   -7.570  -19.225 1.00 18.57 ? 127  ASP A OD1 1 
ATOM   1014 O  OD2 . ASP A 1 127 ? 9.159   -7.169  -21.379 1.00 18.56 ? 127  ASP A OD2 1 
ATOM   1015 N  N   . GLU A 1 128 ? 4.464   -9.356  -19.386 1.00 14.13 ? 128  GLU A N   1 
ATOM   1016 C  CA  . GLU A 1 128 ? 3.030   -9.580  -19.552 1.00 14.23 ? 128  GLU A CA  1 
ATOM   1017 C  C   . GLU A 1 128 ? 2.253   -9.156  -18.304 1.00 13.70 ? 128  GLU A C   1 
ATOM   1018 O  O   . GLU A 1 128 ? 1.213   -8.501  -18.411 1.00 12.99 ? 128  GLU A O   1 
ATOM   1019 C  CB  . GLU A 1 128 ? 2.742   -11.040 -19.899 1.00 15.13 ? 128  GLU A CB  1 
ATOM   1020 C  CG  . GLU A 1 128 ? 3.292   -11.442 -21.258 1.00 18.82 ? 128  GLU A CG  1 
ATOM   1021 C  CD  . GLU A 1 128 ? 3.112   -12.909 -21.539 1.00 23.33 ? 128  GLU A CD  1 
ATOM   1022 O  OE1 . GLU A 1 128 ? 1.949   -13.366 -21.560 1.00 25.84 ? 128  GLU A OE1 1 
ATOM   1023 O  OE2 . GLU A 1 128 ? 4.138   -13.599 -21.738 1.00 25.90 ? 128  GLU A OE2 1 
ATOM   1024 N  N   . ALA A 1 129 ? 2.781   -9.511  -17.128 1.00 13.24 ? 129  ALA A N   1 
ATOM   1025 C  CA  . ALA A 1 129 ? 2.170   -9.100  -15.858 1.00 13.33 ? 129  ALA A CA  1 
ATOM   1026 C  C   . ALA A 1 129 ? 2.127   -7.576  -15.772 1.00 13.02 ? 129  ALA A C   1 
ATOM   1027 O  O   . ALA A 1 129 ? 1.103   -6.985  -15.400 1.00 12.59 ? 129  ALA A O   1 
ATOM   1028 C  CB  . ALA A 1 129 ? 2.943   -9.677  -14.685 1.00 13.49 ? 129  ALA A CB  1 
ATOM   1029 N  N   . ALA A 1 130 ? 3.247   -6.949  -16.124 1.00 13.06 ? 130  ALA A N   1 
ATOM   1030 C  CA  . ALA A 1 130 ? 3.373   -5.486  -16.085 1.00 13.71 ? 130  ALA A CA  1 
ATOM   1031 C  C   . ALA A 1 130 ? 2.314   -4.801  -16.956 1.00 14.26 ? 130  ALA A C   1 
ATOM   1032 O  O   . ALA A 1 130 ? 1.657   -3.847  -16.525 1.00 14.03 ? 130  ALA A O   1 
ATOM   1033 C  CB  . ALA A 1 130 ? 4.778   -5.067  -16.504 1.00 13.77 ? 130  ALA A CB  1 
ATOM   1034 N  N   . CYS A 1 131 ? 2.143   -5.305  -18.178 1.00 14.34 ? 131  CYS A N   1 
ATOM   1035 C  CA  . CYS A 1 131 ? 1.153   -4.772  -19.105 1.00 15.85 ? 131  CYS A CA  1 
ATOM   1036 C  C   . CYS A 1 131 ? -0.249  -4.956  -18.552 1.00 14.75 ? 131  CYS A C   1 
ATOM   1037 O  O   . CYS A 1 131 ? -1.064  -4.039  -18.606 1.00 15.09 ? 131  CYS A O   1 
ATOM   1038 C  CB  . CYS A 1 131 ? 1.320   -5.513  -20.429 1.00 16.72 ? 131  CYS A CB  1 
ATOM   1039 S  SG  A CYS A 1 131 ? 0.275   -4.876  -21.699 0.50 19.67 ? 131  CYS A SG  1 
ATOM   1040 S  SG  B CYS A 1 131 ? 2.784   -4.947  -21.251 0.50 18.75 ? 131  CYS A SG  1 
ATOM   1041 N  N   . ASN A 1 132 ? -0.527  -6.139  -18.001 1.00 13.75 ? 132  ASN A N   1 
ATOM   1042 C  CA  . ASN A 1 132 ? -1.858  -6.442  -17.478 1.00 13.41 ? 132  ASN A CA  1 
ATOM   1043 C  C   . ASN A 1 132 ? -2.209  -5.582  -16.261 1.00 12.56 ? 132  ASN A C   1 
ATOM   1044 O  O   . ASN A 1 132 ? -3.343  -5.114  -16.125 1.00 13.00 ? 132  ASN A O   1 
ATOM   1045 C  CB  . ASN A 1 132 ? -1.979  -7.919  -17.110 1.00 13.96 ? 132  ASN A CB  1 
ATOM   1046 C  CG  . ASN A 1 132 ? -3.406  -8.326  -16.800 1.00 14.99 ? 132  ASN A CG  1 
ATOM   1047 O  OD1 . ASN A 1 132 ? -3.808  -8.387  -15.636 1.00 16.86 ? 132  ASN A OD1 1 
ATOM   1048 N  ND2 . ASN A 1 132 ? -4.192  -8.575  -17.845 1.00 17.91 ? 132  ASN A ND2 1 
ATOM   1049 N  N   . LEU A 1 133 ? -1.225  -5.370  -15.387 1.00 12.12 ? 133  LEU A N   1 
ATOM   1050 C  CA  . LEU A 1 133 ? -1.427  -4.564  -14.167 1.00 11.80 ? 133  LEU A CA  1 
ATOM   1051 C  C   . LEU A 1 133 ? -1.844  -3.126  -14.489 1.00 12.42 ? 133  LEU A C   1 
ATOM   1052 O  O   . LEU A 1 133 ? -2.597  -2.503  -13.738 1.00 12.80 ? 133  LEU A O   1 
ATOM   1053 C  CB  . LEU A 1 133 ? -0.144  -4.563  -13.320 1.00 11.76 ? 133  LEU A CB  1 
ATOM   1054 C  CG  . LEU A 1 133 ? 0.119   -5.834  -12.487 1.00 11.93 ? 133  LEU A CG  1 
ATOM   1055 C  CD1 . LEU A 1 133 ? 1.588   -5.912  -12.081 1.00 12.64 ? 133  LEU A CD1 1 
ATOM   1056 C  CD2 . LEU A 1 133 ? -0.813  -5.896  -11.260 1.00 11.85 ? 133  LEU A CD2 1 
ATOM   1057 N  N   . ALA A 1 134 ? -1.350  -2.617  -15.614 1.00 12.30 ? 134  ALA A N   1 
ATOM   1058 C  CA  . ALA A 1 134 ? -1.619  -1.232  -16.031 1.00 13.05 ? 134  ALA A CA  1 
ATOM   1059 C  C   . ALA A 1 134 ? -3.047  -1.029  -16.545 1.00 12.65 ? 134  ALA A C   1 
ATOM   1060 O  O   . ALA A 1 134 ? -3.512  0.117   -16.695 1.00 12.97 ? 134  ALA A O   1 
ATOM   1061 C  CB  . ALA A 1 134 ? -0.609  -0.796  -17.081 1.00 13.17 ? 134  ALA A CB  1 
ATOM   1062 N  N   . LYS A 1 135 ? -3.730  -2.133  -16.830 1.00 13.29 ? 135  LYS A N   1 
ATOM   1063 C  CA  . LYS A 1 135 ? -5.109  -2.097  -17.338 1.00 14.31 ? 135  LYS A CA  1 
ATOM   1064 C  C   . LYS A 1 135 ? -6.060  -2.090  -16.145 1.00 13.39 ? 135  LYS A C   1 
ATOM   1065 O  O   . LYS A 1 135 ? -6.804  -3.036  -15.930 1.00 13.69 ? 135  LYS A O   1 
ATOM   1066 C  CB  . LYS A 1 135 ? -5.371  -3.315  -18.230 1.00 14.53 ? 135  LYS A CB  1 
ATOM   1067 C  CG  . LYS A 1 135 ? -4.534  -3.336  -19.494 1.00 16.08 ? 135  LYS A CG  1 
ATOM   1068 C  CD  . LYS A 1 135 ? -4.724  -4.644  -20.275 1.00 17.42 ? 135  LYS A CD  1 
ATOM   1069 C  CE  . LYS A 1 135 ? -3.750  -4.698  -21.447 1.00 22.01 ? 135  LYS A CE  1 
ATOM   1070 N  NZ  . LYS A 1 135 ? -3.785  -6.001  -22.187 1.00 24.92 ? 135  LYS A NZ  1 
ATOM   1071 N  N   . SER A 1 136 ? -6.020  -1.018  -15.362 1.00 12.45 ? 136  SER A N   1 
ATOM   1072 C  CA  . SER A 1 136 ? -6.738  -0.994  -14.094 1.00 11.82 ? 136  SER A CA  1 
ATOM   1073 C  C   . SER A 1 136 ? -7.108  0.414   -13.670 1.00 12.05 ? 136  SER A C   1 
ATOM   1074 O  O   . SER A 1 136 ? -6.424  1.382   -14.035 1.00 11.10 ? 136  SER A O   1 
ATOM   1075 C  CB  . SER A 1 136 ? -5.835  -1.592  -12.999 1.00 12.23 ? 136  SER A CB  1 
ATOM   1076 O  OG  . SER A 1 136 ? -4.631  -0.833  -12.855 1.00 11.65 ? 136  SER A OG  1 
ATOM   1077 N  N   . ARG A 1 137 ? -8.164  0.517   -12.865 1.00 11.74 ? 137  ARG A N   1 
ATOM   1078 C  CA  . ARG A 1 137 ? -8.495  1.791   -12.241 1.00 12.69 ? 137  ARG A CA  1 
ATOM   1079 C  C   . ARG A 1 137 ? -7.274  2.271   -11.431 1.00 12.25 ? 137  ARG A C   1 
ATOM   1080 O  O   . ARG A 1 137 ? -6.922  3.448   -11.456 1.00 12.48 ? 137  ARG A O   1 
ATOM   1081 C  CB  . ARG A 1 137 ? -9.711  1.652   -11.327 1.00 12.98 ? 137  ARG A CB  1 
ATOM   1082 C  CG  . ARG A 1 137 ? -10.138 2.992   -10.755 1.00 15.10 ? 137  ARG A CG  1 
ATOM   1083 C  CD  . ARG A 1 137 ? -11.220 2.870   -9.712  1.00 17.45 ? 137  ARG A CD  1 
ATOM   1084 N  NE  . ARG A 1 137 ? -11.615 4.203   -9.271  1.00 19.94 ? 137  ARG A NE  1 
ATOM   1085 C  CZ  . ARG A 1 137 ? -11.048 4.876   -8.271  1.00 21.62 ? 137  ARG A CZ  1 
ATOM   1086 N  NH1 . ARG A 1 137 ? -10.064 4.332   -7.559  1.00 22.63 ? 137  ARG A NH1 1 
ATOM   1087 N  NH2 . ARG A 1 137 ? -11.481 6.102   -7.971  1.00 21.57 ? 137  ARG A NH2 1 
ATOM   1088 N  N   . TRP A 1 138 ? -6.618  1.338   -10.740 1.00 11.76 ? 138  TRP A N   1 
ATOM   1089 C  CA  . TRP A 1 138 ? -5.440  1.639   -9.926  1.00 12.15 ? 138  TRP A CA  1 
ATOM   1090 C  C   . TRP A 1 138 ? -4.402  2.442   -10.708 1.00 11.73 ? 138  TRP A C   1 
ATOM   1091 O  O   . TRP A 1 138 ? -3.991  3.534   -10.292 1.00 11.96 ? 138  TRP A O   1 
ATOM   1092 C  CB  . TRP A 1 138 ? -4.832  0.324   -9.421  1.00 12.09 ? 138  TRP A CB  1 
ATOM   1093 C  CG  . TRP A 1 138 ? -3.477  0.442   -8.772  1.00 11.80 ? 138  TRP A CG  1 
ATOM   1094 C  CD1 . TRP A 1 138 ? -3.142  1.210   -7.676  1.00 13.12 ? 138  TRP A CD1 1 
ATOM   1095 C  CD2 . TRP A 1 138 ? -2.293  -0.284  -9.127  1.00 12.74 ? 138  TRP A CD2 1 
ATOM   1096 N  NE1 . TRP A 1 138 ? -1.818  1.017   -7.349  1.00 14.14 ? 138  TRP A NE1 1 
ATOM   1097 C  CE2 . TRP A 1 138 ? -1.267  0.115   -8.226  1.00 12.69 ? 138  TRP A CE2 1 
ATOM   1098 C  CE3 . TRP A 1 138 ? -1.988  -1.212  -10.133 1.00 11.48 ? 138  TRP A CE3 1 
ATOM   1099 C  CZ2 . TRP A 1 138 ? 0.036   -0.410  -8.286  1.00 13.26 ? 138  TRP A CZ2 1 
ATOM   1100 C  CZ3 . TRP A 1 138 ? -0.688  -1.723  -10.207 1.00 12.82 ? 138  TRP A CZ3 1 
ATOM   1101 C  CH2 . TRP A 1 138 ? 0.311   -1.321  -9.281  1.00 12.57 ? 138  TRP A CH2 1 
ATOM   1102 N  N   . TYR A 1 139 ? -4.009  1.912   -11.860 1.00 11.94 ? 139  TYR A N   1 
ATOM   1103 C  CA  . TYR A 1 139 ? -3.013  2.559   -12.704 1.00 12.43 ? 139  TYR A CA  1 
ATOM   1104 C  C   . TYR A 1 139 ? -3.504  3.929   -13.185 1.00 12.18 ? 139  TYR A C   1 
ATOM   1105 O  O   . TYR A 1 139 ? -2.767  4.904   -13.138 1.00 12.52 ? 139  TYR A O   1 
ATOM   1106 C  CB  . TYR A 1 139 ? -2.684  1.682   -13.906 1.00 14.01 ? 139  TYR A CB  1 
ATOM   1107 C  CG  . TYR A 1 139 ? -1.656  2.291   -14.823 1.00 15.53 ? 139  TYR A CG  1 
ATOM   1108 C  CD1 . TYR A 1 139 ? -0.297  2.078   -14.612 1.00 16.02 ? 139  TYR A CD1 1 
ATOM   1109 C  CD2 . TYR A 1 139 ? -2.045  3.087   -15.901 1.00 17.14 ? 139  TYR A CD2 1 
ATOM   1110 C  CE1 . TYR A 1 139 ? 0.653   2.639   -15.454 1.00 18.65 ? 139  TYR A CE1 1 
ATOM   1111 C  CE2 . TYR A 1 139 ? -1.105  3.652   -16.749 1.00 18.90 ? 139  TYR A CE2 1 
ATOM   1112 C  CZ  . TYR A 1 139 ? 0.244   3.424   -16.517 1.00 19.05 ? 139  TYR A CZ  1 
ATOM   1113 O  OH  . TYR A 1 139 ? 1.182   3.986   -17.359 1.00 21.60 ? 139  TYR A OH  1 
ATOM   1114 N  N   . ASN A 1 140 ? -4.742  3.991   -13.651 1.00 11.59 ? 140  ASN A N   1 
ATOM   1115 C  CA  . ASN A 1 140 ? -5.274  5.257   -14.190 1.00 11.63 ? 140  ASN A CA  1 
ATOM   1116 C  C   . ASN A 1 140 ? -5.388  6.361   -13.145 1.00 11.54 ? 140  ASN A C   1 
ATOM   1117 O  O   . ASN A 1 140 ? -5.120  7.522   -13.434 1.00 11.90 ? 140  ASN A O   1 
ATOM   1118 C  CB  . ASN A 1 140 ? -6.612  5.027   -14.892 1.00 11.98 ? 140  ASN A CB  1 
ATOM   1119 C  CG  . ASN A 1 140 ? -6.435  4.445   -16.286 1.00 12.62 ? 140  ASN A CG  1 
ATOM   1120 O  OD1 . ASN A 1 140 ? -6.129  5.172   -17.236 1.00 15.02 ? 140  ASN A OD1 1 
ATOM   1121 N  ND2 . ASN A 1 140 ? -6.615  3.127   -16.417 1.00 13.59 ? 140  ASN A ND2 1 
ATOM   1122 N  N   . GLN A 1 141 ? -5.774  5.996   -11.927 1.00 11.32 ? 141  GLN A N   1 
ATOM   1123 C  CA  . GLN A 1 141 ? -5.953  6.996   -10.865 1.00 11.50 ? 141  GLN A CA  1 
ATOM   1124 C  C   . GLN A 1 141 ? -4.636  7.424   -10.202 1.00 11.66 ? 141  GLN A C   1 
ATOM   1125 O  O   . GLN A 1 141 ? -4.478  8.585   -9.821  1.00 12.11 ? 141  GLN A O   1 
ATOM   1126 C  CB  . GLN A 1 141 ? -6.965  6.526   -9.823  1.00 12.01 ? 141  GLN A CB  1 
ATOM   1127 C  CG  . GLN A 1 141 ? -8.349  6.152   -10.393 1.00 12.30 ? 141  GLN A CG  1 
ATOM   1128 C  CD  . GLN A 1 141 ? -9.044  7.274   -11.180 1.00 14.34 ? 141  GLN A CD  1 
ATOM   1129 O  OE1 . GLN A 1 141 ? -9.559  7.039   -12.280 1.00 15.80 ? 141  GLN A OE1 1 
ATOM   1130 N  NE2 . GLN A 1 141 ? -9.060  8.481   -10.629 1.00 13.65 ? 141  GLN A NE2 1 
ATOM   1131 N  N   . THR A 1 142 ? -3.702  6.484   -10.048 1.00 10.84 ? 142  THR A N   1 
ATOM   1132 C  CA  . THR A 1 142 ? -2.377  6.794   -9.470  1.00 11.21 ? 142  THR A CA  1 
ATOM   1133 C  C   . THR A 1 142 ? -1.284  6.253   -10.395 1.00 11.26 ? 142  THR A C   1 
ATOM   1134 O  O   . THR A 1 142 ? -0.591  5.296   -10.056 1.00 12.05 ? 142  THR A O   1 
ATOM   1135 C  CB  . THR A 1 142 ? -2.220  6.244   -8.022  1.00 11.21 ? 142  THR A CB  1 
ATOM   1136 O  OG1 . THR A 1 142 ? -2.512  4.840   -7.993  1.00 10.27 ? 142  THR A OG1 1 
ATOM   1137 C  CG2 . THR A 1 142 ? -3.178  6.977   -7.061  1.00 11.65 ? 142  THR A CG2 1 
ATOM   1138 N  N   . PRO A 1 143 ? -1.125  6.877   -11.571 1.00 11.19 ? 143  PRO A N   1 
ATOM   1139 C  CA  . PRO A 1 143 ? -0.214  6.318   -12.578 1.00 10.98 ? 143  PRO A CA  1 
ATOM   1140 C  C   . PRO A 1 143 ? 1.258   6.364   -12.199 1.00 11.11 ? 143  PRO A C   1 
ATOM   1141 O  O   . PRO A 1 143 ? 1.969   5.407   -12.477 1.00 10.79 ? 143  PRO A O   1 
ATOM   1142 C  CB  . PRO A 1 143 ? -0.518  7.140   -13.842 1.00 11.15 ? 143  PRO A CB  1 
ATOM   1143 C  CG  . PRO A 1 143 ? -1.104  8.418   -13.333 1.00 11.12 ? 143  PRO A CG  1 
ATOM   1144 C  CD  . PRO A 1 143 ? -1.805  8.101   -12.039 1.00 11.39 ? 143  PRO A CD  1 
ATOM   1145 N  N   . ASN A 1 144 ? 1.726   7.436   -11.549 1.00 11.48 ? 144  ASN A N   1 
ATOM   1146 C  CA  . ASN A 1 144 ? 3.152   7.477   -11.191 1.00 12.04 ? 144  ASN A CA  1 
ATOM   1147 C  C   . ASN A 1 144 ? 3.522   6.409   -10.150 1.00 11.65 ? 144  ASN A C   1 
ATOM   1148 O  O   . ASN A 1 144 ? 4.515   5.692   -10.312 1.00 11.44 ? 144  ASN A O   1 
ATOM   1149 C  CB  . ASN A 1 144 ? 3.596   8.874   -10.753 1.00 12.38 ? 144  ASN A CB  1 
ATOM   1150 C  CG  . ASN A 1 144 ? 3.686   9.847   -11.927 1.00 14.76 ? 144  ASN A CG  1 
ATOM   1151 O  OD1 . ASN A 1 144 ? 3.488   9.465   -13.078 1.00 18.09 ? 144  ASN A OD1 1 
ATOM   1152 N  ND2 . ASN A 1 144 ? 4.008   11.095  -11.638 1.00 16.55 ? 144  ASN A ND2 1 
ATOM   1153 N  N   . ARG A 1 145 ? 2.686   6.289   -9.121  1.00 11.62 ? 145  ARG A N   1 
ATOM   1154 C  CA  . ARG A 1 145 ? 2.901   5.292   -8.076  1.00 11.78 ? 145  ARG A CA  1 
ATOM   1155 C  C   . ARG A 1 145 ? 2.763   3.879   -8.658  1.00 12.02 ? 145  ARG A C   1 
ATOM   1156 O  O   . ARG A 1 145 ? 3.607   2.999   -8.408  1.00 10.89 ? 145  ARG A O   1 
ATOM   1157 C  CB  . ARG A 1 145 ? 1.941   5.549   -6.903  1.00 12.51 ? 145  ARG A CB  1 
ATOM   1158 C  CG  . ARG A 1 145 ? 2.309   4.840   -5.577  1.00 14.07 ? 145  ARG A CG  1 
ATOM   1159 C  CD  . ARG A 1 145 ? 1.321   3.762   -5.264  1.00 15.40 ? 145  ARG A CD  1 
ATOM   1160 N  NE  . ARG A 1 145 ? 1.550   3.065   -3.984  1.00 13.11 ? 145  ARG A NE  1 
ATOM   1161 C  CZ  . ARG A 1 145 ? 1.034   3.420   -2.801  1.00 13.54 ? 145  ARG A CZ  1 
ATOM   1162 N  NH1 . ARG A 1 145 ? 0.289   4.511   -2.673  1.00 14.23 ? 145  ARG A NH1 1 
ATOM   1163 N  NH2 . ARG A 1 145 ? 1.283   2.678   -1.721  1.00 11.75 ? 145  ARG A NH2 1 
ATOM   1164 N  N   . ALA A 1 146 ? 1.711   3.659   -9.447  1.00 12.02 ? 146  ALA A N   1 
ATOM   1165 C  CA  . ALA A 1 146 ? 1.509   2.357   -10.089 1.00 12.53 ? 146  ALA A CA  1 
ATOM   1166 C  C   . ALA A 1 146 ? 2.694   2.008   -10.998 1.00 12.31 ? 146  ALA A C   1 
ATOM   1167 O  O   . ALA A 1 146 ? 3.161   0.859   -11.012 1.00 12.42 ? 146  ALA A O   1 
ATOM   1168 C  CB  . ALA A 1 146 ? 0.199   2.316   -10.857 1.00 11.96 ? 146  ALA A CB  1 
ATOM   1169 N  N   . LYS A 1 147 ? 3.197   3.000   -11.730 1.00 12.42 ? 147  LYS A N   1 
ATOM   1170 C  CA  . LYS A 1 147 ? 4.354   2.784   -12.592 1.00 12.51 ? 147  LYS A CA  1 
ATOM   1171 C  C   . LYS A 1 147 ? 5.559   2.284   -11.795 1.00 12.12 ? 147  LYS A C   1 
ATOM   1172 O  O   . LYS A 1 147 ? 6.266   1.383   -12.245 1.00 12.13 ? 147  LYS A O   1 
ATOM   1173 C  CB  . LYS A 1 147 ? 4.733   4.049   -13.357 1.00 12.90 ? 147  LYS A CB  1 
ATOM   1174 C  CG  A LYS A 1 147 ? 3.836   4.354   -14.548 0.50 13.02 ? 147  LYS A CG  1 
ATOM   1175 C  CG  B LYS A 1 147 ? 5.484   3.726   -14.622 0.50 14.58 ? 147  LYS A CG  1 
ATOM   1176 C  CD  A LYS A 1 147 ? 4.274   5.645   -15.228 0.50 15.60 ? 147  LYS A CD  1 
ATOM   1177 C  CD  B LYS A 1 147 ? 6.113   4.931   -15.276 0.50 16.83 ? 147  LYS A CD  1 
ATOM   1178 C  CE  A LYS A 1 147 ? 3.348   6.025   -16.370 0.50 17.96 ? 147  LYS A CE  1 
ATOM   1179 C  CE  B LYS A 1 147 ? 6.659   4.542   -16.644 0.50 18.75 ? 147  LYS A CE  1 
ATOM   1180 N  NZ  A LYS A 1 147 ? 1.947   6.227   -15.911 0.50 20.26 ? 147  LYS A NZ  1 
ATOM   1181 N  NZ  B LYS A 1 147 ? 7.433   3.259   -16.602 0.50 19.79 ? 147  LYS A NZ  1 
ATOM   1182 N  N   . ARG A 1 148 ? 5.784   2.872   -10.616 1.00 11.42 ? 148  ARG A N   1 
ATOM   1183 C  CA  . ARG A 1 148 ? 6.910   2.464   -9.768  1.00 11.34 ? 148  ARG A CA  1 
ATOM   1184 C  C   . ARG A 1 148 ? 6.741   1.018   -9.310  1.00 11.13 ? 148  ARG A C   1 
ATOM   1185 O  O   . ARG A 1 148 ? 7.668   0.205   -9.394  1.00 11.30 ? 148  ARG A O   1 
ATOM   1186 C  CB  . ARG A 1 148 ? 7.062   3.395   -8.564  1.00 11.35 ? 148  ARG A CB  1 
ATOM   1187 C  CG  . ARG A 1 148 ? 7.632   4.775   -8.928  1.00 11.69 ? 148  ARG A CG  1 
ATOM   1188 C  CD  . ARG A 1 148 ? 8.061   5.531   -7.686  1.00 11.32 ? 148  ARG A CD  1 
ATOM   1189 N  NE  . ARG A 1 148 ? 6.936   5.910   -6.827  1.00 11.07 ? 148  ARG A NE  1 
ATOM   1190 C  CZ  . ARG A 1 148 ? 6.197   7.013   -6.976  1.00 13.56 ? 148  ARG A CZ  1 
ATOM   1191 N  NH1 . ARG A 1 148 ? 6.429   7.843   -7.986  1.00 13.94 ? 148  ARG A NH1 1 
ATOM   1192 N  NH2 . ARG A 1 148 ? 5.206   7.273   -6.119  1.00 11.70 ? 148  ARG A NH2 1 
ATOM   1193 N  N   . VAL A 1 149 ? 5.542   0.698   -8.846  1.00 10.47 ? 149  VAL A N   1 
ATOM   1194 C  CA  . VAL A 1 149 ? 5.246   -0.643  -8.348  1.00 10.66 ? 149  VAL A CA  1 
ATOM   1195 C  C   . VAL A 1 149 ? 5.356   -1.659  -9.485  1.00 11.25 ? 149  VAL A C   1 
ATOM   1196 O  O   . VAL A 1 149 ? 5.955   -2.724  -9.321  1.00 10.83 ? 149  VAL A O   1 
ATOM   1197 C  CB  . VAL A 1 149 ? 3.867   -0.684  -7.677  1.00 10.78 ? 149  VAL A CB  1 
ATOM   1198 C  CG1 . VAL A 1 149 ? 3.465   -2.112  -7.337  1.00 10.61 ? 149  VAL A CG1 1 
ATOM   1199 C  CG2 . VAL A 1 149 ? 3.868   0.205   -6.417  1.00 10.82 ? 149  VAL A CG2 1 
ATOM   1200 N  N   . ILE A 1 150 ? 4.792   -1.312  -10.642 1.00 10.98 ? 150  ILE A N   1 
ATOM   1201 C  CA  . ILE A 1 150 ? 4.841   -2.181  -11.820 1.00 11.79 ? 150  ILE A CA  1 
ATOM   1202 C  C   . ILE A 1 150 ? 6.280   -2.404  -12.290 1.00 11.75 ? 150  ILE A C   1 
ATOM   1203 O  O   . ILE A 1 150 ? 6.657   -3.540  -12.596 1.00 11.83 ? 150  ILE A O   1 
ATOM   1204 C  CB  . ILE A 1 150 ? 3.934   -1.651  -12.958 1.00 11.74 ? 150  ILE A CB  1 
ATOM   1205 C  CG1 . ILE A 1 150 ? 2.467   -1.836  -12.565 1.00 12.08 ? 150  ILE A CG1 1 
ATOM   1206 C  CG2 . ILE A 1 150 ? 4.215   -2.403  -14.270 1.00 12.49 ? 150  ILE A CG2 1 
ATOM   1207 C  CD1 . ILE A 1 150 ? 1.489   -1.073  -13.445 1.00 12.56 ? 150  ILE A CD1 1 
ATOM   1208 N  N   . THR A 1 151 ? 7.083   -1.337  -12.321 1.00 11.81 ? 151  THR A N   1 
ATOM   1209 C  CA  . THR A 1 151 ? 8.511   -1.467  -12.690 1.00 12.56 ? 151  THR A CA  1 
ATOM   1210 C  C   . THR A 1 151 ? 9.225   -2.455  -11.746 1.00 12.27 ? 151  THR A C   1 
ATOM   1211 O  O   . THR A 1 151 ? 10.070  -3.258  -12.175 1.00 12.06 ? 151  THR A O   1 
ATOM   1212 C  CB  . THR A 1 151 ? 9.221   -0.104  -12.711 1.00 12.65 ? 151  THR A CB  1 
ATOM   1213 O  OG1 . THR A 1 151 ? 8.794   0.621   -13.875 1.00 14.45 ? 151  THR A OG1 1 
ATOM   1214 C  CG2 . THR A 1 151 ? 10.754  -0.274  -12.765 1.00 14.60 ? 151  THR A CG2 1 
ATOM   1215 N  N   . THR A 1 152 ? 8.851   -2.406  -10.475 1.00 12.03 ? 152  THR A N   1 
ATOM   1216 C  CA  . THR A 1 152 ? 9.409   -3.296  -9.460  1.00 12.00 ? 152  THR A CA  1 
ATOM   1217 C  C   . THR A 1 152 ? 9.050   -4.765  -9.774  1.00 12.13 ? 152  THR A C   1 
ATOM   1218 O  O   . THR A 1 152 ? 9.912   -5.646  -9.710  1.00 11.83 ? 152  THR A O   1 
ATOM   1219 C  CB  . THR A 1 152 ? 8.970   -2.853  -8.041  1.00 12.39 ? 152  THR A CB  1 
ATOM   1220 O  OG1 . THR A 1 152 ? 9.258   -1.451  -7.883  1.00 11.06 ? 152  THR A OG1 1 
ATOM   1221 C  CG2 . THR A 1 152 ? 9.718   -3.636  -6.968  1.00 12.90 ? 152  THR A CG2 1 
ATOM   1222 N  N   . PHE A 1 153 ? 7.792   -5.018  -10.150 1.00 12.14 ? 153  PHE A N   1 
ATOM   1223 C  CA  . PHE A 1 153 ? 7.391   -6.363  -10.577 1.00 12.72 ? 153  PHE A CA  1 
ATOM   1224 C  C   . PHE A 1 153 ? 8.063   -6.777  -11.882 1.00 13.50 ? 153  PHE A C   1 
ATOM   1225 O  O   . PHE A 1 153 ? 8.364   -7.956  -12.080 1.00 13.85 ? 153  PHE A O   1 
ATOM   1226 C  CB  . PHE A 1 153 ? 5.884   -6.451  -10.811 1.00 12.73 ? 153  PHE A CB  1 
ATOM   1227 C  CG  . PHE A 1 153 ? 5.065   -6.597  -9.565  1.00 11.79 ? 153  PHE A CG  1 
ATOM   1228 C  CD1 . PHE A 1 153 ? 5.257   -7.676  -8.695  1.00 12.87 ? 153  PHE A CD1 1 
ATOM   1229 C  CD2 . PHE A 1 153 ? 4.023   -5.702  -9.313  1.00 12.10 ? 153  PHE A CD2 1 
ATOM   1230 C  CE1 . PHE A 1 153 ? 4.449   -7.832  -7.571  1.00 12.39 ? 153  PHE A CE1 1 
ATOM   1231 C  CE2 . PHE A 1 153 ? 3.213   -5.847  -8.200  1.00 12.65 ? 153  PHE A CE2 1 
ATOM   1232 C  CZ  . PHE A 1 153 ? 3.426   -6.915  -7.316  1.00 12.84 ? 153  PHE A CZ  1 
ATOM   1233 N  N   . ARG A 1 154 ? 8.240   -5.826  -12.801 1.00 13.95 ? 154  ARG A N   1 
ATOM   1234 C  CA  . ARG A 1 154 ? 8.805   -6.148  -14.111 1.00 14.60 ? 154  ARG A CA  1 
ATOM   1235 C  C   . ARG A 1 154 ? 10.269  -6.549  -14.012 1.00 14.60 ? 154  ARG A C   1 
ATOM   1236 O  O   . ARG A 1 154 ? 10.680  -7.550  -14.606 1.00 14.36 ? 154  ARG A O   1 
ATOM   1237 C  CB  . ARG A 1 154 ? 8.636   -4.989  -15.105 1.00 14.61 ? 154  ARG A CB  1 
ATOM   1238 C  CG  . ARG A 1 154 ? 9.084   -5.348  -16.536 1.00 15.09 ? 154  ARG A CG  1 
ATOM   1239 C  CD  . ARG A 1 154 ? 8.923   -4.190  -17.526 1.00 16.43 ? 154  ARG A CD  1 
ATOM   1240 N  NE  . ARG A 1 154 ? 9.594   -2.954  -17.093 1.00 19.95 ? 154  ARG A NE  1 
ATOM   1241 C  CZ  . ARG A 1 154 ? 10.892  -2.685  -17.273 0.80 22.85 ? 154  ARG A CZ  1 
ATOM   1242 N  NH1 . ARG A 1 154 ? 11.698  -3.562  -17.872 0.80 22.84 ? 154  ARG A NH1 1 
ATOM   1243 N  NH2 . ARG A 1 154 ? 11.394  -1.534  -16.842 0.80 24.01 ? 154  ARG A NH2 1 
ATOM   1244 N  N   . THR A 1 155 ? 11.027  -5.799  -13.210 1.00 14.51 ? 155  THR A N   1 
ATOM   1245 C  CA  . THR A 1 155 ? 12.487  -5.953  -13.143 1.00 14.62 ? 155  THR A CA  1 
ATOM   1246 C  C   . THR A 1 155 ? 13.037  -6.722  -11.945 1.00 14.29 ? 155  THR A C   1 
ATOM   1247 O  O   . THR A 1 155 ? 14.149  -7.269  -12.012 1.00 14.45 ? 155  THR A O   1 
ATOM   1248 C  CB  . THR A 1 155 ? 13.195  -4.583  -13.156 1.00 14.77 ? 155  THR A CB  1 
ATOM   1249 O  OG1 . THR A 1 155 ? 12.934  -3.902  -11.913 1.00 14.88 ? 155  THR A OG1 1 
ATOM   1250 C  CG2 . THR A 1 155 ? 12.735  -3.730  -14.343 1.00 15.65 ? 155  THR A CG2 1 
ATOM   1251 N  N   . GLY A 1 156 ? 12.296  -6.741  -10.842 1.00 13.96 ? 156  GLY A N   1 
ATOM   1252 C  CA  . GLY A 1 156 ? 12.785  -7.367  -9.622  1.00 13.84 ? 156  GLY A CA  1 
ATOM   1253 C  C   . GLY A 1 156 ? 13.927  -6.548  -9.021  1.00 13.84 ? 156  GLY A C   1 
ATOM   1254 O  O   . GLY A 1 156 ? 14.749  -7.067  -8.257  1.00 13.47 ? 156  GLY A O   1 
ATOM   1255 N  N   . THR A 1 157 ? 13.980  -5.261  -9.383  1.00 13.61 ? 157  THR A N   1 
ATOM   1256 C  CA  . THR A 1 157 ? 14.979  -4.334  -8.855  1.00 13.89 ? 157  THR A CA  1 
ATOM   1257 C  C   . THR A 1 157 ? 14.271  -3.134  -8.232  1.00 13.19 ? 157  THR A C   1 
ATOM   1258 O  O   . THR A 1 157 ? 13.075  -2.930  -8.434  1.00 13.60 ? 157  THR A O   1 
ATOM   1259 C  CB  . THR A 1 157 ? 15.899  -3.762  -9.967  1.00 14.08 ? 157  THR A CB  1 
ATOM   1260 O  OG1 . THR A 1 157 ? 15.181  -2.782  -10.730 1.00 14.10 ? 157  THR A OG1 1 
ATOM   1261 C  CG2 . THR A 1 157 ? 16.431  -4.883  -10.888 1.00 15.08 ? 157  THR A CG2 1 
ATOM   1262 N  N   . TRP A 1 158 ? 15.038  -2.328  -7.512  1.00 13.47 ? 158  TRP A N   1 
ATOM   1263 C  CA  . TRP A 1 158 ? 14.530  -1.102  -6.903  1.00 13.64 ? 158  TRP A CA  1 
ATOM   1264 C  C   . TRP A 1 158 ? 14.758  0.132   -7.782  1.00 14.03 ? 158  TRP A C   1 
ATOM   1265 O  O   . TRP A 1 158 ? 14.695  1.252   -7.295  1.00 13.50 ? 158  TRP A O   1 
ATOM   1266 C  CB  . TRP A 1 158 ? 15.229  -0.888  -5.567  1.00 13.76 ? 158  TRP A CB  1 
ATOM   1267 C  CG  . TRP A 1 158 ? 14.870  -1.882  -4.524  1.00 14.05 ? 158  TRP A CG  1 
ATOM   1268 C  CD1 . TRP A 1 158 ? 15.688  -2.829  -3.968  1.00 13.49 ? 158  TRP A CD1 1 
ATOM   1269 C  CD2 . TRP A 1 158 ? 13.595  -2.024  -3.884  1.00 13.46 ? 158  TRP A CD2 1 
ATOM   1270 N  NE1 . TRP A 1 158 ? 14.998  -3.549  -3.019  1.00 14.75 ? 158  TRP A NE1 1 
ATOM   1271 C  CE2 . TRP A 1 158 ? 13.713  -3.076  -2.945  1.00 13.99 ? 158  TRP A CE2 1 
ATOM   1272 C  CE3 . TRP A 1 158 ? 12.363  -1.357  -4.009  1.00 13.59 ? 158  TRP A CE3 1 
ATOM   1273 C  CZ2 . TRP A 1 158 ? 12.638  -3.484  -2.128  1.00 13.66 ? 158  TRP A CZ2 1 
ATOM   1274 C  CZ3 . TRP A 1 158 ? 11.297  -1.750  -3.185  1.00 14.63 ? 158  TRP A CZ3 1 
ATOM   1275 C  CH2 . TRP A 1 158 ? 11.449  -2.811  -2.259  1.00 14.23 ? 158  TRP A CH2 1 
ATOM   1276 N  N   . ASP A 1 159 ? 15.006  -0.080  -9.075  1.00 14.53 ? 159  ASP A N   1 
ATOM   1277 C  CA  . ASP A 1 159 ? 15.317  1.029   -9.994  1.00 15.28 ? 159  ASP A CA  1 
ATOM   1278 C  C   . ASP A 1 159 ? 14.329  2.202   -9.957  1.00 15.02 ? 159  ASP A C   1 
ATOM   1279 O  O   . ASP A 1 159 ? 14.732  3.370   -10.091 1.00 15.42 ? 159  ASP A O   1 
ATOM   1280 C  CB  . ASP A 1 159 ? 15.466  0.508   -11.434 1.00 15.84 ? 159  ASP A CB  1 
ATOM   1281 C  CG  . ASP A 1 159 ? 16.762  -0.272  -11.653 1.00 18.88 ? 159  ASP A CG  1 
ATOM   1282 O  OD1 . ASP A 1 159 ? 17.545  -0.454  -10.699 1.00 20.11 ? 159  ASP A OD1 1 
ATOM   1283 O  OD2 . ASP A 1 159 ? 16.993  -0.698  -12.801 1.00 23.12 ? 159  ASP A OD2 1 
ATOM   1284 N  N   . ALA A 1 160 ? 13.044  1.902   -9.777  1.00 14.51 ? 160  ALA A N   1 
ATOM   1285 C  CA  . ALA A 1 160 ? 12.006  2.952   -9.769  1.00 14.67 ? 160  ALA A CA  1 
ATOM   1286 C  C   . ALA A 1 160 ? 12.018  3.813   -8.505  1.00 15.27 ? 160  ALA A C   1 
ATOM   1287 O  O   . ALA A 1 160 ? 11.351  4.855   -8.466  1.00 15.19 ? 160  ALA A O   1 
ATOM   1288 C  CB  . ALA A 1 160 ? 10.614  2.343   -9.984  1.00 14.07 ? 160  ALA A CB  1 
ATOM   1289 N  N   . TYR A 1 161 ? 12.773  3.379   -7.490  1.00 15.62 ? 161  TYR A N   1 
ATOM   1290 C  CA  . TYR A 1 161 ? 12.850  4.080   -6.206  1.00 16.96 ? 161  TYR A CA  1 
ATOM   1291 C  C   . TYR A 1 161 ? 14.213  4.707   -5.917  1.00 19.07 ? 161  TYR A C   1 
ATOM   1292 O  O   . TYR A 1 161 ? 14.395  5.360   -4.883  1.00 18.46 ? 161  TYR A O   1 
ATOM   1293 C  CB  . TYR A 1 161 ? 12.390  3.170   -5.057  1.00 15.62 ? 161  TYR A CB  1 
ATOM   1294 C  CG  . TYR A 1 161 ? 10.909  2.853   -5.130  1.00 14.66 ? 161  TYR A CG  1 
ATOM   1295 C  CD1 . TYR A 1 161 ? 10.448  1.774   -5.884  1.00 12.52 ? 161  TYR A CD1 1 
ATOM   1296 C  CD2 . TYR A 1 161 ? 9.963   3.650   -4.456  1.00 13.34 ? 161  TYR A CD2 1 
ATOM   1297 C  CE1 . TYR A 1 161 ? 9.086   1.485   -5.981  1.00 11.82 ? 161  TYR A CE1 1 
ATOM   1298 C  CE2 . TYR A 1 161 ? 8.594   3.367   -4.539  1.00 12.46 ? 161  TYR A CE2 1 
ATOM   1299 C  CZ  . TYR A 1 161 ? 8.165   2.278   -5.306  1.00 12.19 ? 161  TYR A CZ  1 
ATOM   1300 O  OH  . TYR A 1 161 ? 6.827   1.976   -5.404  1.00 12.95 ? 161  TYR A OH  1 
ATOM   1301 N  N   . LYS A 1 162 ? 15.161  4.501   -6.834  0.70 21.71 ? 162  LYS A N   1 
ATOM   1302 C  CA  . LYS A 1 162 ? 16.475  5.142   -6.742  0.70 24.22 ? 162  LYS A CA  1 
ATOM   1303 C  C   . LYS A 1 162 ? 16.357  6.608   -7.131  0.70 25.71 ? 162  LYS A C   1 
ATOM   1304 O  O   . LYS A 1 162 ? 15.529  6.975   -7.974  0.50 26.32 ? 162  LYS A O   1 
ATOM   1305 C  CB  . LYS A 1 162 ? 17.520  4.416   -7.592  0.70 24.40 ? 162  LYS A CB  1 
ATOM   1306 C  CG  . LYS A 1 162 ? 17.985  3.094   -6.983  0.70 25.88 ? 162  LYS A CG  1 
ATOM   1307 C  CD  . LYS A 1 162 ? 19.307  2.632   -7.588  0.70 27.68 ? 162  LYS A CD  1 
ATOM   1308 C  CE  . LYS A 1 162 ? 19.122  2.002   -8.960  0.70 28.80 ? 162  LYS A CE  1 
ATOM   1309 N  NZ  . LYS A 1 162 ? 18.479  0.666   -8.833  0.70 27.90 ? 162  LYS A NZ  1 
ATOM   1310 N  N   . ASN A 1 163 ? 17.194  7.433   -6.509  0.70 27.42 ? 163  ASN A N   1 
ATOM   1311 C  CA  . ASN A 1 163 ? 17.129  8.901   -6.611  0.70 28.98 ? 163  ASN A CA  1 
ATOM   1312 C  C   . ASN A 1 163 ? 15.757  9.487   -6.214  0.70 29.50 ? 163  ASN A C   1 
ATOM   1313 O  O   . ASN A 1 163 ? 15.313  10.505  -6.745  0.70 30.10 ? 163  ASN A O   1 
ATOM   1314 C  CB  . ASN A 1 163 ? 17.707  9.452   -7.939  0.70 29.25 ? 163  ASN A CB  1 
ATOM   1315 C  CG  . ASN A 1 163 ? 16.889  9.071   -9.162  0.70 30.17 ? 163  ASN A CG  1 
ATOM   1316 O  OD1 . ASN A 1 163 ? 17.316  8.243   -9.972  0.70 32.12 ? 163  ASN A OD1 1 
ATOM   1317 N  ND2 . ASN A 1 163 ? 15.720  9.682   -9.313  0.70 30.76 ? 163  ASN A ND2 1 
ATOM   1318 N  N   . LEU A 1 164 ? 15.107  8.816   -5.259  0.70 30.12 ? 164  LEU A N   1 
ATOM   1319 C  CA  . LEU A 1 164 ? 13.849  9.278   -4.672  0.70 30.31 ? 164  LEU A CA  1 
ATOM   1320 C  C   . LEU A 1 164 ? 13.948  9.255   -3.148  0.70 30.61 ? 164  LEU A C   1 
ATOM   1321 O  O   . LEU A 1 164 ? 14.880  8.684   -2.584  0.70 31.00 ? 164  LEU A O   1 
ATOM   1322 C  CB  . LEU A 1 164 ? 12.670  8.409   -5.112  0.70 30.32 ? 164  LEU A CB  1 
ATOM   1323 C  CG  . LEU A 1 164 ? 12.208  8.383   -6.566  0.70 29.83 ? 164  LEU A CG  1 
ATOM   1324 C  CD1 . LEU A 1 164 ? 10.909  7.610   -6.610  0.70 29.02 ? 164  LEU A CD1 1 
ATOM   1325 C  CD2 . LEU A 1 164 ? 11.993  9.790   -7.113  0.70 29.86 ? 164  LEU A CD2 1 
ATOM   1326 O  OXT . LEU A 1 164 ? 13.097  9.795   -2.445  0.70 30.56 ? 164  LEU A OXT 1 
HETATM 1327 S  SD  A R7A B 2 .   ? 1.156   -3.233  -22.414 0.50 25.64 ? 1131 R7A A SD  1 
HETATM 1328 S  SD  B R7A B 2 .   ? 2.879   -2.947  -21.246 0.50 22.99 ? 1131 R7A A SD  1 
HETATM 1329 C  CE  A R7A B 2 .   ? 1.176   -3.250  -24.177 0.10 25.31 ? 1131 R7A A CE  1 
HETATM 1330 C  CE  B R7A B 2 .   ? 2.255   -2.300  -22.766 0.10 20.00 ? 1131 R7A A CE  1 
HETATM 1331 C  C3  A R7A B 2 .   ? 2.126   -2.173  -24.667 0.10 20.00 ? 1131 R7A A C3  1 
HETATM 1332 C  C3  B R7A B 2 .   ? 3.299   -2.110  -23.864 0.10 20.00 ? 1131 R7A A C3  1 
HETATM 1333 C  C2  A R7A B 2 .   ? 1.707   -0.851  -25.274 0.10 20.00 ? 1131 R7A A C2  1 
HETATM 1334 C  C2  B R7A B 2 .   ? 4.785   -1.839  -23.684 0.10 20.00 ? 1131 R7A A C2  1 
HETATM 1335 C  C9  A R7A B 2 .   ? 1.035   -1.103  -26.622 0.10 20.00 ? 1131 R7A A C9  1 
HETATM 1336 C  C9  B R7A B 2 .   ? 4.996   -0.626  -22.778 0.10 20.00 ? 1131 R7A A C9  1 
HETATM 1337 C  C8  A R7A B 2 .   ? 0.780   -0.085  -24.332 0.10 20.00 ? 1131 R7A A C8  1 
HETATM 1338 C  C8  B R7A B 2 .   ? 5.514   -3.072  -23.152 0.10 20.00 ? 1131 R7A A C8  1 
HETATM 1339 C  C4  A R7A B 2 .   ? 3.449   -2.278  -24.605 0.10 20.00 ? 1131 R7A A C4  1 
HETATM 1340 C  C4  B R7A B 2 .   ? 2.963   -2.138  -25.156 0.10 20.00 ? 1131 R7A A C4  1 
HETATM 1341 BR BR4 A R7A B 2 .   ? 4.386   -3.908  -24.204 0.10 20.00 ? 1131 R7A A BR4 1 
HETATM 1342 BR BR4 B R7A B 2 .   ? 1.128   -2.200  -25.763 0.10 20.00 ? 1131 R7A A BR4 1 
HETATM 1343 C  C5  A R7A B 2 .   ? 4.147   -0.955  -24.890 0.10 20.00 ? 1131 R7A A C5  1 
HETATM 1344 C  C5  B R7A B 2 .   ? 4.188   -2.114  -26.119 0.10 20.00 ? 1131 R7A A C5  1 
HETATM 1345 C  C6  A R7A B 2 .   ? 4.741   -0.360  -23.678 0.10 20.00 ? 1131 R7A A C6  1 
HETATM 1346 C  C6  B R7A B 2 .   ? 4.451   -3.330  -26.707 0.10 20.00 ? 1131 R7A A C6  1 
HETATM 1347 C  C7  A R7A B 2 .   ? 5.301   -1.176  -26.051 0.10 20.00 ? 1131 R7A A C7  1 
HETATM 1348 C  C7  B R7A B 2 .   ? 4.009   -0.814  -27.109 0.10 20.00 ? 1131 R7A A C7  1 
HETATM 1349 N  N1  A R7A B 2 .   ? 2.991   -0.172  -25.435 0.10 20.00 ? 1131 R7A A N1  1 
HETATM 1350 N  N1  B R7A B 2 .   ? 5.217   -1.556  -25.052 0.10 20.00 ? 1131 R7A A N1  1 
HETATM 1351 O  O1  A R7A B 2 .   ? 3.099   0.997   -25.978 0.10 20.00 ? 1131 R7A A O1  1 
HETATM 1352 O  O1  B R7A B 2 .   ? 6.389   -0.890  -25.316 0.10 20.00 ? 1131 R7A A O1  1 
HETATM 1353 N  N1  . AZI C 3 .   ? 6.090   -11.803 -20.149 1.00 18.10 ? 165  AZI A N1  1 
HETATM 1354 N  N2  . AZI C 3 .   ? 7.196   -11.564 -19.934 1.00 16.17 ? 165  AZI A N2  1 
HETATM 1355 N  N3  . AZI C 3 .   ? 8.305   -11.221 -19.797 1.00 21.13 ? 165  AZI A N3  1 
HETATM 1356 CL CL  . CL  D 4 .   ? -0.734  9.382   1.015   1.00 22.06 ? 166  CL  A CL  1 
HETATM 1357 CL CL  . CL  E 4 .   ? 0.542   8.543   -8.645  1.00 20.39 ? 167  CL  A CL  1 
HETATM 1358 CL CL  . CL  F 4 .   ? -5.559  1.112   13.525  1.00 20.37 ? 168  CL  A CL  1 
HETATM 1359 C  C1  A HED G 5 .   ? 8.823   -9.648  6.316   0.50 26.86 ? 169  HED A C1  1 
HETATM 1360 C  C1  B HED G 5 .   ? 7.475   -7.398  5.677   0.40 26.10 ? 169  HED A C1  1 
HETATM 1361 O  O1  A HED G 5 .   ? 7.627   -10.298 6.681   0.50 26.14 ? 169  HED A O1  1 
HETATM 1362 O  O1  B HED G 5 .   ? 7.848   -6.675  6.826   0.40 22.38 ? 169  HED A O1  1 
HETATM 1363 C  C2  . HED G 5 .   ? 8.491   -8.496  5.385   0.90 27.17 ? 169  HED A C2  1 
HETATM 1364 S  S3  . HED G 5 .   ? 9.954   -7.840  4.554   0.90 29.82 ? 169  HED A S3  1 
HETATM 1365 S  S4  . HED G 5 .   ? 9.213   -7.302  2.736   0.90 31.54 ? 169  HED A S4  1 
HETATM 1366 C  C5  . HED G 5 .   ? 9.152   -8.882  1.864   0.90 33.02 ? 169  HED A C5  1 
HETATM 1367 C  C6  . HED G 5 .   ? 10.527  -9.259  1.341   0.90 33.95 ? 169  HED A C6  1 
HETATM 1368 O  O6  . HED G 5 .   ? 11.114  -8.118  0.747   0.90 35.54 ? 169  HED A O6  1 
HETATM 1369 O  O   . HOH H 6 .   ? 0.541   3.958   8.209   1.00 11.80 ? 200  HOH A O   1 
HETATM 1370 O  O   . HOH H 6 .   ? 6.616   6.667   -11.943 1.00 14.09 ? 201  HOH A O   1 
HETATM 1371 O  O   . HOH H 6 .   ? 1.120   6.214   9.695   1.00 13.09 ? 202  HOH A O   1 
HETATM 1372 O  O   . HOH H 6 .   ? 11.802  -0.638  -8.929  1.00 12.36 ? 203  HOH A O   1 
HETATM 1373 O  O   . HOH H 6 .   ? 0.513   0.030   -4.884  1.00 11.36 ? 204  HOH A O   1 
HETATM 1374 O  O   . HOH H 6 .   ? -9.122  1.455   -16.067 1.00 13.21 ? 205  HOH A O   1 
HETATM 1375 O  O   . HOH H 6 .   ? -7.934  -1.253  -10.240 1.00 12.41 ? 206  HOH A O   1 
HETATM 1376 O  O   . HOH H 6 .   ? 15.186  1.387   6.370   1.00 12.30 ? 207  HOH A O   1 
HETATM 1377 O  O   . HOH H 6 .   ? 11.062  -9.639  -18.245 1.00 17.46 ? 208  HOH A O   1 
HETATM 1378 O  O   . HOH H 6 .   ? -9.694  4.739   -13.787 1.00 16.61 ? 209  HOH A O   1 
HETATM 1379 O  O   . HOH H 6 .   ? -3.749  8.310   -15.750 1.00 13.99 ? 210  HOH A O   1 
HETATM 1380 O  O   . HOH H 6 .   ? 11.943  6.327   2.131   1.00 13.16 ? 211  HOH A O   1 
HETATM 1381 O  O   . HOH H 6 .   ? -10.946 10.264  -12.247 1.00 15.47 ? 212  HOH A O   1 
HETATM 1382 O  O   . HOH H 6 .   ? -2.539  0.867   12.508  1.00 14.55 ? 213  HOH A O   1 
HETATM 1383 O  O   . HOH H 6 .   ? 0.296   8.876   -5.665  1.00 16.21 ? 214  HOH A O   1 
HETATM 1384 O  O   . HOH H 6 .   ? -3.995  4.220   2.860   1.00 16.37 ? 215  HOH A O   1 
HETATM 1385 O  O   . HOH H 6 .   ? 17.616  0.262   2.630   1.00 17.39 ? 216  HOH A O   1 
HETATM 1386 O  O   . HOH H 6 .   ? -2.574  15.716  19.581  1.00 17.98 ? 217  HOH A O   1 
HETATM 1387 O  O   . HOH H 6 .   ? 11.445  -5.177  2.117   1.00 16.80 ? 218  HOH A O   1 
HETATM 1388 O  O   . HOH H 6 .   ? 6.443   -15.787 -9.296  1.00 15.02 ? 219  HOH A O   1 
HETATM 1389 O  O   . HOH H 6 .   ? 2.907   8.199   -4.469  1.00 15.33 ? 220  HOH A O   1 
HETATM 1390 O  O   . HOH H 6 .   ? -5.296  6.653   2.635   1.00 14.60 ? 221  HOH A O   1 
HETATM 1391 O  O   . HOH H 6 .   ? 9.725   -12.216 -17.967 1.00 19.04 ? 222  HOH A O   1 
HETATM 1392 O  O   . HOH H 6 .   ? -6.140  7.924   -17.146 1.00 18.15 ? 223  HOH A O   1 
HETATM 1393 O  O   . HOH H 6 .   ? 14.210  -5.276  -25.557 1.00 16.22 ? 224  HOH A O   1 
HETATM 1394 O  O   . HOH H 6 .   ? 17.240  -2.039  4.110   1.00 16.49 ? 225  HOH A O   1 
HETATM 1395 O  O   . HOH H 6 .   ? 17.881  -2.996  -7.072  1.00 15.51 ? 226  HOH A O   1 
HETATM 1396 O  O   . HOH H 6 .   ? 7.880   11.862  17.453  1.00 19.15 ? 227  HOH A O   1 
HETATM 1397 O  O   . HOH H 6 .   ? 19.024  -3.960  -2.807  1.00 17.67 ? 228  HOH A O   1 
HETATM 1398 O  O   . HOH H 6 .   ? 13.604  -10.591 -13.993 1.00 15.26 ? 229  HOH A O   1 
HETATM 1399 O  O   . HOH H 6 .   ? 17.793  -11.303 -23.826 1.00 15.36 ? 230  HOH A O   1 
HETATM 1400 O  O   . HOH H 6 .   ? 9.006   -15.990 -18.159 1.00 17.16 ? 231  HOH A O   1 
HETATM 1401 O  O   . HOH H 6 .   ? 10.960  -14.098 -8.749  1.00 18.90 ? 232  HOH A O   1 
HETATM 1402 O  O   . HOH H 6 .   ? 8.432   7.992   -10.038 1.00 19.23 ? 233  HOH A O   1 
HETATM 1403 O  O   . HOH H 6 .   ? -2.692  7.428   1.584   1.00 16.83 ? 234  HOH A O   1 
HETATM 1404 O  O   . HOH H 6 .   ? 17.279  -7.232  -6.942  1.00 18.23 ? 235  HOH A O   1 
HETATM 1405 O  O   . HOH H 6 .   ? -5.256  4.298   -7.466  1.00 20.89 ? 236  HOH A O   1 
HETATM 1406 O  O   . HOH H 6 .   ? 18.539  -1.494  -1.954  1.00 19.51 ? 237  HOH A O   1 
HETATM 1407 O  O   . HOH H 6 .   ? -1.306  2.928   18.635  1.00 18.70 ? 238  HOH A O   1 
HETATM 1408 O  O   . HOH H 6 .   ? 4.996   10.724  20.599  1.00 26.40 ? 239  HOH A O   1 
HETATM 1409 O  O   . HOH H 6 .   ? -11.491 -11.725 -10.232 1.00 20.54 ? 240  HOH A O   1 
HETATM 1410 O  O   . HOH H 6 .   ? 7.903   -11.952 -22.724 1.00 22.34 ? 241  HOH A O   1 
HETATM 1411 O  O   . HOH H 6 .   ? -3.672  -17.108 -6.708  1.00 23.07 ? 242  HOH A O   1 
HETATM 1412 O  O   . HOH H 6 .   ? -4.720  -16.104 -10.588 1.00 20.66 ? 243  HOH A O   1 
HETATM 1413 O  O   . HOH H 6 .   ? -0.764  6.629   -4.143  1.00 19.19 ? 244  HOH A O   1 
HETATM 1414 O  O   . HOH H 6 .   ? 4.715   12.966  -13.881 1.00 17.57 ? 245  HOH A O   1 
HETATM 1415 O  O   . HOH H 6 .   ? 10.579  6.301   -10.568 1.00 16.00 ? 246  HOH A O   1 
HETATM 1416 O  O   . HOH H 6 .   ? 6.206   -19.141 7.357   1.00 22.41 ? 247  HOH A O   1 
HETATM 1417 O  O   . HOH H 6 .   ? 1.524   14.682  21.377  1.00 20.73 ? 248  HOH A O   1 
HETATM 1418 O  O   . HOH H 6 .   ? 1.986   12.088  21.816  1.00 21.13 ? 249  HOH A O   1 
HETATM 1419 O  O   . HOH H 6 .   ? -2.392  -2.189  5.639   1.00 20.82 ? 250  HOH A O   1 
HETATM 1420 O  O   . HOH H 6 .   ? -9.619  -4.247  -0.529  1.00 21.37 ? 251  HOH A O   1 
HETATM 1421 O  O   . HOH H 6 .   ? -0.189  -8.942  -20.749 1.00 20.45 ? 252  HOH A O   1 
HETATM 1422 O  O   . HOH H 6 .   ? 12.562  -8.948  -16.027 1.00 18.77 ? 253  HOH A O   1 
HETATM 1423 O  O   . HOH H 6 .   ? 15.379  -11.345 -3.424  1.00 26.63 ? 254  HOH A O   1 
HETATM 1424 O  O   . HOH H 6 .   ? -2.779  4.136   0.283   1.00 18.65 ? 255  HOH A O   1 
HETATM 1425 O  O   . HOH H 6 .   ? 6.259   -19.552 -9.523  1.00 21.73 ? 256  HOH A O   1 
HETATM 1426 O  O   . HOH H 6 .   ? 16.075  -9.029  -22.870 1.00 20.52 ? 257  HOH A O   1 
HETATM 1427 O  O   . HOH H 6 .   ? 17.092  -4.191  2.818   1.00 17.85 ? 258  HOH A O   1 
HETATM 1428 O  O   . HOH H 6 .   ? -7.361  3.695   12.443  1.00 21.33 ? 259  HOH A O   1 
HETATM 1429 O  O   . HOH H 6 .   ? -7.846  -14.070 -7.878  1.00 22.38 ? 260  HOH A O   1 
HETATM 1430 O  O   . HOH H 6 .   ? -4.478  -8.054  7.815   1.00 28.83 ? 261  HOH A O   1 
HETATM 1431 O  O   . HOH H 6 .   ? 0.560   15.553  18.919  1.00 23.73 ? 262  HOH A O   1 
HETATM 1432 O  O   . HOH H 6 .   ? 1.242   7.899   22.022  1.00 16.06 ? 263  HOH A O   1 
HETATM 1433 O  O   . HOH H 6 .   ? 2.022   5.482   20.589  1.00 19.46 ? 264  HOH A O   1 
HETATM 1434 O  O   . HOH H 6 .   ? 6.843   14.628  15.863  1.00 21.02 ? 265  HOH A O   1 
HETATM 1435 O  O   . HOH H 6 .   ? -6.130  1.768   -18.819 1.00 21.74 ? 266  HOH A O   1 
HETATM 1436 O  O   . HOH H 6 .   ? 16.760  -5.897  -2.442  1.00 22.26 ? 267  HOH A O   1 
HETATM 1437 O  O   . HOH H 6 .   ? -2.951  -8.194  -20.638 1.00 20.71 ? 268  HOH A O   1 
HETATM 1438 O  O   . HOH H 6 .   ? -14.502 13.198  16.929  1.00 24.48 ? 269  HOH A O   1 
HETATM 1439 O  O   . HOH H 6 .   ? -8.831  -16.402 1.374   1.00 22.86 ? 270  HOH A O   1 
HETATM 1440 O  O   . HOH H 6 .   ? 11.098  4.281   5.935   1.00 20.09 ? 271  HOH A O   1 
HETATM 1441 O  O   . HOH H 6 .   ? 0.678   9.208   -1.483  1.00 27.15 ? 272  HOH A O   1 
HETATM 1442 O  O   . HOH H 6 .   ? -15.373 4.810   10.594  1.00 22.69 ? 273  HOH A O   1 
HETATM 1443 O  O   . HOH H 6 .   ? -6.370  6.521   -5.955  1.00 23.27 ? 274  HOH A O   1 
HETATM 1444 O  O   . HOH H 6 .   ? -1.035  -1.825  -20.570 1.00 16.76 ? 275  HOH A O   1 
HETATM 1445 O  O   . HOH H 6 .   ? 18.395  -5.178  -5.284  1.00 18.49 ? 276  HOH A O   1 
HETATM 1446 O  O   . HOH H 6 .   ? 12.691  6.230   4.790   1.00 18.00 ? 277  HOH A O   1 
HETATM 1447 O  O   . HOH H 6 .   ? 4.434   6.086   19.479  1.00 20.48 ? 278  HOH A O   1 
HETATM 1448 O  O   . HOH H 6 .   ? 19.043  -1.091  6.077   1.00 19.56 ? 279  HOH A O   1 
HETATM 1449 O  O   . HOH H 6 .   ? 5.740   -4.567  -19.881 1.00 25.19 ? 280  HOH A O   1 
HETATM 1450 O  O   . HOH H 6 .   ? 11.512  9.002   1.872   1.00 20.59 ? 281  HOH A O   1 
HETATM 1451 O  O   . HOH H 6 .   ? 1.962   17.522  17.970  1.00 23.34 ? 282  HOH A O   1 
HETATM 1452 O  O   . HOH H 6 .   ? 4.376   -18.315 3.511   1.00 24.03 ? 283  HOH A O   1 
HETATM 1453 O  O   . HOH H 6 .   ? -4.165  2.272   6.075   1.00 22.73 ? 284  HOH A O   1 
HETATM 1454 O  O   . HOH H 6 .   ? -2.605  7.000   -17.947 1.00 19.60 ? 285  HOH A O   1 
HETATM 1455 O  O   . HOH H 6 .   ? 0.571   10.093  -10.745 1.00 22.48 ? 286  HOH A O   1 
HETATM 1456 O  O   . HOH H 6 .   ? 14.629  5.644   0.918   1.00 24.67 ? 287  HOH A O   1 
HETATM 1457 O  O   . HOH H 6 .   ? 12.919  -15.059 -11.123 1.00 25.08 ? 288  HOH A O   1 
HETATM 1458 O  O   . HOH H 6 .   ? 2.865   -1.486  -17.738 1.00 19.13 ? 290  HOH A O   1 
HETATM 1459 O  O   . HOH H 6 .   ? -3.238  1.952   -18.686 1.00 24.32 ? 291  HOH A O   1 
HETATM 1460 O  O   . HOH H 6 .   ? 5.577   -12.660 -23.935 1.00 28.92 ? 292  HOH A O   1 
HETATM 1461 O  O   . HOH H 6 .   ? 14.991  -6.577  -23.366 1.00 25.11 ? 293  HOH A O   1 
HETATM 1462 O  O   . HOH H 6 .   ? 11.859  -5.194  -24.274 1.00 25.78 ? 294  HOH A O   1 
HETATM 1463 O  O   . HOH H 6 .   ? -6.146  8.168   -19.782 1.00 26.76 ? 295  HOH A O   1 
HETATM 1464 O  O   . HOH H 6 .   ? 6.180   0.695   -15.228 1.00 23.91 ? 296  HOH A O   1 
HETATM 1465 O  O   . HOH H 6 .   ? 15.857  -8.630  -1.283  1.00 23.07 ? 297  HOH A O   1 
HETATM 1466 O  O   . HOH H 6 .   ? -6.421  11.539  26.056  1.00 25.43 ? 298  HOH A O   1 
HETATM 1467 O  O   . HOH H 6 .   ? 0.909   9.885   4.437   1.00 26.43 ? 299  HOH A O   1 
HETATM 1468 O  O   . HOH H 6 .   ? -1.198  -5.076  12.270  1.00 30.22 ? 300  HOH A O   1 
HETATM 1469 O  O   . HOH H 6 .   ? 7.456   -14.285 -20.452 1.00 28.78 ? 301  HOH A O   1 
HETATM 1470 O  O   . HOH H 6 .   ? 3.297   2.608   -17.996 1.00 27.39 ? 302  HOH A O   1 
HETATM 1471 O  O   . HOH H 6 .   ? 4.936   13.870  2.628   1.00 22.16 ? 303  HOH A O   1 
HETATM 1472 O  O   . HOH H 6 .   ? -3.087  0.181   4.855   1.00 33.90 ? 304  HOH A O   1 
HETATM 1473 O  O   . HOH H 6 .   ? -6.564  0.432   10.620  1.00 33.04 ? 305  HOH A O   1 
HETATM 1474 O  O   . HOH H 6 .   ? 2.805   16.909  15.544  1.00 23.29 ? 306  HOH A O   1 
HETATM 1475 O  O   . HOH H 6 .   ? 7.061   10.918  -0.337  1.00 28.61 ? 307  HOH A O   1 
HETATM 1476 O  O   . HOH H 6 .   ? -7.660  5.090   -0.092  1.00 25.95 ? 308  HOH A O   1 
HETATM 1477 O  O   . HOH H 6 .   ? 7.228   -21.170 5.770   1.00 32.98 ? 309  HOH A O   1 
HETATM 1478 O  O   . HOH H 6 .   ? 7.111   -17.762 -19.620 1.00 25.19 ? 310  HOH A O   1 
HETATM 1479 O  O   . HOH H 6 .   ? 15.869  -7.137  -14.065 1.00 27.47 ? 311  HOH A O   1 
HETATM 1480 O  O   . HOH H 6 .   ? -1.314  7.136   23.126  1.00 26.60 ? 312  HOH A O   1 
HETATM 1481 O  O   . HOH H 6 .   ? 14.094  -7.654  -20.166 1.00 26.01 ? 313  HOH A O   1 
HETATM 1482 O  O   . HOH H 6 .   ? -9.630  -5.950  2.072   1.00 28.50 ? 314  HOH A O   1 
HETATM 1483 O  O   . HOH H 6 .   ? -6.024  -16.100 -8.045  1.00 21.87 ? 315  HOH A O   1 
HETATM 1484 O  O   . HOH H 6 .   ? 14.158  -12.624 -10.907 1.00 24.44 ? 316  HOH A O   1 
HETATM 1485 O  O   . HOH H 6 .   ? 4.115   15.881  21.720  1.00 34.77 ? 317  HOH A O   1 
HETATM 1486 O  O   . HOH H 6 .   ? -12.410 18.421  6.253   1.00 29.84 ? 318  HOH A O   1 
HETATM 1487 O  O   . HOH H 6 .   ? 5.502   -2.183  -18.556 1.00 23.00 ? 319  HOH A O   1 
HETATM 1488 O  O   . HOH H 6 .   ? -10.066 -12.810 -1.533  1.00 26.61 ? 320  HOH A O   1 
HETATM 1489 O  O   . HOH H 6 .   ? -10.013 14.332  19.364  1.00 26.69 ? 321  HOH A O   1 
HETATM 1490 O  O   . HOH H 6 .   ? 8.625   -19.534 -14.737 1.00 23.88 ? 322  HOH A O   1 
HETATM 1491 O  O   . HOH H 6 .   ? 11.567  -6.129  -19.006 1.00 23.88 ? 323  HOH A O   1 
HETATM 1492 O  O   . HOH H 6 .   ? 18.424  -8.667  -21.679 1.00 33.19 ? 324  HOH A O   1 
HETATM 1493 O  O   . HOH H 6 .   ? 10.379  9.795   7.429   1.00 26.47 ? 325  HOH A O   1 
HETATM 1494 O  O   . HOH H 6 .   ? 14.833  -4.866  -28.967 1.00 28.18 ? 326  HOH A O   1 
HETATM 1495 O  O   . HOH H 6 .   ? -12.183 7.476   19.681  1.00 31.99 ? 327  HOH A O   1 
HETATM 1496 O  O   . HOH H 6 .   ? -1.594  14.699  24.526  1.00 33.27 ? 328  HOH A O   1 
HETATM 1497 O  O   . HOH H 6 .   ? -4.653  5.216   -1.242  1.00 27.87 ? 329  HOH A O   1 
HETATM 1498 O  O   . HOH H 6 .   ? -4.833  1.590   2.970   1.00 25.58 ? 330  HOH A O   1 
HETATM 1499 O  O   . HOH H 6 .   ? 8.629   15.493  13.571  1.00 31.12 ? 331  HOH A O   1 
HETATM 1500 O  O   . HOH H 6 .   ? 9.242   -11.847 -31.737 1.00 29.05 ? 332  HOH A O   1 
HETATM 1501 O  O   . HOH H 6 .   ? 19.042  -0.600  -6.471  1.00 28.92 ? 333  HOH A O   1 
HETATM 1502 O  O   . HOH H 6 .   ? -3.682  13.373  24.191  1.00 23.60 ? 334  HOH A O   1 
HETATM 1503 O  O   . HOH H 6 .   ? 1.513   -0.558  -19.796 1.00 29.81 ? 335  HOH A O   1 
HETATM 1504 O  O   . HOH H 6 .   ? 18.157  2.552   -1.174  1.00 29.19 ? 336  HOH A O   1 
HETATM 1505 O  O   . HOH H 6 .   ? 7.745   -13.847 -32.111 1.00 34.44 ? 337  HOH A O   1 
HETATM 1506 O  O   . HOH H 6 .   ? 3.636   0.776   -16.217 1.00 20.29 ? 338  HOH A O   1 
HETATM 1507 O  O   . HOH H 6 .   ? 3.057   17.189  8.831   1.00 23.26 ? 339  HOH A O   1 
HETATM 1508 O  O   . HOH H 6 .   ? 10.070  10.718  0.366   1.00 24.40 ? 340  HOH A O   1 
HETATM 1509 O  O   . HOH H 6 .   ? 21.113  -0.175  4.770   1.00 35.01 ? 341  HOH A O   1 
HETATM 1510 O  O   . HOH H 6 .   ? -1.389  -15.940 -18.099 1.00 25.43 ? 342  HOH A O   1 
HETATM 1511 O  O   . HOH H 6 .   ? -6.029  2.963   1.129   1.00 34.79 ? 343  HOH A O   1 
HETATM 1512 O  O   . HOH H 6 .   ? 5.191   8.091   21.185  1.00 26.73 ? 344  HOH A O   1 
HETATM 1513 O  O   . HOH H 6 .   ? 10.015  -18.750 -17.303 1.00 26.14 ? 345  HOH A O   1 
HETATM 1514 O  O   . HOH H 6 .   ? -5.447  4.994   -3.798  1.00 30.53 ? 346  HOH A O   1 
HETATM 1515 O  O   . HOH H 6 .   ? 3.452   18.749  11.032  1.00 31.59 ? 347  HOH A O   1 
HETATM 1516 O  O   . HOH H 6 .   ? 8.637   5.098   -12.604 1.00 26.45 ? 348  HOH A O   1 
HETATM 1517 O  O   . HOH H 6 .   ? -3.566  -3.755  3.827   1.00 27.70 ? 349  HOH A O   1 
HETATM 1518 O  O   . HOH H 6 .   ? -3.905  4.592   -18.688 1.00 24.38 ? 350  HOH A O   1 
HETATM 1519 O  O   . HOH H 6 .   ? 0.622   17.949  8.084   1.00 35.41 ? 351  HOH A O   1 
HETATM 1520 O  O   . HOH H 6 .   ? 5.815   -13.973 -26.457 1.00 25.55 ? 352  HOH A O   1 
HETATM 1521 O  O   . HOH H 6 .   ? 7.050   -12.435 4.660   1.00 29.85 ? 353  HOH A O   1 
HETATM 1522 O  O   . HOH H 6 .   ? -9.879  3.438   11.315  1.00 22.84 ? 354  HOH A O   1 
HETATM 1523 O  O   . HOH H 6 .   ? -0.221  4.193   20.398  1.00 28.22 ? 355  HOH A O   1 
HETATM 1524 O  O   . HOH H 6 .   ? 7.809   13.347  2.305   1.00 41.18 ? 356  HOH A O   1 
HETATM 1525 O  O   . HOH H 6 .   ? 5.017   -17.275 5.846   1.00 29.38 ? 357  HOH A O   1 
HETATM 1526 O  O   . HOH H 6 .   ? 2.296   -21.810 -22.112 1.00 36.43 ? 358  HOH A O   1 
HETATM 1527 O  O   . HOH H 6 .   ? -6.648  2.865   -21.602 1.00 32.96 ? 359  HOH A O   1 
HETATM 1528 O  O   . HOH H 6 .   ? -14.197 10.533  -1.404  1.00 34.32 ? 360  HOH A O   1 
HETATM 1529 O  O   . HOH H 6 .   ? 5.693   -19.022 -17.460 1.00 28.50 ? 361  HOH A O   1 
HETATM 1530 O  O   . HOH H 6 .   ? 0.170   19.782  18.397  1.00 29.82 ? 362  HOH A O   1 
HETATM 1531 O  O   . HOH H 6 .   ? 6.382   -20.120 -12.743 1.00 27.15 ? 363  HOH A O   1 
HETATM 1532 O  O   . HOH H 6 .   ? 15.922  -10.894 -12.380 1.00 31.82 ? 364  HOH A O   1 
HETATM 1533 O  O   . HOH H 6 .   ? -1.456  7.241   -1.523  1.00 28.83 ? 365  HOH A O   1 
HETATM 1534 O  O   . HOH H 6 .   ? -13.426 5.475   -10.416 1.00 39.79 ? 366  HOH A O   1 
HETATM 1535 O  O   . HOH H 6 .   ? -14.952 3.558   6.350   1.00 28.95 ? 367  HOH A O   1 
HETATM 1536 O  O   . HOH H 6 .   ? 9.562   3.061   -13.984 1.00 31.77 ? 368  HOH A O   1 
HETATM 1537 O  O   . HOH H 6 .   ? -14.167 -11.212 -11.174 1.00 35.62 ? 369  HOH A O   1 
HETATM 1538 O  O   . HOH H 6 .   ? -2.636  -18.187 -10.524 1.00 39.82 ? 370  HOH A O   1 
HETATM 1539 O  O   . HOH H 6 .   ? 19.564  -3.556  -9.308  1.00 30.74 ? 371  HOH A O   1 
HETATM 1540 O  O   . HOH H 6 .   ? 7.115   13.536  -12.746 1.00 31.26 ? 372  HOH A O   1 
HETATM 1541 O  O   . HOH H 6 .   ? 5.676   -16.914 -26.304 1.00 34.37 ? 373  HOH A O   1 
HETATM 1542 O  O   . HOH H 6 .   ? 7.459   11.856  20.210  1.00 36.02 ? 374  HOH A O   1 
HETATM 1543 O  O   . HOH H 6 .   ? -3.561  -14.740 -16.797 1.00 39.95 ? 375  HOH A O   1 
HETATM 1544 O  O   . HOH H 6 .   ? 7.152   -17.098 1.635   1.00 33.48 ? 376  HOH A O   1 
HETATM 1545 O  O   . HOH H 6 .   ? 12.360  10.336  4.174   1.00 30.52 ? 377  HOH A O   1 
HETATM 1546 O  O   . HOH H 6 .   ? -8.864  1.047   -7.478  1.00 33.00 ? 378  HOH A O   1 
HETATM 1547 O  O   . HOH H 6 .   ? -10.771 7.102   22.327  1.00 34.13 ? 379  HOH A O   1 
HETATM 1548 O  O   . HOH H 6 .   ? 12.422  3.272   -13.288 1.00 30.68 ? 380  HOH A O   1 
HETATM 1549 O  O   . HOH H 6 .   ? -8.817  8.092   23.399  1.00 34.54 ? 381  HOH A O   1 
HETATM 1550 O  O   . HOH H 6 .   ? -8.639  5.207   23.067  1.00 38.50 ? 382  HOH A O   1 
HETATM 1551 O  O   . HOH H 6 .   ? 2.460   -18.072 6.826   1.00 31.79 ? 383  HOH A O   1 
HETATM 1552 O  O   . HOH H 6 .   ? -1.455  -18.450 -7.785  1.00 29.71 ? 385  HOH A O   1 
HETATM 1553 O  O   . HOH H 6 .   ? -5.771  -13.835 -18.865 1.00 37.47 ? 386  HOH A O   1 
HETATM 1554 O  O   . HOH H 6 .   ? -8.981  -15.701 -15.126 1.00 27.13 ? 387  HOH A O   1 
HETATM 1555 O  O   . HOH H 6 .   ? -17.594 11.196  15.937  1.00 33.43 ? 388  HOH A O   1 
HETATM 1556 O  O   . HOH H 6 .   ? 4.980   10.206  -3.726  1.00 32.56 ? 389  HOH A O   1 
HETATM 1557 O  O   . HOH H 6 .   ? 21.769  -2.185  -8.045  1.00 34.08 ? 390  HOH A O   1 
HETATM 1558 O  O   . HOH H 6 .   ? -4.729  -2.247  7.187   1.00 33.06 ? 391  HOH A O   1 
HETATM 1559 O  O   . HOH H 6 .   ? 3.749   -7.540  -22.774 1.00 26.17 ? 392  HOH A O   1 
HETATM 1560 O  O   . HOH H 6 .   ? -14.650 4.952   16.853  1.00 17.72 ? 393  HOH A O   1 
HETATM 1561 O  O   . HOH H 6 .   ? -2.132  -20.845 -7.055  1.00 36.68 ? 394  HOH A O   1 
HETATM 1562 O  O   . HOH H 6 .   ? 20.940  1.456   -1.575  1.00 31.04 ? 395  HOH A O   1 
HETATM 1563 O  O   . HOH H 6 .   ? -12.513 7.836   -9.933  1.00 35.40 ? 396  HOH A O   1 
HETATM 1564 O  O   . HOH H 6 .   ? 1.246   -8.009  -22.993 1.00 31.53 ? 397  HOH A O   1 
HETATM 1565 O  O   . HOH H 6 .   ? -5.258  -1.520  2.808   1.00 30.71 ? 398  HOH A O   1 
HETATM 1566 O  O   . HOH H 6 .   ? 6.933   14.754  5.324   1.00 40.18 ? 399  HOH A O   1 
HETATM 1567 O  O   . HOH H 6 .   ? 7.411   -22.488 -10.618 1.00 37.74 ? 400  HOH A O   1 
HETATM 1568 O  O   . HOH H 6 .   ? 7.400   -1.421  -16.263 1.00 31.24 ? 401  HOH A O   1 
HETATM 1569 O  O   . HOH H 6 .   ? 19.370  -2.065  -11.866 1.00 33.14 ? 402  HOH A O   1 
HETATM 1570 O  O   . HOH H 6 .   ? 17.259  -4.093  -0.623  1.00 29.86 ? 403  HOH A O   1 
HETATM 1571 O  O   . HOH H 6 .   ? 12.601  8.506   6.397   1.00 37.74 ? 404  HOH A O   1 
HETATM 1572 O  O   . HOH H 6 .   ? 15.518  6.245   -1.692  1.00 35.22 ? 405  HOH A O   1 
HETATM 1573 O  O   . HOH H 6 .   ? -5.824  -5.566  3.848   1.00 30.13 ? 406  HOH A O   1 
HETATM 1574 O  O   . HOH H 6 .   ? 17.947  -10.636 -14.639 1.00 31.84 ? 407  HOH A O   1 
HETATM 1575 O  O   . HOH H 6 .   ? -15.562 -12.677 -9.236  1.00 35.96 ? 408  HOH A O   1 
HETATM 1576 O  O   . HOH H 6 .   ? -17.616 16.319  10.987  1.00 37.35 ? 409  HOH A O   1 
HETATM 1577 O  O   . HOH H 6 .   ? 6.579   8.459   -13.992 1.00 28.48 ? 410  HOH A O   1 
HETATM 1578 O  O   . HOH H 6 .   ? 10.725  10.861  -2.372  1.00 33.22 ? 411  HOH A O   1 
HETATM 1579 O  O   . HOH H 6 .   ? -4.150  -20.955 -1.754  1.00 31.46 ? 412  HOH A O   1 
HETATM 1580 O  O   . HOH H 6 .   ? -6.114  1.950   8.052   1.00 31.03 ? 413  HOH A O   1 
HETATM 1581 O  O   . HOH H 6 .   ? 7.762   14.680  10.942  1.00 33.20 ? 414  HOH A O   1 
HETATM 1582 O  O   . HOH H 6 .   ? 16.456  -8.713  -10.795 1.00 30.99 ? 415  HOH A O   1 
HETATM 1583 O  O   . HOH H 6 .   ? 4.613   -22.071 -9.428  1.00 39.17 ? 416  HOH A O   1 
HETATM 1584 O  O   . HOH H 6 .   ? 5.336   -21.393 -19.569 1.00 35.18 ? 417  HOH A O   1 
HETATM 1585 O  O   . HOH H 6 .   ? -4.328  -11.010 -21.473 1.00 35.13 ? 418  HOH A O   1 
HETATM 1586 O  O   . HOH H 6 .   ? 19.473  -7.518  -8.359  1.00 33.49 ? 419  HOH A O   1 
HETATM 1587 O  O   . HOH H 6 .   ? 6.258   16.023  9.222   1.00 39.08 ? 420  HOH A O   1 
HETATM 1588 O  O   . HOH H 6 .   ? -6.213  -7.946  5.201   1.00 39.44 ? 421  HOH A O   1 
HETATM 1589 O  O   . HOH H 6 .   ? 0.534   5.320   17.860  1.00 40.32 ? 422  HOH A O   1 
HETATM 1590 O  O   . HOH H 6 .   ? -0.309  -11.402 -21.877 1.00 36.65 ? 423  HOH A O   1 
HETATM 1591 O  O   . HOH H 6 .   ? 18.142  0.439   -4.079  1.00 29.18 ? 424  HOH A O   1 
HETATM 1592 O  O   . HOH H 6 .   ? -9.737  18.761  7.186   1.00 37.96 ? 425  HOH A O   1 
HETATM 1593 O  O   . HOH H 6 .   ? 19.970  2.553   1.287   1.00 31.51 ? 426  HOH A O   1 
HETATM 1594 O  O   . HOH H 6 .   ? 5.807   11.829  -16.288 1.00 32.00 ? 427  HOH A O   1 
HETATM 1595 O  O   . HOH H 6 .   ? -9.731  3.461   -0.816  1.00 36.83 ? 428  HOH A O   1 
HETATM 1596 O  O   . HOH H 6 .   ? 18.689  2.604   4.405   1.00 35.42 ? 429  HOH A O   1 
HETATM 1597 O  O   . HOH H 6 .   ? -2.191  -16.298 -9.160  1.00 38.18 ? 430  HOH A O   1 
HETATM 1598 O  O   . HOH H 6 .   ? 17.730  4.041   1.207   1.00 40.26 ? 431  HOH A O   1 
HETATM 1599 O  O   . HOH H 6 .   ? -8.668  -4.729  -17.108 1.00 28.38 ? 432  HOH A O   1 
HETATM 1600 O  O   . HOH H 6 .   ? 3.404   7.998   23.884  1.00 35.25 ? 433  HOH A O   1 
HETATM 1601 O  O   . HOH H 6 .   ? -5.340  -19.716 -5.161  1.00 40.88 ? 434  HOH A O   1 
HETATM 1602 O  O   . HOH H 6 .   ? 15.337  5.716   5.198   1.00 35.91 ? 435  HOH A O   1 
HETATM 1603 O  O   . HOH H 6 .   ? 8.304   -7.310  -23.861 1.00 35.87 ? 436  HOH A O   1 
HETATM 1604 O  O   . HOH H 6 .   ? -8.865  18.312  3.939   1.00 39.67 ? 437  HOH A O   1 
HETATM 1605 O  O   . HOH H 6 .   ? -8.354  17.042  6.131   1.00 36.50 ? 438  HOH A O   1 
HETATM 1606 O  O   . HOH H 6 .   ? 0.151   6.423   -18.493 1.00 33.06 ? 439  HOH A O   1 
HETATM 1607 O  O   . HOH H 6 .   ? 17.883  8.559   -3.473  1.00 41.38 ? 440  HOH A O   1 
HETATM 1608 O  O   . HOH H 6 .   ? -8.850  -14.301 3.485   1.00 35.70 ? 441  HOH A O   1 
HETATM 1609 O  O   . HOH H 6 .   ? -0.453  -18.395 6.012   1.00 39.81 ? 442  HOH A O   1 
HETATM 1610 O  O   . HOH H 6 .   ? 6.752   -15.068 5.550   1.00 39.98 ? 443  HOH A O   1 
HETATM 1611 O  O   . HOH H 6 .   ? 7.621   -12.548 -29.373 1.00 42.99 ? 444  HOH A O   1 
HETATM 1612 O  O   . HOH H 6 .   ? -9.684  18.445  17.806  1.00 30.53 ? 445  HOH A O   1 
HETATM 1613 O  O   . HOH H 6 .   ? 8.338   -15.371 3.343   1.00 30.11 ? 446  HOH A O   1 
HETATM 1614 O  O   . HOH H 6 .   ? 2.083   18.840  13.432  1.00 32.14 ? 447  HOH A O   1 
HETATM 1615 O  O   . HOH H 6 .   ? -6.414  2.137   -6.317  1.00 42.09 ? 448  HOH A O   1 
HETATM 1616 O  O   . HOH H 6 .   ? 10.915  12.361  7.241   1.00 43.64 ? 449  HOH A O   1 
# 
